data_2OH3
# 
_entry.id   2OH3 
# 
_audit_conform.dict_name       mmcif_pdbx.dic 
_audit_conform.dict_version    5.399 
_audit_conform.dict_location   http://mmcif.pdb.org/dictionaries/ascii/mmcif_pdbx.dic 
# 
loop_
_database_2.database_id 
_database_2.database_code 
_database_2.pdbx_database_accession 
_database_2.pdbx_DOI 
PDB   2OH3         pdb_00002oh3 10.2210/pdb2oh3/pdb 
RCSB  RCSB041127   ?            ?                   
WWPDB D_1000041127 ?            ?                   
# 
loop_
_pdbx_audit_revision_history.ordinal 
_pdbx_audit_revision_history.data_content_type 
_pdbx_audit_revision_history.major_revision 
_pdbx_audit_revision_history.minor_revision 
_pdbx_audit_revision_history.revision_date 
1 'Structure model' 1 0 2007-01-23 
2 'Structure model' 1 1 2008-05-01 
3 'Structure model' 1 2 2011-07-13 
4 'Structure model' 1 3 2017-10-18 
5 'Structure model' 1 4 2023-12-27 
6 'Structure model' 1 5 2024-11-20 
# 
_pdbx_audit_revision_details.ordinal             1 
_pdbx_audit_revision_details.revision_ordinal    1 
_pdbx_audit_revision_details.data_content_type   'Structure model' 
_pdbx_audit_revision_details.provider            repository 
_pdbx_audit_revision_details.type                'Initial release' 
_pdbx_audit_revision_details.description         ? 
_pdbx_audit_revision_details.details             ? 
# 
loop_
_pdbx_audit_revision_group.ordinal 
_pdbx_audit_revision_group.revision_ordinal 
_pdbx_audit_revision_group.data_content_type 
_pdbx_audit_revision_group.group 
1 2 'Structure model' 'Version format compliance' 
2 3 'Structure model' Advisory                    
3 3 'Structure model' 'Source and taxonomy'       
4 3 'Structure model' 'Version format compliance' 
5 4 'Structure model' 'Refinement description'    
6 5 'Structure model' 'Data collection'           
7 5 'Structure model' 'Database references'       
8 5 'Structure model' 'Derived calculations'      
9 6 'Structure model' 'Structure summary'         
# 
loop_
_pdbx_audit_revision_category.ordinal 
_pdbx_audit_revision_category.revision_ordinal 
_pdbx_audit_revision_category.data_content_type 
_pdbx_audit_revision_category.category 
1 4 'Structure model' software                  
2 5 'Structure model' chem_comp_atom            
3 5 'Structure model' chem_comp_bond            
4 5 'Structure model' database_2                
5 5 'Structure model' pdbx_struct_conn_angle    
6 5 'Structure model' struct_conn               
7 5 'Structure model' struct_site               
8 6 'Structure model' pdbx_entry_details        
9 6 'Structure model' pdbx_modification_feature 
# 
loop_
_pdbx_audit_revision_item.ordinal 
_pdbx_audit_revision_item.revision_ordinal 
_pdbx_audit_revision_item.data_content_type 
_pdbx_audit_revision_item.item 
1  4 'Structure model' '_software.classification'                    
2  4 'Structure model' '_software.name'                              
3  5 'Structure model' '_database_2.pdbx_DOI'                        
4  5 'Structure model' '_database_2.pdbx_database_accession'         
5  5 'Structure model' '_pdbx_struct_conn_angle.ptnr1_auth_comp_id'  
6  5 'Structure model' '_pdbx_struct_conn_angle.ptnr1_auth_seq_id'   
7  5 'Structure model' '_pdbx_struct_conn_angle.ptnr1_label_asym_id' 
8  5 'Structure model' '_pdbx_struct_conn_angle.ptnr1_label_atom_id' 
9  5 'Structure model' '_pdbx_struct_conn_angle.ptnr1_label_comp_id' 
10 5 'Structure model' '_pdbx_struct_conn_angle.ptnr1_label_seq_id'  
11 5 'Structure model' '_pdbx_struct_conn_angle.ptnr3_auth_comp_id'  
12 5 'Structure model' '_pdbx_struct_conn_angle.ptnr3_auth_seq_id'   
13 5 'Structure model' '_pdbx_struct_conn_angle.ptnr3_label_asym_id' 
14 5 'Structure model' '_pdbx_struct_conn_angle.ptnr3_label_atom_id' 
15 5 'Structure model' '_pdbx_struct_conn_angle.ptnr3_label_comp_id' 
16 5 'Structure model' '_pdbx_struct_conn_angle.ptnr3_label_seq_id'  
17 5 'Structure model' '_pdbx_struct_conn_angle.value'               
18 5 'Structure model' '_struct_conn.pdbx_dist_value'                
19 5 'Structure model' '_struct_conn.pdbx_leaving_atom_flag'         
20 5 'Structure model' '_struct_conn.ptnr1_auth_comp_id'             
21 5 'Structure model' '_struct_conn.ptnr1_auth_seq_id'              
22 5 'Structure model' '_struct_conn.ptnr1_label_asym_id'            
23 5 'Structure model' '_struct_conn.ptnr1_label_atom_id'            
24 5 'Structure model' '_struct_conn.ptnr1_label_comp_id'            
25 5 'Structure model' '_struct_conn.ptnr1_label_seq_id'             
26 5 'Structure model' '_struct_conn.ptnr2_auth_comp_id'             
27 5 'Structure model' '_struct_conn.ptnr2_auth_seq_id'              
28 5 'Structure model' '_struct_conn.ptnr2_label_asym_id'            
29 5 'Structure model' '_struct_conn.ptnr2_label_atom_id'            
30 5 'Structure model' '_struct_conn.ptnr2_label_comp_id'            
31 5 'Structure model' '_struct_conn.ptnr2_label_seq_id'             
32 5 'Structure model' '_struct_site.pdbx_auth_asym_id'              
33 5 'Structure model' '_struct_site.pdbx_auth_comp_id'              
34 5 'Structure model' '_struct_site.pdbx_auth_seq_id'               
# 
_pdbx_database_status.SG_entry                        Y 
_pdbx_database_status.entry_id                        2OH3 
_pdbx_database_status.deposit_site                    RCSB 
_pdbx_database_status.process_site                    RCSB 
_pdbx_database_status.recvd_initial_deposition_date   2007-01-09 
_pdbx_database_status.status_code                     REL 
_pdbx_database_status.status_code_sf                  REL 
_pdbx_database_status.status_code_mr                  ? 
_pdbx_database_status.pdb_format_compatible           Y 
_pdbx_database_status.status_code_cs                  ? 
_pdbx_database_status.methods_development_category    ? 
_pdbx_database_status.status_code_nmr_data            ? 
# 
_pdbx_database_related.db_name        TargetDB 
_pdbx_database_related.db_id          370399 
_pdbx_database_related.details        . 
_pdbx_database_related.content_type   unspecified 
# 
_audit_author.name           'Joint Center for Structural Genomics (JCSG)' 
_audit_author.pdbx_ordinal   1 
# 
_citation.id                        primary 
_citation.title                     
;Crystal structure of COG1633: Uncharacterized conserved protein (ZP_00055496.1) from Magnetospirillum magnetotacticum MS-1 at 2.00 A resolution
;
_citation.journal_abbrev            'To be published' 
_citation.journal_volume            ? 
_citation.page_first                ? 
_citation.page_last                 ? 
_citation.year                      ? 
_citation.journal_id_ASTM           ? 
_citation.country                   ? 
_citation.journal_id_ISSN           ? 
_citation.journal_id_CSD            0353 
_citation.book_publisher            ? 
_citation.pdbx_database_id_PubMed   ? 
_citation.pdbx_database_id_DOI      ? 
# 
_citation_author.citation_id        primary 
_citation_author.name               'Joint Center for Structural Genomics (JCSG)' 
_citation_author.ordinal            1 
_citation_author.identifier_ORCID   ? 
# 
loop_
_entity.id 
_entity.type 
_entity.src_method 
_entity.pdbx_description 
_entity.formula_weight 
_entity.pdbx_number_of_molecules 
_entity.pdbx_ec 
_entity.pdbx_mutation 
_entity.pdbx_fragment 
_entity.details 
1 polymer     man 'COG1633: Uncharacterized conserved protein' 19474.623 1   ? ? ? ? 
2 non-polymer syn 'ZINC ION'                                   65.409    1   ? ? ? ? 
3 non-polymer syn IMIDAZOLE                                    69.085    1   ? ? ? ? 
4 non-polymer syn 'TRIETHYLENE GLYCOL'                         150.173   2   ? ? ? ? 
5 water       nat water                                        18.015    111 ? ? ? ? 
# 
_entity_name_com.entity_id   1 
_entity_name_com.name        Rubrerythrin 
# 
_entity_poly.entity_id                      1 
_entity_poly.type                           'polypeptide(L)' 
_entity_poly.nstd_linkage                   no 
_entity_poly.nstd_monomer                   yes 
_entity_poly.pdbx_seq_one_letter_code       
;G(MSE)GYTLAEFLAHAIALETEAAERYVELAD(MSE)(MSE)EAHNNLDTATVFRD(MSE)ARFSTLHGDEIKQRSRAL
ELPKL(MSE)SWQYRWKTPPEVGDENDIHYL(MSE)TPYHALRYARDNEIRG(MSE)EYYKEAAANSADPEVKRLGADFA
AEEAEHVVALDKWIEKTPRPSITWSEDADPAQCVD
;
_entity_poly.pdbx_seq_one_letter_code_can   
;GMGYTLAEFLAHAIALETEAAERYVELADMMEAHNNLDTATVFRDMARFSTLHGDEIKQRSRALELPKLMSWQYRWKTPP
EVGDENDIHYLMTPYHALRYARDNEIRGMEYYKEAAANSADPEVKRLGADFAAEEAEHVVALDKWIEKTPRPSITWSEDA
DPAQCVD
;
_entity_poly.pdbx_strand_id                 A 
_entity_poly.pdbx_target_identifier         370399 
# 
loop_
_pdbx_entity_nonpoly.entity_id 
_pdbx_entity_nonpoly.name 
_pdbx_entity_nonpoly.comp_id 
2 'ZINC ION'           ZN  
3 IMIDAZOLE            IMD 
4 'TRIETHYLENE GLYCOL' PGE 
5 water                HOH 
# 
loop_
_entity_poly_seq.entity_id 
_entity_poly_seq.num 
_entity_poly_seq.mon_id 
_entity_poly_seq.hetero 
1 1   GLY n 
1 2   MSE n 
1 3   GLY n 
1 4   TYR n 
1 5   THR n 
1 6   LEU n 
1 7   ALA n 
1 8   GLU n 
1 9   PHE n 
1 10  LEU n 
1 11  ALA n 
1 12  HIS n 
1 13  ALA n 
1 14  ILE n 
1 15  ALA n 
1 16  LEU n 
1 17  GLU n 
1 18  THR n 
1 19  GLU n 
1 20  ALA n 
1 21  ALA n 
1 22  GLU n 
1 23  ARG n 
1 24  TYR n 
1 25  VAL n 
1 26  GLU n 
1 27  LEU n 
1 28  ALA n 
1 29  ASP n 
1 30  MSE n 
1 31  MSE n 
1 32  GLU n 
1 33  ALA n 
1 34  HIS n 
1 35  ASN n 
1 36  ASN n 
1 37  LEU n 
1 38  ASP n 
1 39  THR n 
1 40  ALA n 
1 41  THR n 
1 42  VAL n 
1 43  PHE n 
1 44  ARG n 
1 45  ASP n 
1 46  MSE n 
1 47  ALA n 
1 48  ARG n 
1 49  PHE n 
1 50  SER n 
1 51  THR n 
1 52  LEU n 
1 53  HIS n 
1 54  GLY n 
1 55  ASP n 
1 56  GLU n 
1 57  ILE n 
1 58  LYS n 
1 59  GLN n 
1 60  ARG n 
1 61  SER n 
1 62  ARG n 
1 63  ALA n 
1 64  LEU n 
1 65  GLU n 
1 66  LEU n 
1 67  PRO n 
1 68  LYS n 
1 69  LEU n 
1 70  MSE n 
1 71  SER n 
1 72  TRP n 
1 73  GLN n 
1 74  TYR n 
1 75  ARG n 
1 76  TRP n 
1 77  LYS n 
1 78  THR n 
1 79  PRO n 
1 80  PRO n 
1 81  GLU n 
1 82  VAL n 
1 83  GLY n 
1 84  ASP n 
1 85  GLU n 
1 86  ASN n 
1 87  ASP n 
1 88  ILE n 
1 89  HIS n 
1 90  TYR n 
1 91  LEU n 
1 92  MSE n 
1 93  THR n 
1 94  PRO n 
1 95  TYR n 
1 96  HIS n 
1 97  ALA n 
1 98  LEU n 
1 99  ARG n 
1 100 TYR n 
1 101 ALA n 
1 102 ARG n 
1 103 ASP n 
1 104 ASN n 
1 105 GLU n 
1 106 ILE n 
1 107 ARG n 
1 108 GLY n 
1 109 MSE n 
1 110 GLU n 
1 111 TYR n 
1 112 TYR n 
1 113 LYS n 
1 114 GLU n 
1 115 ALA n 
1 116 ALA n 
1 117 ALA n 
1 118 ASN n 
1 119 SER n 
1 120 ALA n 
1 121 ASP n 
1 122 PRO n 
1 123 GLU n 
1 124 VAL n 
1 125 LYS n 
1 126 ARG n 
1 127 LEU n 
1 128 GLY n 
1 129 ALA n 
1 130 ASP n 
1 131 PHE n 
1 132 ALA n 
1 133 ALA n 
1 134 GLU n 
1 135 GLU n 
1 136 ALA n 
1 137 GLU n 
1 138 HIS n 
1 139 VAL n 
1 140 VAL n 
1 141 ALA n 
1 142 LEU n 
1 143 ASP n 
1 144 LYS n 
1 145 TRP n 
1 146 ILE n 
1 147 GLU n 
1 148 LYS n 
1 149 THR n 
1 150 PRO n 
1 151 ARG n 
1 152 PRO n 
1 153 SER n 
1 154 ILE n 
1 155 THR n 
1 156 TRP n 
1 157 SER n 
1 158 GLU n 
1 159 ASP n 
1 160 ALA n 
1 161 ASP n 
1 162 PRO n 
1 163 ALA n 
1 164 GLN n 
1 165 CYS n 
1 166 VAL n 
1 167 ASP n 
# 
_entity_src_gen.entity_id                          1 
_entity_src_gen.pdbx_src_id                        1 
_entity_src_gen.pdbx_alt_source_flag               sample 
_entity_src_gen.pdbx_seq_type                      ? 
_entity_src_gen.pdbx_beg_seq_num                   ? 
_entity_src_gen.pdbx_end_seq_num                   ? 
_entity_src_gen.gene_src_common_name               ? 
_entity_src_gen.gene_src_genus                     Magnetospirillum 
_entity_src_gen.pdbx_gene_src_gene                 ZP_00055496.1 
_entity_src_gen.gene_src_species                   'Magnetospirillum magnetotacticum' 
_entity_src_gen.gene_src_strain                    MS-1 
_entity_src_gen.gene_src_tissue                    ? 
_entity_src_gen.gene_src_tissue_fraction           ? 
_entity_src_gen.gene_src_details                   ? 
_entity_src_gen.pdbx_gene_src_fragment             ? 
_entity_src_gen.pdbx_gene_src_scientific_name      'Magnetospirillum magnetotacticum' 
_entity_src_gen.pdbx_gene_src_ncbi_taxonomy_id     272627 
_entity_src_gen.pdbx_gene_src_variant              ? 
_entity_src_gen.pdbx_gene_src_cell_line            ? 
_entity_src_gen.pdbx_gene_src_atcc                 ? 
_entity_src_gen.pdbx_gene_src_organ                ? 
_entity_src_gen.pdbx_gene_src_organelle            ? 
_entity_src_gen.pdbx_gene_src_cell                 ? 
_entity_src_gen.pdbx_gene_src_cellular_location    ? 
_entity_src_gen.host_org_common_name               ? 
_entity_src_gen.pdbx_host_org_scientific_name      'Escherichia coli' 
_entity_src_gen.pdbx_host_org_ncbi_taxonomy_id     562 
_entity_src_gen.host_org_genus                     Escherichia 
_entity_src_gen.pdbx_host_org_gene                 ? 
_entity_src_gen.pdbx_host_org_organ                ? 
_entity_src_gen.host_org_species                   ? 
_entity_src_gen.pdbx_host_org_tissue               ? 
_entity_src_gen.pdbx_host_org_tissue_fraction      ? 
_entity_src_gen.pdbx_host_org_strain               HK100 
_entity_src_gen.pdbx_host_org_variant              ? 
_entity_src_gen.pdbx_host_org_cell_line            ? 
_entity_src_gen.pdbx_host_org_atcc                 ? 
_entity_src_gen.pdbx_host_org_culture_collection   ? 
_entity_src_gen.pdbx_host_org_cell                 ? 
_entity_src_gen.pdbx_host_org_organelle            ? 
_entity_src_gen.pdbx_host_org_cellular_location    ? 
_entity_src_gen.pdbx_host_org_vector_type          Plasmid 
_entity_src_gen.pdbx_host_org_vector               ? 
_entity_src_gen.host_org_details                   ? 
_entity_src_gen.expression_system_id               ? 
_entity_src_gen.plasmid_name                       SpeedET 
_entity_src_gen.plasmid_details                    ? 
_entity_src_gen.pdbx_description                   ? 
# 
loop_
_chem_comp.id 
_chem_comp.type 
_chem_comp.mon_nstd_flag 
_chem_comp.name 
_chem_comp.pdbx_synonyms 
_chem_comp.formula 
_chem_comp.formula_weight 
ALA 'L-peptide linking' y ALANINE              ? 'C3 H7 N O2'     89.093  
ARG 'L-peptide linking' y ARGININE             ? 'C6 H15 N4 O2 1' 175.209 
ASN 'L-peptide linking' y ASPARAGINE           ? 'C4 H8 N2 O3'    132.118 
ASP 'L-peptide linking' y 'ASPARTIC ACID'      ? 'C4 H7 N O4'     133.103 
CYS 'L-peptide linking' y CYSTEINE             ? 'C3 H7 N O2 S'   121.158 
GLN 'L-peptide linking' y GLUTAMINE            ? 'C5 H10 N2 O3'   146.144 
GLU 'L-peptide linking' y 'GLUTAMIC ACID'      ? 'C5 H9 N O4'     147.129 
GLY 'peptide linking'   y GLYCINE              ? 'C2 H5 N O2'     75.067  
HIS 'L-peptide linking' y HISTIDINE            ? 'C6 H10 N3 O2 1' 156.162 
HOH non-polymer         . WATER                ? 'H2 O'           18.015  
ILE 'L-peptide linking' y ISOLEUCINE           ? 'C6 H13 N O2'    131.173 
IMD non-polymer         . IMIDAZOLE            ? 'C3 H5 N2 1'     69.085  
LEU 'L-peptide linking' y LEUCINE              ? 'C6 H13 N O2'    131.173 
LYS 'L-peptide linking' y LYSINE               ? 'C6 H15 N2 O2 1' 147.195 
MSE 'L-peptide linking' n SELENOMETHIONINE     ? 'C5 H11 N O2 Se' 196.106 
PGE non-polymer         . 'TRIETHYLENE GLYCOL' ? 'C6 H14 O4'      150.173 
PHE 'L-peptide linking' y PHENYLALANINE        ? 'C9 H11 N O2'    165.189 
PRO 'L-peptide linking' y PROLINE              ? 'C5 H9 N O2'     115.130 
SER 'L-peptide linking' y SERINE               ? 'C3 H7 N O3'     105.093 
THR 'L-peptide linking' y THREONINE            ? 'C4 H9 N O3'     119.119 
TRP 'L-peptide linking' y TRYPTOPHAN           ? 'C11 H12 N2 O2'  204.225 
TYR 'L-peptide linking' y TYROSINE             ? 'C9 H11 N O3'    181.189 
VAL 'L-peptide linking' y VALINE               ? 'C5 H11 N O2'    117.146 
ZN  non-polymer         . 'ZINC ION'           ? 'Zn 2'           65.409  
# 
loop_
_pdbx_poly_seq_scheme.asym_id 
_pdbx_poly_seq_scheme.entity_id 
_pdbx_poly_seq_scheme.seq_id 
_pdbx_poly_seq_scheme.mon_id 
_pdbx_poly_seq_scheme.ndb_seq_num 
_pdbx_poly_seq_scheme.pdb_seq_num 
_pdbx_poly_seq_scheme.auth_seq_num 
_pdbx_poly_seq_scheme.pdb_mon_id 
_pdbx_poly_seq_scheme.auth_mon_id 
_pdbx_poly_seq_scheme.pdb_strand_id 
_pdbx_poly_seq_scheme.pdb_ins_code 
_pdbx_poly_seq_scheme.hetero 
A 1 1   GLY 1   0   ?   ?   ?   A . n 
A 1 2   MSE 2   1   ?   ?   ?   A . n 
A 1 3   GLY 3   2   ?   ?   ?   A . n 
A 1 4   TYR 4   3   3   TYR TYR A . n 
A 1 5   THR 5   4   4   THR THR A . n 
A 1 6   LEU 6   5   5   LEU LEU A . n 
A 1 7   ALA 7   6   6   ALA ALA A . n 
A 1 8   GLU 8   7   7   GLU GLU A . n 
A 1 9   PHE 9   8   8   PHE PHE A . n 
A 1 10  LEU 10  9   9   LEU LEU A . n 
A 1 11  ALA 11  10  10  ALA ALA A . n 
A 1 12  HIS 12  11  11  HIS HIS A . n 
A 1 13  ALA 13  12  12  ALA ALA A . n 
A 1 14  ILE 14  13  13  ILE ILE A . n 
A 1 15  ALA 15  14  14  ALA ALA A . n 
A 1 16  LEU 16  15  15  LEU LEU A . n 
A 1 17  GLU 17  16  16  GLU GLU A . n 
A 1 18  THR 18  17  17  THR THR A . n 
A 1 19  GLU 19  18  18  GLU GLU A . n 
A 1 20  ALA 20  19  19  ALA ALA A . n 
A 1 21  ALA 21  20  20  ALA ALA A . n 
A 1 22  GLU 22  21  21  GLU GLU A . n 
A 1 23  ARG 23  22  22  ARG ARG A . n 
A 1 24  TYR 24  23  23  TYR TYR A . n 
A 1 25  VAL 25  24  24  VAL VAL A . n 
A 1 26  GLU 26  25  25  GLU GLU A . n 
A 1 27  LEU 27  26  26  LEU LEU A . n 
A 1 28  ALA 28  27  27  ALA ALA A . n 
A 1 29  ASP 29  28  28  ASP ASP A . n 
A 1 30  MSE 30  29  29  MSE MSE A . n 
A 1 31  MSE 31  30  30  MSE MSE A . n 
A 1 32  GLU 32  31  31  GLU GLU A . n 
A 1 33  ALA 33  32  32  ALA ALA A . n 
A 1 34  HIS 34  33  33  HIS HIS A . n 
A 1 35  ASN 35  34  34  ASN ASN A . n 
A 1 36  ASN 36  35  35  ASN ASN A . n 
A 1 37  LEU 37  36  36  LEU LEU A . n 
A 1 38  ASP 38  37  37  ASP ASP A . n 
A 1 39  THR 39  38  38  THR THR A . n 
A 1 40  ALA 40  39  39  ALA ALA A . n 
A 1 41  THR 41  40  40  THR THR A . n 
A 1 42  VAL 42  41  41  VAL VAL A . n 
A 1 43  PHE 43  42  42  PHE PHE A . n 
A 1 44  ARG 44  43  43  ARG ARG A . n 
A 1 45  ASP 45  44  44  ASP ASP A . n 
A 1 46  MSE 46  45  45  MSE MSE A . n 
A 1 47  ALA 47  46  46  ALA ALA A . n 
A 1 48  ARG 48  47  47  ARG ARG A . n 
A 1 49  PHE 49  48  48  PHE PHE A . n 
A 1 50  SER 50  49  49  SER SER A . n 
A 1 51  THR 51  50  50  THR THR A . n 
A 1 52  LEU 52  51  51  LEU LEU A . n 
A 1 53  HIS 53  52  52  HIS HIS A . n 
A 1 54  GLY 54  53  53  GLY GLY A . n 
A 1 55  ASP 55  54  54  ASP ASP A . n 
A 1 56  GLU 56  55  55  GLU GLU A . n 
A 1 57  ILE 57  56  56  ILE ILE A . n 
A 1 58  LYS 58  57  57  LYS LYS A . n 
A 1 59  GLN 59  58  58  GLN GLN A . n 
A 1 60  ARG 60  59  59  ARG ARG A . n 
A 1 61  SER 61  60  60  SER SER A . n 
A 1 62  ARG 62  61  61  ARG ARG A . n 
A 1 63  ALA 63  62  62  ALA ALA A . n 
A 1 64  LEU 64  63  63  LEU LEU A . n 
A 1 65  GLU 65  64  64  GLU GLU A . n 
A 1 66  LEU 66  65  65  LEU LEU A . n 
A 1 67  PRO 67  66  66  PRO PRO A . n 
A 1 68  LYS 68  67  67  LYS LYS A . n 
A 1 69  LEU 69  68  68  LEU LEU A . n 
A 1 70  MSE 70  69  69  MSE MSE A . n 
A 1 71  SER 71  70  70  SER SER A . n 
A 1 72  TRP 72  71  71  TRP TRP A . n 
A 1 73  GLN 73  72  72  GLN GLN A . n 
A 1 74  TYR 74  73  73  TYR TYR A . n 
A 1 75  ARG 75  74  74  ARG ARG A . n 
A 1 76  TRP 76  75  75  TRP TRP A . n 
A 1 77  LYS 77  76  76  LYS LYS A . n 
A 1 78  THR 78  77  77  THR THR A . n 
A 1 79  PRO 79  78  78  PRO PRO A . n 
A 1 80  PRO 80  79  79  PRO PRO A . n 
A 1 81  GLU 81  80  80  GLU GLU A . n 
A 1 82  VAL 82  81  81  VAL VAL A . n 
A 1 83  GLY 83  82  82  GLY GLY A . n 
A 1 84  ASP 84  83  83  ASP ASP A . n 
A 1 85  GLU 85  84  84  GLU GLU A . n 
A 1 86  ASN 86  85  ?   ?   ?   A . n 
A 1 87  ASP 87  86  ?   ?   ?   A . n 
A 1 88  ILE 88  87  ?   ?   ?   A . n 
A 1 89  HIS 89  88  88  HIS HIS A . n 
A 1 90  TYR 90  89  89  TYR TYR A . n 
A 1 91  LEU 91  90  90  LEU LEU A . n 
A 1 92  MSE 92  91  91  MSE MSE A . n 
A 1 93  THR 93  92  92  THR THR A . n 
A 1 94  PRO 94  93  93  PRO PRO A . n 
A 1 95  TYR 95  94  94  TYR TYR A . n 
A 1 96  HIS 96  95  95  HIS HIS A . n 
A 1 97  ALA 97  96  96  ALA ALA A . n 
A 1 98  LEU 98  97  97  LEU LEU A . n 
A 1 99  ARG 99  98  98  ARG ARG A . n 
A 1 100 TYR 100 99  99  TYR TYR A . n 
A 1 101 ALA 101 100 100 ALA ALA A . n 
A 1 102 ARG 102 101 101 ARG ARG A . n 
A 1 103 ASP 103 102 102 ASP ASP A . n 
A 1 104 ASN 104 103 103 ASN ASN A . n 
A 1 105 GLU 105 104 104 GLU GLU A . n 
A 1 106 ILE 106 105 105 ILE ILE A . n 
A 1 107 ARG 107 106 106 ARG ARG A . n 
A 1 108 GLY 108 107 107 GLY GLY A . n 
A 1 109 MSE 109 108 108 MSE MSE A . n 
A 1 110 GLU 110 109 109 GLU GLU A . n 
A 1 111 TYR 111 110 110 TYR TYR A . n 
A 1 112 TYR 112 111 111 TYR TYR A . n 
A 1 113 LYS 113 112 112 LYS LYS A . n 
A 1 114 GLU 114 113 113 GLU GLU A . n 
A 1 115 ALA 115 114 114 ALA ALA A . n 
A 1 116 ALA 116 115 115 ALA ALA A . n 
A 1 117 ALA 117 116 116 ALA ALA A . n 
A 1 118 ASN 118 117 117 ASN ASN A . n 
A 1 119 SER 119 118 118 SER SER A . n 
A 1 120 ALA 120 119 119 ALA ALA A . n 
A 1 121 ASP 121 120 120 ASP ASP A . n 
A 1 122 PRO 122 121 121 PRO PRO A . n 
A 1 123 GLU 123 122 122 GLU GLU A . n 
A 1 124 VAL 124 123 123 VAL VAL A . n 
A 1 125 LYS 125 124 124 LYS LYS A . n 
A 1 126 ARG 126 125 125 ARG ARG A . n 
A 1 127 LEU 127 126 126 LEU LEU A . n 
A 1 128 GLY 128 127 127 GLY GLY A . n 
A 1 129 ALA 129 128 128 ALA ALA A . n 
A 1 130 ASP 130 129 129 ASP ASP A . n 
A 1 131 PHE 131 130 130 PHE PHE A . n 
A 1 132 ALA 132 131 131 ALA ALA A . n 
A 1 133 ALA 133 132 132 ALA ALA A . n 
A 1 134 GLU 134 133 133 GLU GLU A . n 
A 1 135 GLU 135 134 134 GLU GLU A . n 
A 1 136 ALA 136 135 135 ALA ALA A . n 
A 1 137 GLU 137 136 136 GLU GLU A . n 
A 1 138 HIS 138 137 137 HIS HIS A . n 
A 1 139 VAL 139 138 138 VAL VAL A . n 
A 1 140 VAL 140 139 139 VAL VAL A . n 
A 1 141 ALA 141 140 140 ALA ALA A . n 
A 1 142 LEU 142 141 141 LEU LEU A . n 
A 1 143 ASP 143 142 142 ASP ASP A . n 
A 1 144 LYS 144 143 143 LYS LYS A . n 
A 1 145 TRP 145 144 144 TRP TRP A . n 
A 1 146 ILE 146 145 145 ILE ILE A . n 
A 1 147 GLU 147 146 146 GLU GLU A . n 
A 1 148 LYS 148 147 147 LYS LYS A . n 
A 1 149 THR 149 148 148 THR THR A . n 
A 1 150 PRO 150 149 149 PRO PRO A . n 
A 1 151 ARG 151 150 150 ARG ARG A . n 
A 1 152 PRO 152 151 151 PRO PRO A . n 
A 1 153 SER 153 152 152 SER SER A . n 
A 1 154 ILE 154 153 153 ILE ILE A . n 
A 1 155 THR 155 154 154 THR THR A . n 
A 1 156 TRP 156 155 ?   ?   ?   A . n 
A 1 157 SER 157 156 ?   ?   ?   A . n 
A 1 158 GLU 158 157 ?   ?   ?   A . n 
A 1 159 ASP 159 158 ?   ?   ?   A . n 
A 1 160 ALA 160 159 ?   ?   ?   A . n 
A 1 161 ASP 161 160 ?   ?   ?   A . n 
A 1 162 PRO 162 161 ?   ?   ?   A . n 
A 1 163 ALA 163 162 ?   ?   ?   A . n 
A 1 164 GLN 164 163 ?   ?   ?   A . n 
A 1 165 CYS 165 164 ?   ?   ?   A . n 
A 1 166 VAL 166 165 ?   ?   ?   A . n 
A 1 167 ASP 167 166 ?   ?   ?   A . n 
# 
loop_
_pdbx_nonpoly_scheme.asym_id 
_pdbx_nonpoly_scheme.entity_id 
_pdbx_nonpoly_scheme.mon_id 
_pdbx_nonpoly_scheme.ndb_seq_num 
_pdbx_nonpoly_scheme.pdb_seq_num 
_pdbx_nonpoly_scheme.auth_seq_num 
_pdbx_nonpoly_scheme.pdb_mon_id 
_pdbx_nonpoly_scheme.auth_mon_id 
_pdbx_nonpoly_scheme.pdb_strand_id 
_pdbx_nonpoly_scheme.pdb_ins_code 
B 2 ZN  1   300 300 ZN  ZN  A . 
C 3 IMD 1   301 1   IMD IMD A . 
D 4 PGE 1   302 2   PGE PGE A . 
E 4 PGE 1   303 3   PGE PGE A . 
F 5 HOH 1   304 4   HOH HOH A . 
F 5 HOH 2   305 5   HOH HOH A . 
F 5 HOH 3   306 6   HOH HOH A . 
F 5 HOH 4   307 7   HOH HOH A . 
F 5 HOH 5   308 8   HOH HOH A . 
F 5 HOH 6   309 9   HOH HOH A . 
F 5 HOH 7   310 10  HOH HOH A . 
F 5 HOH 8   311 11  HOH HOH A . 
F 5 HOH 9   312 12  HOH HOH A . 
F 5 HOH 10  313 13  HOH HOH A . 
F 5 HOH 11  314 14  HOH HOH A . 
F 5 HOH 12  315 15  HOH HOH A . 
F 5 HOH 13  316 16  HOH HOH A . 
F 5 HOH 14  317 17  HOH HOH A . 
F 5 HOH 15  318 18  HOH HOH A . 
F 5 HOH 16  319 19  HOH HOH A . 
F 5 HOH 17  320 20  HOH HOH A . 
F 5 HOH 18  321 21  HOH HOH A . 
F 5 HOH 19  322 22  HOH HOH A . 
F 5 HOH 20  323 23  HOH HOH A . 
F 5 HOH 21  324 24  HOH HOH A . 
F 5 HOH 22  325 25  HOH HOH A . 
F 5 HOH 23  326 26  HOH HOH A . 
F 5 HOH 24  327 27  HOH HOH A . 
F 5 HOH 25  328 28  HOH HOH A . 
F 5 HOH 26  329 29  HOH HOH A . 
F 5 HOH 27  330 30  HOH HOH A . 
F 5 HOH 28  331 31  HOH HOH A . 
F 5 HOH 29  332 32  HOH HOH A . 
F 5 HOH 30  333 33  HOH HOH A . 
F 5 HOH 31  334 34  HOH HOH A . 
F 5 HOH 32  335 35  HOH HOH A . 
F 5 HOH 33  336 36  HOH HOH A . 
F 5 HOH 34  337 37  HOH HOH A . 
F 5 HOH 35  338 38  HOH HOH A . 
F 5 HOH 36  339 39  HOH HOH A . 
F 5 HOH 37  340 40  HOH HOH A . 
F 5 HOH 38  341 41  HOH HOH A . 
F 5 HOH 39  342 42  HOH HOH A . 
F 5 HOH 40  343 43  HOH HOH A . 
F 5 HOH 41  344 44  HOH HOH A . 
F 5 HOH 42  345 45  HOH HOH A . 
F 5 HOH 43  346 46  HOH HOH A . 
F 5 HOH 44  347 47  HOH HOH A . 
F 5 HOH 45  348 48  HOH HOH A . 
F 5 HOH 46  349 49  HOH HOH A . 
F 5 HOH 47  350 50  HOH HOH A . 
F 5 HOH 48  351 51  HOH HOH A . 
F 5 HOH 49  352 52  HOH HOH A . 
F 5 HOH 50  353 53  HOH HOH A . 
F 5 HOH 51  354 54  HOH HOH A . 
F 5 HOH 52  355 55  HOH HOH A . 
F 5 HOH 53  356 56  HOH HOH A . 
F 5 HOH 54  357 57  HOH HOH A . 
F 5 HOH 55  358 58  HOH HOH A . 
F 5 HOH 56  359 59  HOH HOH A . 
F 5 HOH 57  360 60  HOH HOH A . 
F 5 HOH 58  361 61  HOH HOH A . 
F 5 HOH 59  362 62  HOH HOH A . 
F 5 HOH 60  363 63  HOH HOH A . 
F 5 HOH 61  364 64  HOH HOH A . 
F 5 HOH 62  365 65  HOH HOH A . 
F 5 HOH 63  366 66  HOH HOH A . 
F 5 HOH 64  367 67  HOH HOH A . 
F 5 HOH 65  368 68  HOH HOH A . 
F 5 HOH 66  369 69  HOH HOH A . 
F 5 HOH 67  370 70  HOH HOH A . 
F 5 HOH 68  371 71  HOH HOH A . 
F 5 HOH 69  372 72  HOH HOH A . 
F 5 HOH 70  373 73  HOH HOH A . 
F 5 HOH 71  374 74  HOH HOH A . 
F 5 HOH 72  375 75  HOH HOH A . 
F 5 HOH 73  376 76  HOH HOH A . 
F 5 HOH 74  377 77  HOH HOH A . 
F 5 HOH 75  378 78  HOH HOH A . 
F 5 HOH 76  379 79  HOH HOH A . 
F 5 HOH 77  380 80  HOH HOH A . 
F 5 HOH 78  381 81  HOH HOH A . 
F 5 HOH 79  382 82  HOH HOH A . 
F 5 HOH 80  383 83  HOH HOH A . 
F 5 HOH 81  384 84  HOH HOH A . 
F 5 HOH 82  385 85  HOH HOH A . 
F 5 HOH 83  386 86  HOH HOH A . 
F 5 HOH 84  387 87  HOH HOH A . 
F 5 HOH 85  388 88  HOH HOH A . 
F 5 HOH 86  389 89  HOH HOH A . 
F 5 HOH 87  390 90  HOH HOH A . 
F 5 HOH 88  391 91  HOH HOH A . 
F 5 HOH 89  392 92  HOH HOH A . 
F 5 HOH 90  393 93  HOH HOH A . 
F 5 HOH 91  394 94  HOH HOH A . 
F 5 HOH 92  395 95  HOH HOH A . 
F 5 HOH 93  396 96  HOH HOH A . 
F 5 HOH 94  397 97  HOH HOH A . 
F 5 HOH 95  398 98  HOH HOH A . 
F 5 HOH 96  399 99  HOH HOH A . 
F 5 HOH 97  400 100 HOH HOH A . 
F 5 HOH 98  401 101 HOH HOH A . 
F 5 HOH 99  402 102 HOH HOH A . 
F 5 HOH 100 403 103 HOH HOH A . 
F 5 HOH 101 404 104 HOH HOH A . 
F 5 HOH 102 405 105 HOH HOH A . 
F 5 HOH 103 406 106 HOH HOH A . 
F 5 HOH 104 407 107 HOH HOH A . 
F 5 HOH 105 408 108 HOH HOH A . 
F 5 HOH 106 409 109 HOH HOH A . 
F 5 HOH 107 410 110 HOH HOH A . 
F 5 HOH 108 411 111 HOH HOH A . 
F 5 HOH 109 412 112 HOH HOH A . 
F 5 HOH 110 413 113 HOH HOH A . 
F 5 HOH 111 414 114 HOH HOH A . 
# 
loop_
_pdbx_unobs_or_zero_occ_atoms.id 
_pdbx_unobs_or_zero_occ_atoms.PDB_model_num 
_pdbx_unobs_or_zero_occ_atoms.polymer_flag 
_pdbx_unobs_or_zero_occ_atoms.occupancy_flag 
_pdbx_unobs_or_zero_occ_atoms.auth_asym_id 
_pdbx_unobs_or_zero_occ_atoms.auth_comp_id 
_pdbx_unobs_or_zero_occ_atoms.auth_seq_id 
_pdbx_unobs_or_zero_occ_atoms.PDB_ins_code 
_pdbx_unobs_or_zero_occ_atoms.auth_atom_id 
_pdbx_unobs_or_zero_occ_atoms.label_alt_id 
_pdbx_unobs_or_zero_occ_atoms.label_asym_id 
_pdbx_unobs_or_zero_occ_atoms.label_comp_id 
_pdbx_unobs_or_zero_occ_atoms.label_seq_id 
_pdbx_unobs_or_zero_occ_atoms.label_atom_id 
1  1 Y 1 A TYR 3   ? CG  ? A TYR 4   CG  
2  1 Y 1 A TYR 3   ? CD1 ? A TYR 4   CD1 
3  1 Y 1 A TYR 3   ? CD2 ? A TYR 4   CD2 
4  1 Y 1 A TYR 3   ? CE1 ? A TYR 4   CE1 
5  1 Y 1 A TYR 3   ? CE2 ? A TYR 4   CE2 
6  1 Y 1 A TYR 3   ? CZ  ? A TYR 4   CZ  
7  1 Y 1 A TYR 3   ? OH  ? A TYR 4   OH  
8  1 Y 1 A ARG 61  ? CZ  ? A ARG 62  CZ  
9  1 Y 1 A ARG 61  ? NH1 ? A ARG 62  NH1 
10 1 Y 1 A ARG 61  ? NH2 ? A ARG 62  NH2 
11 1 Y 1 A LYS 67  ? CE  ? A LYS 68  CE  
12 1 Y 1 A LYS 67  ? NZ  ? A LYS 68  NZ  
13 1 Y 1 A GLU 80  ? CG  ? A GLU 81  CG  
14 1 Y 1 A GLU 80  ? CD  ? A GLU 81  CD  
15 1 Y 1 A GLU 80  ? OE1 ? A GLU 81  OE1 
16 1 Y 1 A GLU 80  ? OE2 ? A GLU 81  OE2 
17 1 Y 1 A VAL 81  ? CB  ? A VAL 82  CB  
18 1 Y 1 A VAL 81  ? CG1 ? A VAL 82  CG1 
19 1 Y 1 A VAL 81  ? CG2 ? A VAL 82  CG2 
20 1 Y 1 A ASP 83  ? CG  ? A ASP 84  CG  
21 1 Y 1 A ASP 83  ? OD1 ? A ASP 84  OD1 
22 1 Y 1 A ASP 83  ? OD2 ? A ASP 84  OD2 
23 1 Y 1 A MSE 91  ? SE  ? A MSE 92  SE  
24 1 Y 1 A MSE 91  ? CE  ? A MSE 92  CE  
25 1 Y 1 A ARG 106 ? CZ  ? A ARG 107 CZ  
26 1 Y 1 A ARG 106 ? NH1 ? A ARG 107 NH1 
27 1 Y 1 A ARG 106 ? NH2 ? A ARG 107 NH2 
28 1 Y 1 A SER 152 ? OG  ? A SER 153 OG  
29 1 Y 1 A ILE 153 ? CG1 ? A ILE 154 CG1 
30 1 Y 1 A ILE 153 ? CG2 ? A ILE 154 CG2 
31 1 Y 1 A ILE 153 ? CD1 ? A ILE 154 CD1 
32 1 Y 1 A THR 154 ? CB  ? A THR 155 CB  
33 1 Y 1 A THR 154 ? OG1 ? A THR 155 OG1 
34 1 Y 1 A THR 154 ? CG2 ? A THR 155 CG2 
# 
loop_
_software.name 
_software.version 
_software.date 
_software.type 
_software.contact_author 
_software.contact_author_email 
_software.classification 
_software.location 
_software.language 
_software.citation_id 
_software.pdbx_ordinal 
MolProbity  3beta29  ?                package 'D.C. & J.S. Richardson lab' molprobity@kinemage.biochem.duke.edu 'model building'  
http://kinemage.biochem.duke.edu/molprobity/                       ?          ? 1 
SHELX       .        ?                package 'George Sheldrick'           gsheldr@shelx.uni-ac.gwdg.de         phasing           
http://shelx.uni-ac.gwdg.de/SHELX/                                 Fortran_77 ? 2 
REFMAC      5.2.0005 ?                program 'Murshudov, G.N.'            ccp4@dl.ac.uk                        refinement        
http://www.ccp4.ac.uk/main.html                                    Fortran_77 ? 3 
XSCALE      .        ?                package 'Wolfgang Kabsch'            ?                                    'data scaling'    
http://www.mpimf-heidelberg.mpg.de/~kabsch/xds/xscale_program.html ?          ? 4 
PDB_EXTRACT 2.000    'April. 3, 2006' package PDB                          sw-help@rcsb.rutgers.edu             'data extraction' 
http://pdb.rutgers.edu/software/                                   C++        ? 5 
XDS         .        ?                ?       ?                            ?                                    'data reduction'  
?                                                                  ?          ? 6 
SHELXD      .        ?                ?       ?                            ?                                    phasing           
?                                                                  ?          ? 7 
autoSHARP   .        ?                ?       ?                            ?                                    phasing           
?                                                                  ?          ? 8 
# 
_cell.entry_id           2OH3 
_cell.length_a           64.360 
_cell.length_b           75.280 
_cell.length_c           89.790 
_cell.angle_alpha        90.000 
_cell.angle_beta         90.000 
_cell.angle_gamma        90.000 
_cell.pdbx_unique_axis   ? 
_cell.Z_PDB              8 
_cell.length_a_esd       ? 
_cell.length_b_esd       ? 
_cell.length_c_esd       ? 
_cell.angle_alpha_esd    ? 
_cell.angle_beta_esd     ? 
_cell.angle_gamma_esd    ? 
# 
_symmetry.entry_id                         2OH3 
_symmetry.Int_Tables_number                23 
_symmetry.space_group_name_H-M             'I 2 2 2' 
_symmetry.pdbx_full_space_group_name_H-M   ? 
_symmetry.cell_setting                     ? 
_symmetry.space_group_name_Hall            ? 
# 
_exptl.entry_id          2OH3 
_exptl.method            'X-RAY DIFFRACTION' 
_exptl.crystals_number   1 
# 
_exptl_crystal.id                    1 
_exptl_crystal.density_meas          ? 
_exptl_crystal.density_Matthews      2.79 
_exptl_crystal.density_percent_sol   55.93 
_exptl_crystal.description           ? 
_exptl_crystal.F_000                 ? 
_exptl_crystal.preparation           ? 
# 
_exptl_crystal_grow.crystal_id      1 
_exptl_crystal_grow.method          ? 
_exptl_crystal_grow.temp            277 
_exptl_crystal_grow.temp_details    ? 
_exptl_crystal_grow.pH              7.10 
_exptl_crystal_grow.pdbx_details    
'NANODROP, 0.2M NaF, 20.0% PEG-3350, pH 7.1, VAPOR DIFFUSION, SITTING DROP, temperature 277K, pH 7.10' 
_exptl_crystal_grow.pdbx_pH_range   . 
# 
_diffrn.id                     1 
_diffrn.ambient_temp           100.0 
_diffrn.ambient_temp_details   ? 
_diffrn.crystal_id             1 
# 
_diffrn_detector.diffrn_id              1 
_diffrn_detector.detector               CCD 
_diffrn_detector.type                   'MARMOSAIC 325 mm CCD' 
_diffrn_detector.pdbx_collection_date   2006-12-18 
_diffrn_detector.details                'FLAT MIRROR (VERTICAL FOCUSING)' 
# 
_diffrn_radiation.diffrn_id                        1 
_diffrn_radiation.wavelength_id                    1 
_diffrn_radiation.pdbx_monochromatic_or_laue_m_l   M 
_diffrn_radiation.monochromator                    'SINGLE CRYSTAL SI(111) BENT (HORIZONTAL FOCUSING)' 
_diffrn_radiation.pdbx_diffrn_protocol             MAD 
_diffrn_radiation.pdbx_scattering_type             x-ray 
# 
loop_
_diffrn_radiation_wavelength.id 
_diffrn_radiation_wavelength.wavelength 
_diffrn_radiation_wavelength.wt 
1 0.91837 1.0 
2 0.97913 1.0 
# 
_diffrn_source.diffrn_id                   1 
_diffrn_source.source                      SYNCHROTRON 
_diffrn_source.type                        'SSRL BEAMLINE BL11-1' 
_diffrn_source.pdbx_synchrotron_site       SSRL 
_diffrn_source.pdbx_synchrotron_beamline   BL11-1 
_diffrn_source.pdbx_wavelength             ? 
_diffrn_source.pdbx_wavelength_list        '0.91837, 0.97913' 
# 
_reflns.entry_id                     2OH3 
_reflns.observed_criterion_sigma_I   ? 
_reflns.observed_criterion_sigma_F   ? 
_reflns.d_resolution_low             28.105 
_reflns.d_resolution_high            2.000 
_reflns.number_obs                   14778 
_reflns.number_all                   ? 
_reflns.percent_possible_obs         96.8 
_reflns.pdbx_Rmerge_I_obs            0.035 
_reflns.pdbx_Rsym_value              ? 
_reflns.pdbx_netI_over_sigmaI        16.2100 
_reflns.B_iso_Wilson_estimate        37.83 
_reflns.pdbx_redundancy              ? 
_reflns.R_free_details               ? 
_reflns.limit_h_max                  ? 
_reflns.limit_h_min                  ? 
_reflns.limit_k_max                  ? 
_reflns.limit_k_min                  ? 
_reflns.limit_l_max                  ? 
_reflns.limit_l_min                  ? 
_reflns.observed_criterion_F_max     ? 
_reflns.observed_criterion_F_min     ? 
_reflns.pdbx_chi_squared             ? 
_reflns.pdbx_scaling_rejects         ? 
_reflns.pdbx_ordinal                 1 
_reflns.pdbx_diffrn_id               1 
# 
_reflns_shell.d_res_high             2.00 
_reflns_shell.d_res_low              2.07 
_reflns_shell.percent_possible_all   94.5 
_reflns_shell.Rmerge_I_obs           0.365 
_reflns_shell.pdbx_Rsym_value        ? 
_reflns_shell.meanI_over_sigI_obs    2.160 
_reflns_shell.pdbx_redundancy        ? 
_reflns_shell.percent_possible_obs   ? 
_reflns_shell.number_unique_all      ? 
_reflns_shell.number_measured_all    ? 
_reflns_shell.number_measured_obs    ? 
_reflns_shell.number_unique_obs      ? 
_reflns_shell.pdbx_chi_squared       ? 
_reflns_shell.pdbx_ordinal           1 
_reflns_shell.pdbx_diffrn_id         1 
# 
_refine.entry_id                                 2OH3 
_refine.ls_number_reflns_obs                     14778 
_refine.ls_number_reflns_all                     ? 
_refine.pdbx_ls_sigma_I                          ? 
_refine.pdbx_ls_sigma_F                          0.000 
_refine.pdbx_data_cutoff_high_absF               ? 
_refine.pdbx_data_cutoff_low_absF                ? 
_refine.pdbx_data_cutoff_high_rms_absF           ? 
_refine.ls_d_res_low                             28.11 
_refine.ls_d_res_high                            2.00 
_refine.ls_percent_reflns_obs                    97.7 
_refine.ls_R_factor_obs                          0.195 
_refine.ls_R_factor_all                          ? 
_refine.ls_R_factor_R_work                       0.192 
_refine.ls_R_factor_R_free                       0.235 
_refine.ls_R_factor_R_free_error                 ? 
_refine.ls_R_factor_R_free_error_details         ? 
_refine.ls_percent_reflns_R_free                 5.000 
_refine.ls_number_reflns_R_free                  744 
_refine.ls_number_parameters                     ? 
_refine.ls_number_restraints                     ? 
_refine.occupancy_min                            ? 
_refine.occupancy_max                            ? 
_refine.correlation_coeff_Fo_to_Fc               0.954 
_refine.correlation_coeff_Fo_to_Fc_free          0.934 
_refine.B_iso_mean                               36.89 
_refine.aniso_B[1][1]                            -2.24000 
_refine.aniso_B[2][2]                            -0.27000 
_refine.aniso_B[3][3]                            2.52000 
_refine.aniso_B[1][2]                            0.00000 
_refine.aniso_B[1][3]                            0.00000 
_refine.aniso_B[2][3]                            0.00000 
_refine.solvent_model_details                    MASK 
_refine.solvent_model_param_ksol                 ? 
_refine.solvent_model_param_bsol                 ? 
_refine.pdbx_solvent_vdw_probe_radii             1.20 
_refine.pdbx_solvent_ion_probe_radii             0.80 
_refine.pdbx_solvent_shrinkage_radii             0.80 
_refine.pdbx_ls_cross_valid_method               THROUGHOUT 
_refine.details                                  
;1. HYDROGENS HAVE BEEN ADDED IN THE RIDING POSITIONS. 2. A MET-INHIBITION PROTOCOL WAS USED FOR SELENOMETHIONINE INCORPORATION DURING PROTEIN EXPRESSION. THE OCCUPANCY OF THE SE ATOMS IN THE MSE RESIDUES WAS REDUCED TO 0.75 FOR THE REDUCED SCATTERING POWER DUE TO PARTIAL S-MET INCORPORATION. 3. ATOM RECORD CONTAINS RESIDUAL B FACTORS ONLY. 4. THE RESIDUES 1-2, 85-87, AND 155-166 ARE DISORDERED AND WERE NOT BUILT DUE TO INSUFFICIENT ELECTRON DENSITY. 5. THE PRESENCE OF ZINC IS SUPPORTED WITH X-RAY FLOURESCENCE AND ANOMALOUS DIFFERENCE FOURIER MAPS. 6. IMIDAZOLE AND PEG WERE MODELED BASED ON CRYSTALLIZATION AND PURIFICATION CONDITIONS.
;
_refine.pdbx_starting_model                      ? 
_refine.pdbx_method_to_determine_struct          MAD 
_refine.pdbx_isotropic_thermal_model             ? 
_refine.pdbx_stereochemistry_target_values       'MAXIMUM LIKELIHOOD WITH PHASES' 
_refine.pdbx_stereochem_target_val_spec_case     ? 
_refine.pdbx_R_Free_selection_details            RANDOM 
_refine.pdbx_overall_ESU_R                       0.156 
_refine.pdbx_overall_ESU_R_Free                  0.150 
_refine.overall_SU_ML                            0.111 
_refine.overall_SU_B                             7.432 
_refine.ls_redundancy_reflns_obs                 ? 
_refine.B_iso_min                                ? 
_refine.B_iso_max                                ? 
_refine.overall_SU_R_Cruickshank_DPI             ? 
_refine.overall_SU_R_free                        ? 
_refine.ls_wR_factor_R_free                      ? 
_refine.ls_wR_factor_R_work                      ? 
_refine.overall_FOM_free_R_set                   ? 
_refine.overall_FOM_work_R_set                   ? 
_refine.pdbx_refine_id                           'X-RAY DIFFRACTION' 
_refine.pdbx_TLS_residual_ADP_flag               'LIKELY RESIDUAL' 
_refine.pdbx_diffrn_id                           1 
_refine.pdbx_overall_phase_error                 ? 
_refine.pdbx_overall_SU_R_free_Cruickshank_DPI   ? 
_refine.pdbx_overall_SU_R_Blow_DPI               ? 
_refine.pdbx_overall_SU_R_free_Blow_DPI          ? 
# 
_refine_hist.pdbx_refine_id                   'X-RAY DIFFRACTION' 
_refine_hist.cycle_id                         LAST 
_refine_hist.pdbx_number_atoms_protein        1178 
_refine_hist.pdbx_number_atoms_nucleic_acid   0 
_refine_hist.pdbx_number_atoms_ligand         26 
_refine_hist.number_atoms_solvent             111 
_refine_hist.number_atoms_total               1315 
_refine_hist.d_res_high                       2.00 
_refine_hist.d_res_low                        28.11 
# 
loop_
_refine_ls_restr.type 
_refine_ls_restr.dev_ideal 
_refine_ls_restr.dev_ideal_target 
_refine_ls_restr.weight 
_refine_ls_restr.number 
_refine_ls_restr.pdbx_refine_id 
_refine_ls_restr.pdbx_restraint_function 
r_bond_refined_d             0.019  0.022  ? 1274 'X-RAY DIFFRACTION' ? 
r_bond_other_d               0.003  0.020  ? 1137 'X-RAY DIFFRACTION' ? 
r_angle_refined_deg          1.491  1.962  ? 1727 'X-RAY DIFFRACTION' ? 
r_angle_other_deg            0.909  3.000  ? 2644 'X-RAY DIFFRACTION' ? 
r_dihedral_angle_1_deg       5.156  5.000  ? 163  'X-RAY DIFFRACTION' ? 
r_dihedral_angle_2_deg       39.194 23.968 ? 63   'X-RAY DIFFRACTION' ? 
r_dihedral_angle_3_deg       14.201 15.000 ? 211  'X-RAY DIFFRACTION' ? 
r_dihedral_angle_4_deg       22.839 15.000 ? 9    'X-RAY DIFFRACTION' ? 
r_chiral_restr               0.083  0.200  ? 181  'X-RAY DIFFRACTION' ? 
r_gen_planes_refined         0.006  0.020  ? 1428 'X-RAY DIFFRACTION' ? 
r_gen_planes_other           0.001  0.020  ? 264  'X-RAY DIFFRACTION' ? 
r_nbd_refined                0.225  0.200  ? 290  'X-RAY DIFFRACTION' ? 
r_nbd_other                  0.193  0.200  ? 1085 'X-RAY DIFFRACTION' ? 
r_nbtor_refined              0.185  0.200  ? 601  'X-RAY DIFFRACTION' ? 
r_nbtor_other                0.089  0.200  ? 720  'X-RAY DIFFRACTION' ? 
r_xyhbond_nbd_refined        0.182  0.200  ? 76   'X-RAY DIFFRACTION' ? 
r_xyhbond_nbd_other          ?      ?      ? ?    'X-RAY DIFFRACTION' ? 
r_metal_ion_refined          0.092  0.200  ? 3    'X-RAY DIFFRACTION' ? 
r_metal_ion_other            ?      ?      ? ?    'X-RAY DIFFRACTION' ? 
r_symmetry_vdw_refined       0.283  0.200  ? 12   'X-RAY DIFFRACTION' ? 
r_symmetry_vdw_other         0.344  0.200  ? 67   'X-RAY DIFFRACTION' ? 
r_symmetry_hbond_refined     0.141  0.200  ? 8    'X-RAY DIFFRACTION' ? 
r_symmetry_hbond_other       ?      ?      ? ?    'X-RAY DIFFRACTION' ? 
r_symmetry_metal_ion_refined ?      ?      ? ?    'X-RAY DIFFRACTION' ? 
r_symmetry_metal_ion_other   ?      ?      ? ?    'X-RAY DIFFRACTION' ? 
r_mcbond_it                  0.904  1.500  ? 786  'X-RAY DIFFRACTION' ? 
r_mcbond_other               0.236  1.500  ? 305  'X-RAY DIFFRACTION' ? 
r_mcangle_it                 1.479  2.000  ? 1227 'X-RAY DIFFRACTION' ? 
r_scbond_it                  2.434  3.000  ? 555  'X-RAY DIFFRACTION' ? 
r_scangle_it                 3.785  4.500  ? 492  'X-RAY DIFFRACTION' ? 
r_rigid_bond_restr           ?      ?      ? ?    'X-RAY DIFFRACTION' ? 
r_sphericity_free            ?      ?      ? ?    'X-RAY DIFFRACTION' ? 
r_sphericity_bonded          ?      ?      ? ?    'X-RAY DIFFRACTION' ? 
# 
_refine_ls_shell.pdbx_total_number_of_bins_used   20 
_refine_ls_shell.d_res_high                       2.00 
_refine_ls_shell.d_res_low                        2.05 
_refine_ls_shell.number_reflns_R_work             1005 
_refine_ls_shell.R_factor_R_work                  0.25 
_refine_ls_shell.percent_reflns_obs               95.22 
_refine_ls_shell.R_factor_R_free                  0.24 
_refine_ls_shell.R_factor_R_free_error            ? 
_refine_ls_shell.percent_reflns_R_free            ? 
_refine_ls_shell.number_reflns_R_free             50 
_refine_ls_shell.number_reflns_all                ? 
_refine_ls_shell.R_factor_all                     ? 
_refine_ls_shell.redundancy_reflns_obs            ? 
_refine_ls_shell.number_reflns_obs                ? 
_refine_ls_shell.pdbx_refine_id                   'X-RAY DIFFRACTION' 
# 
_struct.entry_id                  2OH3 
_struct.title                     
;Crystal structure of COG1633: Uncharacterized conserved protein (ZP_00055496.1) from Magnetospirillum magnetotacticum MS-1 at 2.00 A resolution
;
_struct.pdbx_model_details        ? 
_struct.pdbx_CASP_flag            ? 
_struct.pdbx_model_type_details   ? 
# 
_struct_keywords.text            
;Rubrerythrin, ZP_00055496.1, COG1633: Uncharacterized conserved protein, Structural Genomics, Joint Center for Structural Genomics, JCSG, Protein Structure Initiative, PSI-2, METAL BINDING PROTEIN
;
_struct_keywords.pdbx_keywords   'METAL BINDING PROTEIN' 
_struct_keywords.entry_id        2OH3 
# 
loop_
_struct_asym.id 
_struct_asym.pdbx_blank_PDB_chainid_flag 
_struct_asym.pdbx_modified 
_struct_asym.entity_id 
_struct_asym.details 
A N N 1 ? 
B N N 2 ? 
C N N 3 ? 
D N N 4 ? 
E N N 4 ? 
F N N 5 ? 
# 
_struct_ref.id                         1 
_struct_ref.entity_id                  1 
_struct_ref.db_name                    PDB 
_struct_ref.db_code                    2OH3 
_struct_ref.pdbx_db_accession          2OH3 
_struct_ref.pdbx_db_isoform            ? 
_struct_ref.pdbx_seq_one_letter_code   ? 
_struct_ref.pdbx_align_begin           ? 
# 
_struct_ref_seq.align_id                      1 
_struct_ref_seq.ref_id                        1 
_struct_ref_seq.pdbx_PDB_id_code              2OH3 
_struct_ref_seq.pdbx_strand_id                A 
_struct_ref_seq.seq_align_beg                 1 
_struct_ref_seq.pdbx_seq_align_beg_ins_code   ? 
_struct_ref_seq.seq_align_end                 167 
_struct_ref_seq.pdbx_seq_align_end_ins_code   ? 
_struct_ref_seq.pdbx_db_accession             2OH3 
_struct_ref_seq.db_align_beg                  0 
_struct_ref_seq.pdbx_db_align_beg_ins_code    ? 
_struct_ref_seq.db_align_end                  166 
_struct_ref_seq.pdbx_db_align_end_ins_code    ? 
_struct_ref_seq.pdbx_auth_seq_align_beg       0 
_struct_ref_seq.pdbx_auth_seq_align_end       166 
# 
_pdbx_struct_assembly.id                   1 
_pdbx_struct_assembly.details              author_defined_assembly 
_pdbx_struct_assembly.method_details       ? 
_pdbx_struct_assembly.oligomeric_details   dimeric 
_pdbx_struct_assembly.oligomeric_count     2 
# 
_pdbx_struct_assembly_gen.assembly_id       1 
_pdbx_struct_assembly_gen.oper_expression   1,2 
_pdbx_struct_assembly_gen.asym_id_list      A,B,C,D,E,F 
# 
loop_
_pdbx_struct_oper_list.id 
_pdbx_struct_oper_list.type 
_pdbx_struct_oper_list.name 
_pdbx_struct_oper_list.symmetry_operation 
_pdbx_struct_oper_list.matrix[1][1] 
_pdbx_struct_oper_list.matrix[1][2] 
_pdbx_struct_oper_list.matrix[1][3] 
_pdbx_struct_oper_list.vector[1] 
_pdbx_struct_oper_list.matrix[2][1] 
_pdbx_struct_oper_list.matrix[2][2] 
_pdbx_struct_oper_list.matrix[2][3] 
_pdbx_struct_oper_list.vector[2] 
_pdbx_struct_oper_list.matrix[3][1] 
_pdbx_struct_oper_list.matrix[3][2] 
_pdbx_struct_oper_list.matrix[3][3] 
_pdbx_struct_oper_list.vector[3] 
1 'identity operation'         1_555 x,y,z       1.0000000000  0.0000000000 0.0000000000  0.0000000000   0.0000000000 1.0000000000  0.0000000000  0.0000000000   0.0000000000  0.0000000000  1.0000000000 0.0000000000  
2 'crystal symmetry operation' 2_665 -x+1,-y+1,z -0.9256200233 0.0945957485 -0.3664412870 -12.8671987979 0.0945957485 -0.8796940247 -0.4660365513 -20.9901045191 -0.3664412870 -0.4660365513 0.8053140481 -8.0303085355 
# 
_struct_biol.id   1 
# 
loop_
_struct_conf.conf_type_id 
_struct_conf.id 
_struct_conf.pdbx_PDB_helix_id 
_struct_conf.beg_label_comp_id 
_struct_conf.beg_label_asym_id 
_struct_conf.beg_label_seq_id 
_struct_conf.pdbx_beg_PDB_ins_code 
_struct_conf.end_label_comp_id 
_struct_conf.end_label_asym_id 
_struct_conf.end_label_seq_id 
_struct_conf.pdbx_end_PDB_ins_code 
_struct_conf.beg_auth_comp_id 
_struct_conf.beg_auth_asym_id 
_struct_conf.beg_auth_seq_id 
_struct_conf.end_auth_comp_id 
_struct_conf.end_auth_asym_id 
_struct_conf.end_auth_seq_id 
_struct_conf.pdbx_PDB_helix_class 
_struct_conf.details 
_struct_conf.pdbx_PDB_helix_length 
HELX_P HELX_P1 1 THR A 5   ? HIS A 34  ? THR A 4   HIS A 33  1 ? 30 
HELX_P HELX_P2 2 ASN A 36  ? ARG A 62  ? ASN A 35  ARG A 61  1 ? 27 
HELX_P HELX_P3 3 MSE A 70  ? TYR A 74  ? MSE A 69  TYR A 73  5 ? 5  
HELX_P HELX_P4 4 HIS A 89  ? MSE A 92  ? HIS A 88  MSE A 91  5 ? 4  
HELX_P HELX_P5 5 THR A 93  ? SER A 119 ? THR A 92  SER A 118 1 ? 27 
HELX_P HELX_P6 6 ASP A 121 ? THR A 149 ? ASP A 120 THR A 148 1 ? 29 
# 
_struct_conf_type.id          HELX_P 
_struct_conf_type.criteria    ? 
_struct_conf_type.reference   ? 
# 
loop_
_struct_conn.id 
_struct_conn.conn_type_id 
_struct_conn.pdbx_leaving_atom_flag 
_struct_conn.pdbx_PDB_id 
_struct_conn.ptnr1_label_asym_id 
_struct_conn.ptnr1_label_comp_id 
_struct_conn.ptnr1_label_seq_id 
_struct_conn.ptnr1_label_atom_id 
_struct_conn.pdbx_ptnr1_label_alt_id 
_struct_conn.pdbx_ptnr1_PDB_ins_code 
_struct_conn.pdbx_ptnr1_standard_comp_id 
_struct_conn.ptnr1_symmetry 
_struct_conn.ptnr2_label_asym_id 
_struct_conn.ptnr2_label_comp_id 
_struct_conn.ptnr2_label_seq_id 
_struct_conn.ptnr2_label_atom_id 
_struct_conn.pdbx_ptnr2_label_alt_id 
_struct_conn.pdbx_ptnr2_PDB_ins_code 
_struct_conn.ptnr1_auth_asym_id 
_struct_conn.ptnr1_auth_comp_id 
_struct_conn.ptnr1_auth_seq_id 
_struct_conn.ptnr2_auth_asym_id 
_struct_conn.ptnr2_auth_comp_id 
_struct_conn.ptnr2_auth_seq_id 
_struct_conn.ptnr2_symmetry 
_struct_conn.pdbx_ptnr3_label_atom_id 
_struct_conn.pdbx_ptnr3_label_seq_id 
_struct_conn.pdbx_ptnr3_label_comp_id 
_struct_conn.pdbx_ptnr3_label_asym_id 
_struct_conn.pdbx_ptnr3_label_alt_id 
_struct_conn.pdbx_ptnr3_PDB_ins_code 
_struct_conn.details 
_struct_conn.pdbx_dist_value 
_struct_conn.pdbx_value_order 
_struct_conn.pdbx_role 
covale1  covale both ? A ASP 29  C   ? ? ? 1_555 A MSE 30  N  ? ? A ASP 28  A MSE 29  1_555 ? ? ? ? ? ? ? 1.330 ? ? 
covale2  covale both ? A MSE 30  C   ? ? ? 1_555 A MSE 31  N  ? ? A MSE 29  A MSE 30  1_555 ? ? ? ? ? ? ? 1.332 ? ? 
covale3  covale both ? A MSE 31  C   ? ? ? 1_555 A GLU 32  N  ? ? A MSE 30  A GLU 31  1_555 ? ? ? ? ? ? ? 1.328 ? ? 
covale4  covale both ? A ASP 45  C   ? ? ? 1_555 A MSE 46  N  ? ? A ASP 44  A MSE 45  1_555 ? ? ? ? ? ? ? 1.318 ? ? 
covale5  covale both ? A MSE 46  C   ? ? ? 1_555 A ALA 47  N  ? ? A MSE 45  A ALA 46  1_555 ? ? ? ? ? ? ? 1.330 ? ? 
covale6  covale both ? A LEU 69  C   ? ? ? 1_555 A MSE 70  N  ? ? A LEU 68  A MSE 69  1_555 ? ? ? ? ? ? ? 1.325 ? ? 
covale7  covale both ? A MSE 70  C   ? ? ? 1_555 A SER 71  N  ? ? A MSE 69  A SER 70  1_555 ? ? ? ? ? ? ? 1.333 ? ? 
covale8  covale both ? A LEU 91  C   ? ? ? 1_555 A MSE 92  N  ? ? A LEU 90  A MSE 91  1_555 ? ? ? ? ? ? ? 1.333 ? ? 
covale9  covale both ? A MSE 92  C   ? ? ? 1_555 A THR 93  N  ? ? A MSE 91  A THR 92  1_555 ? ? ? ? ? ? ? 1.332 ? ? 
covale10 covale both ? A GLY 108 C   ? ? ? 1_555 A MSE 109 N  ? ? A GLY 107 A MSE 108 1_555 ? ? ? ? ? ? ? 1.336 ? ? 
covale11 covale both ? A MSE 109 C   ? ? ? 1_555 A GLU 110 N  ? ? A MSE 108 A GLU 109 1_555 ? ? ? ? ? ? ? 1.334 ? ? 
metalc1  metalc ?    ? A GLU 105 OE1 ? ? ? 1_555 B ZN  .   ZN ? ? A GLU 104 A ZN  300 1_555 ? ? ? ? ? ? ? 1.989 ? ? 
metalc2  metalc ?    ? A GLU 105 OE2 ? ? ? 1_555 B ZN  .   ZN ? ? A GLU 104 A ZN  300 1_555 ? ? ? ? ? ? ? 2.759 ? ? 
metalc3  metalc ?    ? A GLU 135 OE1 ? ? ? 1_555 B ZN  .   ZN ? ? A GLU 134 A ZN  300 1_555 ? ? ? ? ? ? ? 1.871 ? ? 
metalc4  metalc ?    ? A HIS 138 ND1 ? ? ? 1_555 B ZN  .   ZN ? ? A HIS 137 A ZN  300 1_555 ? ? ? ? ? ? ? 2.063 ? ? 
metalc5  metalc ?    ? B ZN  .   ZN  ? ? ? 1_555 C IMD .   N1 ? ? A ZN  300 A IMD 301 1_555 ? ? ? ? ? ? ? 2.016 ? ? 
# 
loop_
_struct_conn_type.id 
_struct_conn_type.criteria 
_struct_conn_type.reference 
covale ? ? 
metalc ? ? 
# 
loop_
_pdbx_struct_conn_angle.id 
_pdbx_struct_conn_angle.ptnr1_label_atom_id 
_pdbx_struct_conn_angle.ptnr1_label_alt_id 
_pdbx_struct_conn_angle.ptnr1_label_asym_id 
_pdbx_struct_conn_angle.ptnr1_label_comp_id 
_pdbx_struct_conn_angle.ptnr1_label_seq_id 
_pdbx_struct_conn_angle.ptnr1_auth_atom_id 
_pdbx_struct_conn_angle.ptnr1_auth_asym_id 
_pdbx_struct_conn_angle.ptnr1_auth_comp_id 
_pdbx_struct_conn_angle.ptnr1_auth_seq_id 
_pdbx_struct_conn_angle.ptnr1_PDB_ins_code 
_pdbx_struct_conn_angle.ptnr1_symmetry 
_pdbx_struct_conn_angle.ptnr2_label_atom_id 
_pdbx_struct_conn_angle.ptnr2_label_alt_id 
_pdbx_struct_conn_angle.ptnr2_label_asym_id 
_pdbx_struct_conn_angle.ptnr2_label_comp_id 
_pdbx_struct_conn_angle.ptnr2_label_seq_id 
_pdbx_struct_conn_angle.ptnr2_auth_atom_id 
_pdbx_struct_conn_angle.ptnr2_auth_asym_id 
_pdbx_struct_conn_angle.ptnr2_auth_comp_id 
_pdbx_struct_conn_angle.ptnr2_auth_seq_id 
_pdbx_struct_conn_angle.ptnr2_PDB_ins_code 
_pdbx_struct_conn_angle.ptnr2_symmetry 
_pdbx_struct_conn_angle.ptnr3_label_atom_id 
_pdbx_struct_conn_angle.ptnr3_label_alt_id 
_pdbx_struct_conn_angle.ptnr3_label_asym_id 
_pdbx_struct_conn_angle.ptnr3_label_comp_id 
_pdbx_struct_conn_angle.ptnr3_label_seq_id 
_pdbx_struct_conn_angle.ptnr3_auth_atom_id 
_pdbx_struct_conn_angle.ptnr3_auth_asym_id 
_pdbx_struct_conn_angle.ptnr3_auth_comp_id 
_pdbx_struct_conn_angle.ptnr3_auth_seq_id 
_pdbx_struct_conn_angle.ptnr3_PDB_ins_code 
_pdbx_struct_conn_angle.ptnr3_symmetry 
_pdbx_struct_conn_angle.value 
_pdbx_struct_conn_angle.value_esd 
1  OE1 ? A GLU 105 ? A GLU 104 ? 1_555 ZN ? B ZN . ? A ZN 300 ? 1_555 OE2 ? A GLU 105 ? A GLU 104 ? 1_555 51.5  ? 
2  OE1 ? A GLU 105 ? A GLU 104 ? 1_555 ZN ? B ZN . ? A ZN 300 ? 1_555 OE1 ? A GLU 135 ? A GLU 134 ? 1_555 92.3  ? 
3  OE2 ? A GLU 105 ? A GLU 104 ? 1_555 ZN ? B ZN . ? A ZN 300 ? 1_555 OE1 ? A GLU 135 ? A GLU 134 ? 1_555 132.8 ? 
4  OE1 ? A GLU 105 ? A GLU 104 ? 1_555 ZN ? B ZN . ? A ZN 300 ? 1_555 ND1 ? A HIS 138 ? A HIS 137 ? 1_555 109.5 ? 
5  OE2 ? A GLU 105 ? A GLU 104 ? 1_555 ZN ? B ZN . ? A ZN 300 ? 1_555 ND1 ? A HIS 138 ? A HIS 137 ? 1_555 109.2 ? 
6  OE1 ? A GLU 135 ? A GLU 134 ? 1_555 ZN ? B ZN . ? A ZN 300 ? 1_555 ND1 ? A HIS 138 ? A HIS 137 ? 1_555 111.6 ? 
7  OE1 ? A GLU 105 ? A GLU 104 ? 1_555 ZN ? B ZN . ? A ZN 300 ? 1_555 N1  ? C IMD .   ? A IMD 301 ? 1_555 121.7 ? 
8  OE2 ? A GLU 105 ? A GLU 104 ? 1_555 ZN ? B ZN . ? A ZN 300 ? 1_555 N1  ? C IMD .   ? A IMD 301 ? 1_555 73.5  ? 
9  OE1 ? A GLU 135 ? A GLU 134 ? 1_555 ZN ? B ZN . ? A ZN 300 ? 1_555 N1  ? C IMD .   ? A IMD 301 ? 1_555 116.4 ? 
10 ND1 ? A HIS 138 ? A HIS 137 ? 1_555 ZN ? B ZN . ? A ZN 300 ? 1_555 N1  ? C IMD .   ? A IMD 301 ? 1_555 105.0 ? 
# 
loop_
_pdbx_modification_feature.ordinal 
_pdbx_modification_feature.label_comp_id 
_pdbx_modification_feature.label_asym_id 
_pdbx_modification_feature.label_seq_id 
_pdbx_modification_feature.label_alt_id 
_pdbx_modification_feature.modified_residue_label_comp_id 
_pdbx_modification_feature.modified_residue_label_asym_id 
_pdbx_modification_feature.modified_residue_label_seq_id 
_pdbx_modification_feature.modified_residue_label_alt_id 
_pdbx_modification_feature.auth_comp_id 
_pdbx_modification_feature.auth_asym_id 
_pdbx_modification_feature.auth_seq_id 
_pdbx_modification_feature.PDB_ins_code 
_pdbx_modification_feature.symmetry 
_pdbx_modification_feature.modified_residue_auth_comp_id 
_pdbx_modification_feature.modified_residue_auth_asym_id 
_pdbx_modification_feature.modified_residue_auth_seq_id 
_pdbx_modification_feature.modified_residue_PDB_ins_code 
_pdbx_modification_feature.modified_residue_symmetry 
_pdbx_modification_feature.comp_id_linking_atom 
_pdbx_modification_feature.modified_residue_id_linking_atom 
_pdbx_modification_feature.modified_residue_id 
_pdbx_modification_feature.ref_pcm_id 
_pdbx_modification_feature.ref_comp_id 
_pdbx_modification_feature.type 
_pdbx_modification_feature.category 
1 MSE A 30  ? . . . . MSE A 29  ? 1_555 . . . . . . . MET 1 MSE Selenomethionine 'Named protein modification' 
2 MSE A 31  ? . . . . MSE A 30  ? 1_555 . . . . . . . MET 1 MSE Selenomethionine 'Named protein modification' 
3 MSE A 46  ? . . . . MSE A 45  ? 1_555 . . . . . . . MET 1 MSE Selenomethionine 'Named protein modification' 
4 MSE A 70  ? . . . . MSE A 69  ? 1_555 . . . . . . . MET 1 MSE Selenomethionine 'Named protein modification' 
5 MSE A 92  ? . . . . MSE A 91  ? 1_555 . . . . . . . MET 1 MSE Selenomethionine 'Named protein modification' 
6 MSE A 109 ? . . . . MSE A 108 ? 1_555 . . . . . . . MET 1 MSE Selenomethionine 'Named protein modification' 
# 
_struct_mon_prot_cis.pdbx_id                1 
_struct_mon_prot_cis.label_comp_id          VAL 
_struct_mon_prot_cis.label_seq_id           82 
_struct_mon_prot_cis.label_asym_id          A 
_struct_mon_prot_cis.label_alt_id           . 
_struct_mon_prot_cis.pdbx_PDB_ins_code      ? 
_struct_mon_prot_cis.auth_comp_id           VAL 
_struct_mon_prot_cis.auth_seq_id            81 
_struct_mon_prot_cis.auth_asym_id           A 
_struct_mon_prot_cis.pdbx_label_comp_id_2   GLY 
_struct_mon_prot_cis.pdbx_label_seq_id_2    83 
_struct_mon_prot_cis.pdbx_label_asym_id_2   A 
_struct_mon_prot_cis.pdbx_PDB_ins_code_2    ? 
_struct_mon_prot_cis.pdbx_auth_comp_id_2    GLY 
_struct_mon_prot_cis.pdbx_auth_seq_id_2     82 
_struct_mon_prot_cis.pdbx_auth_asym_id_2    A 
_struct_mon_prot_cis.pdbx_PDB_model_num     1 
_struct_mon_prot_cis.pdbx_omega_angle       -10.66 
# 
loop_
_struct_site.id 
_struct_site.pdbx_evidence_code 
_struct_site.pdbx_auth_asym_id 
_struct_site.pdbx_auth_comp_id 
_struct_site.pdbx_auth_seq_id 
_struct_site.pdbx_auth_ins_code 
_struct_site.pdbx_num_residues 
_struct_site.details 
AC1 Software A ZN  300 ? 5  'BINDING SITE FOR RESIDUE ZN A 300'  
AC2 Software A IMD 301 ? 10 'BINDING SITE FOR RESIDUE IMD A 301' 
AC3 Software A PGE 302 ? 2  'BINDING SITE FOR RESIDUE PGE A 302' 
AC4 Software A PGE 303 ? 5  'BINDING SITE FOR RESIDUE PGE A 303' 
# 
loop_
_struct_site_gen.id 
_struct_site_gen.site_id 
_struct_site_gen.pdbx_num_res 
_struct_site_gen.label_comp_id 
_struct_site_gen.label_asym_id 
_struct_site_gen.label_seq_id 
_struct_site_gen.pdbx_auth_ins_code 
_struct_site_gen.auth_comp_id 
_struct_site_gen.auth_asym_id 
_struct_site_gen.auth_seq_id 
_struct_site_gen.label_atom_id 
_struct_site_gen.label_alt_id 
_struct_site_gen.symmetry 
_struct_site_gen.details 
1  AC1 5  MSE A 46  ? MSE A 45  . ? 1_555 ? 
2  AC1 5  GLU A 105 ? GLU A 104 . ? 1_555 ? 
3  AC1 5  GLU A 135 ? GLU A 134 . ? 1_555 ? 
4  AC1 5  HIS A 138 ? HIS A 137 . ? 1_555 ? 
5  AC1 5  IMD C .   ? IMD A 301 . ? 1_555 ? 
6  AC2 10 GLU A 17  ? GLU A 16  . ? 1_555 ? 
7  AC2 10 ALA A 20  ? ALA A 19  . ? 1_555 ? 
8  AC2 10 TYR A 24  ? TYR A 23  . ? 1_555 ? 
9  AC2 10 MSE A 46  ? MSE A 45  . ? 1_555 ? 
10 AC2 10 PHE A 49  ? PHE A 48  . ? 1_555 ? 
11 AC2 10 SER A 50  ? SER A 49  . ? 1_555 ? 
12 AC2 10 GLU A 105 ? GLU A 104 . ? 1_555 ? 
13 AC2 10 GLU A 135 ? GLU A 134 . ? 1_555 ? 
14 AC2 10 HIS A 138 ? HIS A 137 . ? 1_555 ? 
15 AC2 10 ZN  B .   ? ZN  A 300 . ? 1_555 ? 
16 AC3 2  LYS A 113 ? LYS A 112 . ? 1_555 ? 
17 AC3 2  ALA A 132 ? ALA A 131 . ? 1_555 ? 
18 AC4 5  ILE A 106 ? ILE A 105 . ? 1_555 ? 
19 AC4 5  ALA A 136 ? ALA A 135 . ? 1_555 ? 
20 AC4 5  VAL A 139 ? VAL A 138 . ? 3_655 ? 
21 AC4 5  VAL A 139 ? VAL A 138 . ? 1_555 ? 
22 AC4 5  VAL A 140 ? VAL A 139 . ? 1_555 ? 
# 
_pdbx_entry_details.entry_id                   2OH3 
_pdbx_entry_details.compound_details           ? 
_pdbx_entry_details.source_details             ? 
_pdbx_entry_details.nonpolymer_details         ? 
_pdbx_entry_details.sequence_details           ? 
_pdbx_entry_details.has_ligand_of_interest     ? 
_pdbx_entry_details.has_protein_modification   Y 
# 
_pdbx_validate_rmsd_bond.id                        1 
_pdbx_validate_rmsd_bond.PDB_model_num             1 
_pdbx_validate_rmsd_bond.auth_atom_id_1            SE 
_pdbx_validate_rmsd_bond.auth_asym_id_1            A 
_pdbx_validate_rmsd_bond.auth_comp_id_1            MSE 
_pdbx_validate_rmsd_bond.auth_seq_id_1             45 
_pdbx_validate_rmsd_bond.PDB_ins_code_1            ? 
_pdbx_validate_rmsd_bond.label_alt_id_1            ? 
_pdbx_validate_rmsd_bond.auth_atom_id_2            CE 
_pdbx_validate_rmsd_bond.auth_asym_id_2            A 
_pdbx_validate_rmsd_bond.auth_comp_id_2            MSE 
_pdbx_validate_rmsd_bond.auth_seq_id_2             45 
_pdbx_validate_rmsd_bond.PDB_ins_code_2            ? 
_pdbx_validate_rmsd_bond.label_alt_id_2            ? 
_pdbx_validate_rmsd_bond.bond_value                1.541 
_pdbx_validate_rmsd_bond.bond_target_value         1.950 
_pdbx_validate_rmsd_bond.bond_deviation            -0.409 
_pdbx_validate_rmsd_bond.bond_standard_deviation   0.059 
_pdbx_validate_rmsd_bond.linker_flag               N 
# 
loop_
_pdbx_validate_torsion.id 
_pdbx_validate_torsion.PDB_model_num 
_pdbx_validate_torsion.auth_comp_id 
_pdbx_validate_torsion.auth_asym_id 
_pdbx_validate_torsion.auth_seq_id 
_pdbx_validate_torsion.PDB_ins_code 
_pdbx_validate_torsion.label_alt_id 
_pdbx_validate_torsion.phi 
_pdbx_validate_torsion.psi 
1 1 TYR A 73  ? ? -144.36 -23.05  
2 1 GLU A 80  ? ? -100.32 75.79   
3 1 ASP A 83  ? ? 93.41   -8.34   
4 1 ILE A 153 ? ? -64.95  -179.27 
# 
_pdbx_SG_project.project_name          'PSI, Protein Structure Initiative' 
_pdbx_SG_project.full_name_of_center   'Joint Center for Structural Genomics' 
_pdbx_SG_project.id                    1 
_pdbx_SG_project.initial_of_center     JCSG 
# 
loop_
_pdbx_struct_mod_residue.id 
_pdbx_struct_mod_residue.label_asym_id 
_pdbx_struct_mod_residue.label_comp_id 
_pdbx_struct_mod_residue.label_seq_id 
_pdbx_struct_mod_residue.auth_asym_id 
_pdbx_struct_mod_residue.auth_comp_id 
_pdbx_struct_mod_residue.auth_seq_id 
_pdbx_struct_mod_residue.PDB_ins_code 
_pdbx_struct_mod_residue.parent_comp_id 
_pdbx_struct_mod_residue.details 
1 A MSE 30  A MSE 29  ? MET SELENOMETHIONINE 
2 A MSE 31  A MSE 30  ? MET SELENOMETHIONINE 
3 A MSE 46  A MSE 45  ? MET SELENOMETHIONINE 
4 A MSE 70  A MSE 69  ? MET SELENOMETHIONINE 
5 A MSE 92  A MSE 91  ? MET SELENOMETHIONINE 
6 A MSE 109 A MSE 108 ? MET SELENOMETHIONINE 
# 
_pdbx_refine_tls.id               1 
_pdbx_refine_tls.details          ? 
_pdbx_refine_tls.method           refined 
_pdbx_refine_tls.origin_x         0.0013 
_pdbx_refine_tls.origin_y         0.1671 
_pdbx_refine_tls.origin_z         0.1764 
_pdbx_refine_tls.T[1][1]          -0.1252 
_pdbx_refine_tls.T[2][2]          -0.1795 
_pdbx_refine_tls.T[3][3]          -0.1546 
_pdbx_refine_tls.T[1][2]          -0.0236 
_pdbx_refine_tls.T[1][3]          0.0285 
_pdbx_refine_tls.T[2][3]          0.0196 
_pdbx_refine_tls.L[1][1]          5.0663 
_pdbx_refine_tls.L[2][2]          2.0666 
_pdbx_refine_tls.L[3][3]          1.4155 
_pdbx_refine_tls.L[1][2]          -1.2503 
_pdbx_refine_tls.L[1][3]          -0.7641 
_pdbx_refine_tls.L[2][3]          0.2664 
_pdbx_refine_tls.S[1][1]          -0.0356 
_pdbx_refine_tls.S[1][2]          -0.1370 
_pdbx_refine_tls.S[1][3]          -0.2192 
_pdbx_refine_tls.S[2][1]          0.1588 
_pdbx_refine_tls.S[2][2]          0.0159 
_pdbx_refine_tls.S[2][3]          0.1661 
_pdbx_refine_tls.S[3][1]          0.0593 
_pdbx_refine_tls.S[3][2]          0.0161 
_pdbx_refine_tls.S[3][3]          0.0197 
_pdbx_refine_tls.pdbx_refine_id   'X-RAY DIFFRACTION' 
# 
_pdbx_refine_tls_group.id                  1 
_pdbx_refine_tls_group.refine_tls_id       1 
_pdbx_refine_tls_group.beg_auth_asym_id    A 
_pdbx_refine_tls_group.beg_auth_seq_id     3 
_pdbx_refine_tls_group.beg_label_asym_id   A 
_pdbx_refine_tls_group.beg_label_seq_id    4 
_pdbx_refine_tls_group.end_auth_asym_id    A 
_pdbx_refine_tls_group.end_auth_seq_id     153 
_pdbx_refine_tls_group.end_label_asym_id   A 
_pdbx_refine_tls_group.end_label_seq_id    154 
_pdbx_refine_tls_group.selection           ? 
_pdbx_refine_tls_group.pdbx_refine_id      'X-RAY DIFFRACTION' 
_pdbx_refine_tls_group.selection_details   ? 
# 
_phasing.method   MAD 
# 
loop_
_pdbx_database_remark.id 
_pdbx_database_remark.text 
300 
;
BIOMOLECULE: 1
THIS ENTRY CONTAINS THE CRYSTALLOGRAPHIC ASYMMETRIC UNIT
WHICH CONSISTS OF 1 CHAIN(S). SEE REMARK 350 FOR
INFORMATION ON GENERATING THE BIOLOGICAL MOLECULE(S).
AUTHORS STATE THAT STATIC LIGHT SCATTERING WITH ANALYTICAL 
SIZE EXCLUSION CHROMATOGRAPHY MEASUREMENTS INDICATE THAT 
THE DIMER IS A BIOLOGICALLY SIGNIFICANT OLIGOMERIZATION 
STATE IN SOLUTION
;
999 
;
SEQUENCE
(1) THE CONSTRUCT WAS EXPRESSED WITH AN N-TERMINAL
PURIFICATION TAG MGSDKIHHHHHHENLYFQG. THE TAG WAS
REMOVED WITH TEV PROTEASE, LEAVING ONLY A GLYCINE (0),
FOLLOWED BY THE TARGET SEQUENCE.
(2) THE SEQUENCE OF THIS PROTEIN WAS NOT AVAILABLE
AT THE UNIPROT DATABASE AT THE TIME OF DEPOSITION.
(3) THE SEQUENCE IS AVAILABLE FROM GENBANK UNDER
ACCESSION ID ZP_00055496.1 AND FROM THE UNIPROT
ARCHIVE UNDER ACCESSION ID UPI00003846C6
;
# 
loop_
_pdbx_unobs_or_zero_occ_residues.id 
_pdbx_unobs_or_zero_occ_residues.PDB_model_num 
_pdbx_unobs_or_zero_occ_residues.polymer_flag 
_pdbx_unobs_or_zero_occ_residues.occupancy_flag 
_pdbx_unobs_or_zero_occ_residues.auth_asym_id 
_pdbx_unobs_or_zero_occ_residues.auth_comp_id 
_pdbx_unobs_or_zero_occ_residues.auth_seq_id 
_pdbx_unobs_or_zero_occ_residues.PDB_ins_code 
_pdbx_unobs_or_zero_occ_residues.label_asym_id 
_pdbx_unobs_or_zero_occ_residues.label_comp_id 
_pdbx_unobs_or_zero_occ_residues.label_seq_id 
1  1 Y 1 A GLY 0   ? A GLY 1   
2  1 Y 1 A MSE 1   ? A MSE 2   
3  1 Y 1 A GLY 2   ? A GLY 3   
4  1 Y 1 A ASN 85  ? A ASN 86  
5  1 Y 1 A ASP 86  ? A ASP 87  
6  1 Y 1 A ILE 87  ? A ILE 88  
7  1 Y 1 A TRP 155 ? A TRP 156 
8  1 Y 1 A SER 156 ? A SER 157 
9  1 Y 1 A GLU 157 ? A GLU 158 
10 1 Y 1 A ASP 158 ? A ASP 159 
11 1 Y 1 A ALA 159 ? A ALA 160 
12 1 Y 1 A ASP 160 ? A ASP 161 
13 1 Y 1 A PRO 161 ? A PRO 162 
14 1 Y 1 A ALA 162 ? A ALA 163 
15 1 Y 1 A GLN 163 ? A GLN 164 
16 1 Y 1 A CYS 164 ? A CYS 165 
17 1 Y 1 A VAL 165 ? A VAL 166 
18 1 Y 1 A ASP 166 ? A ASP 167 
# 
loop_
_chem_comp_atom.comp_id 
_chem_comp_atom.atom_id 
_chem_comp_atom.type_symbol 
_chem_comp_atom.pdbx_aromatic_flag 
_chem_comp_atom.pdbx_stereo_config 
_chem_comp_atom.pdbx_ordinal 
ALA N    N  N N 1   
ALA CA   C  N S 2   
ALA C    C  N N 3   
ALA O    O  N N 4   
ALA CB   C  N N 5   
ALA OXT  O  N N 6   
ALA H    H  N N 7   
ALA H2   H  N N 8   
ALA HA   H  N N 9   
ALA HB1  H  N N 10  
ALA HB2  H  N N 11  
ALA HB3  H  N N 12  
ALA HXT  H  N N 13  
ARG N    N  N N 14  
ARG CA   C  N S 15  
ARG C    C  N N 16  
ARG O    O  N N 17  
ARG CB   C  N N 18  
ARG CG   C  N N 19  
ARG CD   C  N N 20  
ARG NE   N  N N 21  
ARG CZ   C  N N 22  
ARG NH1  N  N N 23  
ARG NH2  N  N N 24  
ARG OXT  O  N N 25  
ARG H    H  N N 26  
ARG H2   H  N N 27  
ARG HA   H  N N 28  
ARG HB2  H  N N 29  
ARG HB3  H  N N 30  
ARG HG2  H  N N 31  
ARG HG3  H  N N 32  
ARG HD2  H  N N 33  
ARG HD3  H  N N 34  
ARG HE   H  N N 35  
ARG HH11 H  N N 36  
ARG HH12 H  N N 37  
ARG HH21 H  N N 38  
ARG HH22 H  N N 39  
ARG HXT  H  N N 40  
ASN N    N  N N 41  
ASN CA   C  N S 42  
ASN C    C  N N 43  
ASN O    O  N N 44  
ASN CB   C  N N 45  
ASN CG   C  N N 46  
ASN OD1  O  N N 47  
ASN ND2  N  N N 48  
ASN OXT  O  N N 49  
ASN H    H  N N 50  
ASN H2   H  N N 51  
ASN HA   H  N N 52  
ASN HB2  H  N N 53  
ASN HB3  H  N N 54  
ASN HD21 H  N N 55  
ASN HD22 H  N N 56  
ASN HXT  H  N N 57  
ASP N    N  N N 58  
ASP CA   C  N S 59  
ASP C    C  N N 60  
ASP O    O  N N 61  
ASP CB   C  N N 62  
ASP CG   C  N N 63  
ASP OD1  O  N N 64  
ASP OD2  O  N N 65  
ASP OXT  O  N N 66  
ASP H    H  N N 67  
ASP H2   H  N N 68  
ASP HA   H  N N 69  
ASP HB2  H  N N 70  
ASP HB3  H  N N 71  
ASP HD2  H  N N 72  
ASP HXT  H  N N 73  
CYS N    N  N N 74  
CYS CA   C  N R 75  
CYS C    C  N N 76  
CYS O    O  N N 77  
CYS CB   C  N N 78  
CYS SG   S  N N 79  
CYS OXT  O  N N 80  
CYS H    H  N N 81  
CYS H2   H  N N 82  
CYS HA   H  N N 83  
CYS HB2  H  N N 84  
CYS HB3  H  N N 85  
CYS HG   H  N N 86  
CYS HXT  H  N N 87  
GLN N    N  N N 88  
GLN CA   C  N S 89  
GLN C    C  N N 90  
GLN O    O  N N 91  
GLN CB   C  N N 92  
GLN CG   C  N N 93  
GLN CD   C  N N 94  
GLN OE1  O  N N 95  
GLN NE2  N  N N 96  
GLN OXT  O  N N 97  
GLN H    H  N N 98  
GLN H2   H  N N 99  
GLN HA   H  N N 100 
GLN HB2  H  N N 101 
GLN HB3  H  N N 102 
GLN HG2  H  N N 103 
GLN HG3  H  N N 104 
GLN HE21 H  N N 105 
GLN HE22 H  N N 106 
GLN HXT  H  N N 107 
GLU N    N  N N 108 
GLU CA   C  N S 109 
GLU C    C  N N 110 
GLU O    O  N N 111 
GLU CB   C  N N 112 
GLU CG   C  N N 113 
GLU CD   C  N N 114 
GLU OE1  O  N N 115 
GLU OE2  O  N N 116 
GLU OXT  O  N N 117 
GLU H    H  N N 118 
GLU H2   H  N N 119 
GLU HA   H  N N 120 
GLU HB2  H  N N 121 
GLU HB3  H  N N 122 
GLU HG2  H  N N 123 
GLU HG3  H  N N 124 
GLU HE2  H  N N 125 
GLU HXT  H  N N 126 
GLY N    N  N N 127 
GLY CA   C  N N 128 
GLY C    C  N N 129 
GLY O    O  N N 130 
GLY OXT  O  N N 131 
GLY H    H  N N 132 
GLY H2   H  N N 133 
GLY HA2  H  N N 134 
GLY HA3  H  N N 135 
GLY HXT  H  N N 136 
HIS N    N  N N 137 
HIS CA   C  N S 138 
HIS C    C  N N 139 
HIS O    O  N N 140 
HIS CB   C  N N 141 
HIS CG   C  Y N 142 
HIS ND1  N  Y N 143 
HIS CD2  C  Y N 144 
HIS CE1  C  Y N 145 
HIS NE2  N  Y N 146 
HIS OXT  O  N N 147 
HIS H    H  N N 148 
HIS H2   H  N N 149 
HIS HA   H  N N 150 
HIS HB2  H  N N 151 
HIS HB3  H  N N 152 
HIS HD1  H  N N 153 
HIS HD2  H  N N 154 
HIS HE1  H  N N 155 
HIS HE2  H  N N 156 
HIS HXT  H  N N 157 
HOH O    O  N N 158 
HOH H1   H  N N 159 
HOH H2   H  N N 160 
ILE N    N  N N 161 
ILE CA   C  N S 162 
ILE C    C  N N 163 
ILE O    O  N N 164 
ILE CB   C  N S 165 
ILE CG1  C  N N 166 
ILE CG2  C  N N 167 
ILE CD1  C  N N 168 
ILE OXT  O  N N 169 
ILE H    H  N N 170 
ILE H2   H  N N 171 
ILE HA   H  N N 172 
ILE HB   H  N N 173 
ILE HG12 H  N N 174 
ILE HG13 H  N N 175 
ILE HG21 H  N N 176 
ILE HG22 H  N N 177 
ILE HG23 H  N N 178 
ILE HD11 H  N N 179 
ILE HD12 H  N N 180 
ILE HD13 H  N N 181 
ILE HXT  H  N N 182 
IMD N1   N  Y N 183 
IMD C2   C  Y N 184 
IMD N3   N  Y N 185 
IMD C4   C  Y N 186 
IMD C5   C  Y N 187 
IMD HN1  H  N N 188 
IMD H2   H  N N 189 
IMD HN3  H  N N 190 
IMD H4   H  N N 191 
IMD H5   H  N N 192 
LEU N    N  N N 193 
LEU CA   C  N S 194 
LEU C    C  N N 195 
LEU O    O  N N 196 
LEU CB   C  N N 197 
LEU CG   C  N N 198 
LEU CD1  C  N N 199 
LEU CD2  C  N N 200 
LEU OXT  O  N N 201 
LEU H    H  N N 202 
LEU H2   H  N N 203 
LEU HA   H  N N 204 
LEU HB2  H  N N 205 
LEU HB3  H  N N 206 
LEU HG   H  N N 207 
LEU HD11 H  N N 208 
LEU HD12 H  N N 209 
LEU HD13 H  N N 210 
LEU HD21 H  N N 211 
LEU HD22 H  N N 212 
LEU HD23 H  N N 213 
LEU HXT  H  N N 214 
LYS N    N  N N 215 
LYS CA   C  N S 216 
LYS C    C  N N 217 
LYS O    O  N N 218 
LYS CB   C  N N 219 
LYS CG   C  N N 220 
LYS CD   C  N N 221 
LYS CE   C  N N 222 
LYS NZ   N  N N 223 
LYS OXT  O  N N 224 
LYS H    H  N N 225 
LYS H2   H  N N 226 
LYS HA   H  N N 227 
LYS HB2  H  N N 228 
LYS HB3  H  N N 229 
LYS HG2  H  N N 230 
LYS HG3  H  N N 231 
LYS HD2  H  N N 232 
LYS HD3  H  N N 233 
LYS HE2  H  N N 234 
LYS HE3  H  N N 235 
LYS HZ1  H  N N 236 
LYS HZ2  H  N N 237 
LYS HZ3  H  N N 238 
LYS HXT  H  N N 239 
MSE N    N  N N 240 
MSE CA   C  N S 241 
MSE C    C  N N 242 
MSE O    O  N N 243 
MSE OXT  O  N N 244 
MSE CB   C  N N 245 
MSE CG   C  N N 246 
MSE SE   SE N N 247 
MSE CE   C  N N 248 
MSE H    H  N N 249 
MSE H2   H  N N 250 
MSE HA   H  N N 251 
MSE HXT  H  N N 252 
MSE HB2  H  N N 253 
MSE HB3  H  N N 254 
MSE HG2  H  N N 255 
MSE HG3  H  N N 256 
MSE HE1  H  N N 257 
MSE HE2  H  N N 258 
MSE HE3  H  N N 259 
PGE C1   C  N N 260 
PGE O1   O  N N 261 
PGE C2   C  N N 262 
PGE O2   O  N N 263 
PGE C3   C  N N 264 
PGE C4   C  N N 265 
PGE O4   O  N N 266 
PGE C6   C  N N 267 
PGE C5   C  N N 268 
PGE O3   O  N N 269 
PGE H1   H  N N 270 
PGE H12  H  N N 271 
PGE HO1  H  N N 272 
PGE H2   H  N N 273 
PGE H22  H  N N 274 
PGE H3   H  N N 275 
PGE H32  H  N N 276 
PGE H4   H  N N 277 
PGE H42  H  N N 278 
PGE HO4  H  N N 279 
PGE H6   H  N N 280 
PGE H62  H  N N 281 
PGE H5   H  N N 282 
PGE H52  H  N N 283 
PHE N    N  N N 284 
PHE CA   C  N S 285 
PHE C    C  N N 286 
PHE O    O  N N 287 
PHE CB   C  N N 288 
PHE CG   C  Y N 289 
PHE CD1  C  Y N 290 
PHE CD2  C  Y N 291 
PHE CE1  C  Y N 292 
PHE CE2  C  Y N 293 
PHE CZ   C  Y N 294 
PHE OXT  O  N N 295 
PHE H    H  N N 296 
PHE H2   H  N N 297 
PHE HA   H  N N 298 
PHE HB2  H  N N 299 
PHE HB3  H  N N 300 
PHE HD1  H  N N 301 
PHE HD2  H  N N 302 
PHE HE1  H  N N 303 
PHE HE2  H  N N 304 
PHE HZ   H  N N 305 
PHE HXT  H  N N 306 
PRO N    N  N N 307 
PRO CA   C  N S 308 
PRO C    C  N N 309 
PRO O    O  N N 310 
PRO CB   C  N N 311 
PRO CG   C  N N 312 
PRO CD   C  N N 313 
PRO OXT  O  N N 314 
PRO H    H  N N 315 
PRO HA   H  N N 316 
PRO HB2  H  N N 317 
PRO HB3  H  N N 318 
PRO HG2  H  N N 319 
PRO HG3  H  N N 320 
PRO HD2  H  N N 321 
PRO HD3  H  N N 322 
PRO HXT  H  N N 323 
SER N    N  N N 324 
SER CA   C  N S 325 
SER C    C  N N 326 
SER O    O  N N 327 
SER CB   C  N N 328 
SER OG   O  N N 329 
SER OXT  O  N N 330 
SER H    H  N N 331 
SER H2   H  N N 332 
SER HA   H  N N 333 
SER HB2  H  N N 334 
SER HB3  H  N N 335 
SER HG   H  N N 336 
SER HXT  H  N N 337 
THR N    N  N N 338 
THR CA   C  N S 339 
THR C    C  N N 340 
THR O    O  N N 341 
THR CB   C  N R 342 
THR OG1  O  N N 343 
THR CG2  C  N N 344 
THR OXT  O  N N 345 
THR H    H  N N 346 
THR H2   H  N N 347 
THR HA   H  N N 348 
THR HB   H  N N 349 
THR HG1  H  N N 350 
THR HG21 H  N N 351 
THR HG22 H  N N 352 
THR HG23 H  N N 353 
THR HXT  H  N N 354 
TRP N    N  N N 355 
TRP CA   C  N S 356 
TRP C    C  N N 357 
TRP O    O  N N 358 
TRP CB   C  N N 359 
TRP CG   C  Y N 360 
TRP CD1  C  Y N 361 
TRP CD2  C  Y N 362 
TRP NE1  N  Y N 363 
TRP CE2  C  Y N 364 
TRP CE3  C  Y N 365 
TRP CZ2  C  Y N 366 
TRP CZ3  C  Y N 367 
TRP CH2  C  Y N 368 
TRP OXT  O  N N 369 
TRP H    H  N N 370 
TRP H2   H  N N 371 
TRP HA   H  N N 372 
TRP HB2  H  N N 373 
TRP HB3  H  N N 374 
TRP HD1  H  N N 375 
TRP HE1  H  N N 376 
TRP HE3  H  N N 377 
TRP HZ2  H  N N 378 
TRP HZ3  H  N N 379 
TRP HH2  H  N N 380 
TRP HXT  H  N N 381 
TYR N    N  N N 382 
TYR CA   C  N S 383 
TYR C    C  N N 384 
TYR O    O  N N 385 
TYR CB   C  N N 386 
TYR CG   C  Y N 387 
TYR CD1  C  Y N 388 
TYR CD2  C  Y N 389 
TYR CE1  C  Y N 390 
TYR CE2  C  Y N 391 
TYR CZ   C  Y N 392 
TYR OH   O  N N 393 
TYR OXT  O  N N 394 
TYR H    H  N N 395 
TYR H2   H  N N 396 
TYR HA   H  N N 397 
TYR HB2  H  N N 398 
TYR HB3  H  N N 399 
TYR HD1  H  N N 400 
TYR HD2  H  N N 401 
TYR HE1  H  N N 402 
TYR HE2  H  N N 403 
TYR HH   H  N N 404 
TYR HXT  H  N N 405 
VAL N    N  N N 406 
VAL CA   C  N S 407 
VAL C    C  N N 408 
VAL O    O  N N 409 
VAL CB   C  N N 410 
VAL CG1  C  N N 411 
VAL CG2  C  N N 412 
VAL OXT  O  N N 413 
VAL H    H  N N 414 
VAL H2   H  N N 415 
VAL HA   H  N N 416 
VAL HB   H  N N 417 
VAL HG11 H  N N 418 
VAL HG12 H  N N 419 
VAL HG13 H  N N 420 
VAL HG21 H  N N 421 
VAL HG22 H  N N 422 
VAL HG23 H  N N 423 
VAL HXT  H  N N 424 
ZN  ZN   ZN N N 425 
# 
loop_
_chem_comp_bond.comp_id 
_chem_comp_bond.atom_id_1 
_chem_comp_bond.atom_id_2 
_chem_comp_bond.value_order 
_chem_comp_bond.pdbx_aromatic_flag 
_chem_comp_bond.pdbx_stereo_config 
_chem_comp_bond.pdbx_ordinal 
ALA N   CA   sing N N 1   
ALA N   H    sing N N 2   
ALA N   H2   sing N N 3   
ALA CA  C    sing N N 4   
ALA CA  CB   sing N N 5   
ALA CA  HA   sing N N 6   
ALA C   O    doub N N 7   
ALA C   OXT  sing N N 8   
ALA CB  HB1  sing N N 9   
ALA CB  HB2  sing N N 10  
ALA CB  HB3  sing N N 11  
ALA OXT HXT  sing N N 12  
ARG N   CA   sing N N 13  
ARG N   H    sing N N 14  
ARG N   H2   sing N N 15  
ARG CA  C    sing N N 16  
ARG CA  CB   sing N N 17  
ARG CA  HA   sing N N 18  
ARG C   O    doub N N 19  
ARG C   OXT  sing N N 20  
ARG CB  CG   sing N N 21  
ARG CB  HB2  sing N N 22  
ARG CB  HB3  sing N N 23  
ARG CG  CD   sing N N 24  
ARG CG  HG2  sing N N 25  
ARG CG  HG3  sing N N 26  
ARG CD  NE   sing N N 27  
ARG CD  HD2  sing N N 28  
ARG CD  HD3  sing N N 29  
ARG NE  CZ   sing N N 30  
ARG NE  HE   sing N N 31  
ARG CZ  NH1  sing N N 32  
ARG CZ  NH2  doub N N 33  
ARG NH1 HH11 sing N N 34  
ARG NH1 HH12 sing N N 35  
ARG NH2 HH21 sing N N 36  
ARG NH2 HH22 sing N N 37  
ARG OXT HXT  sing N N 38  
ASN N   CA   sing N N 39  
ASN N   H    sing N N 40  
ASN N   H2   sing N N 41  
ASN CA  C    sing N N 42  
ASN CA  CB   sing N N 43  
ASN CA  HA   sing N N 44  
ASN C   O    doub N N 45  
ASN C   OXT  sing N N 46  
ASN CB  CG   sing N N 47  
ASN CB  HB2  sing N N 48  
ASN CB  HB3  sing N N 49  
ASN CG  OD1  doub N N 50  
ASN CG  ND2  sing N N 51  
ASN ND2 HD21 sing N N 52  
ASN ND2 HD22 sing N N 53  
ASN OXT HXT  sing N N 54  
ASP N   CA   sing N N 55  
ASP N   H    sing N N 56  
ASP N   H2   sing N N 57  
ASP CA  C    sing N N 58  
ASP CA  CB   sing N N 59  
ASP CA  HA   sing N N 60  
ASP C   O    doub N N 61  
ASP C   OXT  sing N N 62  
ASP CB  CG   sing N N 63  
ASP CB  HB2  sing N N 64  
ASP CB  HB3  sing N N 65  
ASP CG  OD1  doub N N 66  
ASP CG  OD2  sing N N 67  
ASP OD2 HD2  sing N N 68  
ASP OXT HXT  sing N N 69  
CYS N   CA   sing N N 70  
CYS N   H    sing N N 71  
CYS N   H2   sing N N 72  
CYS CA  C    sing N N 73  
CYS CA  CB   sing N N 74  
CYS CA  HA   sing N N 75  
CYS C   O    doub N N 76  
CYS C   OXT  sing N N 77  
CYS CB  SG   sing N N 78  
CYS CB  HB2  sing N N 79  
CYS CB  HB3  sing N N 80  
CYS SG  HG   sing N N 81  
CYS OXT HXT  sing N N 82  
GLN N   CA   sing N N 83  
GLN N   H    sing N N 84  
GLN N   H2   sing N N 85  
GLN CA  C    sing N N 86  
GLN CA  CB   sing N N 87  
GLN CA  HA   sing N N 88  
GLN C   O    doub N N 89  
GLN C   OXT  sing N N 90  
GLN CB  CG   sing N N 91  
GLN CB  HB2  sing N N 92  
GLN CB  HB3  sing N N 93  
GLN CG  CD   sing N N 94  
GLN CG  HG2  sing N N 95  
GLN CG  HG3  sing N N 96  
GLN CD  OE1  doub N N 97  
GLN CD  NE2  sing N N 98  
GLN NE2 HE21 sing N N 99  
GLN NE2 HE22 sing N N 100 
GLN OXT HXT  sing N N 101 
GLU N   CA   sing N N 102 
GLU N   H    sing N N 103 
GLU N   H2   sing N N 104 
GLU CA  C    sing N N 105 
GLU CA  CB   sing N N 106 
GLU CA  HA   sing N N 107 
GLU C   O    doub N N 108 
GLU C   OXT  sing N N 109 
GLU CB  CG   sing N N 110 
GLU CB  HB2  sing N N 111 
GLU CB  HB3  sing N N 112 
GLU CG  CD   sing N N 113 
GLU CG  HG2  sing N N 114 
GLU CG  HG3  sing N N 115 
GLU CD  OE1  doub N N 116 
GLU CD  OE2  sing N N 117 
GLU OE2 HE2  sing N N 118 
GLU OXT HXT  sing N N 119 
GLY N   CA   sing N N 120 
GLY N   H    sing N N 121 
GLY N   H2   sing N N 122 
GLY CA  C    sing N N 123 
GLY CA  HA2  sing N N 124 
GLY CA  HA3  sing N N 125 
GLY C   O    doub N N 126 
GLY C   OXT  sing N N 127 
GLY OXT HXT  sing N N 128 
HIS N   CA   sing N N 129 
HIS N   H    sing N N 130 
HIS N   H2   sing N N 131 
HIS CA  C    sing N N 132 
HIS CA  CB   sing N N 133 
HIS CA  HA   sing N N 134 
HIS C   O    doub N N 135 
HIS C   OXT  sing N N 136 
HIS CB  CG   sing N N 137 
HIS CB  HB2  sing N N 138 
HIS CB  HB3  sing N N 139 
HIS CG  ND1  sing Y N 140 
HIS CG  CD2  doub Y N 141 
HIS ND1 CE1  doub Y N 142 
HIS ND1 HD1  sing N N 143 
HIS CD2 NE2  sing Y N 144 
HIS CD2 HD2  sing N N 145 
HIS CE1 NE2  sing Y N 146 
HIS CE1 HE1  sing N N 147 
HIS NE2 HE2  sing N N 148 
HIS OXT HXT  sing N N 149 
HOH O   H1   sing N N 150 
HOH O   H2   sing N N 151 
ILE N   CA   sing N N 152 
ILE N   H    sing N N 153 
ILE N   H2   sing N N 154 
ILE CA  C    sing N N 155 
ILE CA  CB   sing N N 156 
ILE CA  HA   sing N N 157 
ILE C   O    doub N N 158 
ILE C   OXT  sing N N 159 
ILE CB  CG1  sing N N 160 
ILE CB  CG2  sing N N 161 
ILE CB  HB   sing N N 162 
ILE CG1 CD1  sing N N 163 
ILE CG1 HG12 sing N N 164 
ILE CG1 HG13 sing N N 165 
ILE CG2 HG21 sing N N 166 
ILE CG2 HG22 sing N N 167 
ILE CG2 HG23 sing N N 168 
ILE CD1 HD11 sing N N 169 
ILE CD1 HD12 sing N N 170 
ILE CD1 HD13 sing N N 171 
ILE OXT HXT  sing N N 172 
IMD N1  C2   sing Y N 173 
IMD N1  C5   sing Y N 174 
IMD N1  HN1  sing N N 175 
IMD C2  N3   doub Y N 176 
IMD C2  H2   sing N N 177 
IMD N3  C4   sing Y N 178 
IMD N3  HN3  sing N N 179 
IMD C4  C5   doub Y N 180 
IMD C4  H4   sing N N 181 
IMD C5  H5   sing N N 182 
LEU N   CA   sing N N 183 
LEU N   H    sing N N 184 
LEU N   H2   sing N N 185 
LEU CA  C    sing N N 186 
LEU CA  CB   sing N N 187 
LEU CA  HA   sing N N 188 
LEU C   O    doub N N 189 
LEU C   OXT  sing N N 190 
LEU CB  CG   sing N N 191 
LEU CB  HB2  sing N N 192 
LEU CB  HB3  sing N N 193 
LEU CG  CD1  sing N N 194 
LEU CG  CD2  sing N N 195 
LEU CG  HG   sing N N 196 
LEU CD1 HD11 sing N N 197 
LEU CD1 HD12 sing N N 198 
LEU CD1 HD13 sing N N 199 
LEU CD2 HD21 sing N N 200 
LEU CD2 HD22 sing N N 201 
LEU CD2 HD23 sing N N 202 
LEU OXT HXT  sing N N 203 
LYS N   CA   sing N N 204 
LYS N   H    sing N N 205 
LYS N   H2   sing N N 206 
LYS CA  C    sing N N 207 
LYS CA  CB   sing N N 208 
LYS CA  HA   sing N N 209 
LYS C   O    doub N N 210 
LYS C   OXT  sing N N 211 
LYS CB  CG   sing N N 212 
LYS CB  HB2  sing N N 213 
LYS CB  HB3  sing N N 214 
LYS CG  CD   sing N N 215 
LYS CG  HG2  sing N N 216 
LYS CG  HG3  sing N N 217 
LYS CD  CE   sing N N 218 
LYS CD  HD2  sing N N 219 
LYS CD  HD3  sing N N 220 
LYS CE  NZ   sing N N 221 
LYS CE  HE2  sing N N 222 
LYS CE  HE3  sing N N 223 
LYS NZ  HZ1  sing N N 224 
LYS NZ  HZ2  sing N N 225 
LYS NZ  HZ3  sing N N 226 
LYS OXT HXT  sing N N 227 
MSE N   CA   sing N N 228 
MSE N   H    sing N N 229 
MSE N   H2   sing N N 230 
MSE CA  C    sing N N 231 
MSE CA  CB   sing N N 232 
MSE CA  HA   sing N N 233 
MSE C   O    doub N N 234 
MSE C   OXT  sing N N 235 
MSE OXT HXT  sing N N 236 
MSE CB  CG   sing N N 237 
MSE CB  HB2  sing N N 238 
MSE CB  HB3  sing N N 239 
MSE CG  SE   sing N N 240 
MSE CG  HG2  sing N N 241 
MSE CG  HG3  sing N N 242 
MSE SE  CE   sing N N 243 
MSE CE  HE1  sing N N 244 
MSE CE  HE2  sing N N 245 
MSE CE  HE3  sing N N 246 
PGE C1  O1   sing N N 247 
PGE C1  C2   sing N N 248 
PGE C1  H1   sing N N 249 
PGE C1  H12  sing N N 250 
PGE O1  HO1  sing N N 251 
PGE C2  O2   sing N N 252 
PGE C2  H2   sing N N 253 
PGE C2  H22  sing N N 254 
PGE O2  C3   sing N N 255 
PGE C3  C4   sing N N 256 
PGE C3  H3   sing N N 257 
PGE C3  H32  sing N N 258 
PGE C4  O3   sing N N 259 
PGE C4  H4   sing N N 260 
PGE C4  H42  sing N N 261 
PGE O4  C6   sing N N 262 
PGE O4  HO4  sing N N 263 
PGE C6  C5   sing N N 264 
PGE C6  H6   sing N N 265 
PGE C6  H62  sing N N 266 
PGE C5  O3   sing N N 267 
PGE C5  H5   sing N N 268 
PGE C5  H52  sing N N 269 
PHE N   CA   sing N N 270 
PHE N   H    sing N N 271 
PHE N   H2   sing N N 272 
PHE CA  C    sing N N 273 
PHE CA  CB   sing N N 274 
PHE CA  HA   sing N N 275 
PHE C   O    doub N N 276 
PHE C   OXT  sing N N 277 
PHE CB  CG   sing N N 278 
PHE CB  HB2  sing N N 279 
PHE CB  HB3  sing N N 280 
PHE CG  CD1  doub Y N 281 
PHE CG  CD2  sing Y N 282 
PHE CD1 CE1  sing Y N 283 
PHE CD1 HD1  sing N N 284 
PHE CD2 CE2  doub Y N 285 
PHE CD2 HD2  sing N N 286 
PHE CE1 CZ   doub Y N 287 
PHE CE1 HE1  sing N N 288 
PHE CE2 CZ   sing Y N 289 
PHE CE2 HE2  sing N N 290 
PHE CZ  HZ   sing N N 291 
PHE OXT HXT  sing N N 292 
PRO N   CA   sing N N 293 
PRO N   CD   sing N N 294 
PRO N   H    sing N N 295 
PRO CA  C    sing N N 296 
PRO CA  CB   sing N N 297 
PRO CA  HA   sing N N 298 
PRO C   O    doub N N 299 
PRO C   OXT  sing N N 300 
PRO CB  CG   sing N N 301 
PRO CB  HB2  sing N N 302 
PRO CB  HB3  sing N N 303 
PRO CG  CD   sing N N 304 
PRO CG  HG2  sing N N 305 
PRO CG  HG3  sing N N 306 
PRO CD  HD2  sing N N 307 
PRO CD  HD3  sing N N 308 
PRO OXT HXT  sing N N 309 
SER N   CA   sing N N 310 
SER N   H    sing N N 311 
SER N   H2   sing N N 312 
SER CA  C    sing N N 313 
SER CA  CB   sing N N 314 
SER CA  HA   sing N N 315 
SER C   O    doub N N 316 
SER C   OXT  sing N N 317 
SER CB  OG   sing N N 318 
SER CB  HB2  sing N N 319 
SER CB  HB3  sing N N 320 
SER OG  HG   sing N N 321 
SER OXT HXT  sing N N 322 
THR N   CA   sing N N 323 
THR N   H    sing N N 324 
THR N   H2   sing N N 325 
THR CA  C    sing N N 326 
THR CA  CB   sing N N 327 
THR CA  HA   sing N N 328 
THR C   O    doub N N 329 
THR C   OXT  sing N N 330 
THR CB  OG1  sing N N 331 
THR CB  CG2  sing N N 332 
THR CB  HB   sing N N 333 
THR OG1 HG1  sing N N 334 
THR CG2 HG21 sing N N 335 
THR CG2 HG22 sing N N 336 
THR CG2 HG23 sing N N 337 
THR OXT HXT  sing N N 338 
TRP N   CA   sing N N 339 
TRP N   H    sing N N 340 
TRP N   H2   sing N N 341 
TRP CA  C    sing N N 342 
TRP CA  CB   sing N N 343 
TRP CA  HA   sing N N 344 
TRP C   O    doub N N 345 
TRP C   OXT  sing N N 346 
TRP CB  CG   sing N N 347 
TRP CB  HB2  sing N N 348 
TRP CB  HB3  sing N N 349 
TRP CG  CD1  doub Y N 350 
TRP CG  CD2  sing Y N 351 
TRP CD1 NE1  sing Y N 352 
TRP CD1 HD1  sing N N 353 
TRP CD2 CE2  doub Y N 354 
TRP CD2 CE3  sing Y N 355 
TRP NE1 CE2  sing Y N 356 
TRP NE1 HE1  sing N N 357 
TRP CE2 CZ2  sing Y N 358 
TRP CE3 CZ3  doub Y N 359 
TRP CE3 HE3  sing N N 360 
TRP CZ2 CH2  doub Y N 361 
TRP CZ2 HZ2  sing N N 362 
TRP CZ3 CH2  sing Y N 363 
TRP CZ3 HZ3  sing N N 364 
TRP CH2 HH2  sing N N 365 
TRP OXT HXT  sing N N 366 
TYR N   CA   sing N N 367 
TYR N   H    sing N N 368 
TYR N   H2   sing N N 369 
TYR CA  C    sing N N 370 
TYR CA  CB   sing N N 371 
TYR CA  HA   sing N N 372 
TYR C   O    doub N N 373 
TYR C   OXT  sing N N 374 
TYR CB  CG   sing N N 375 
TYR CB  HB2  sing N N 376 
TYR CB  HB3  sing N N 377 
TYR CG  CD1  doub Y N 378 
TYR CG  CD2  sing Y N 379 
TYR CD1 CE1  sing Y N 380 
TYR CD1 HD1  sing N N 381 
TYR CD2 CE2  doub Y N 382 
TYR CD2 HD2  sing N N 383 
TYR CE1 CZ   doub Y N 384 
TYR CE1 HE1  sing N N 385 
TYR CE2 CZ   sing Y N 386 
TYR CE2 HE2  sing N N 387 
TYR CZ  OH   sing N N 388 
TYR OH  HH   sing N N 389 
TYR OXT HXT  sing N N 390 
VAL N   CA   sing N N 391 
VAL N   H    sing N N 392 
VAL N   H2   sing N N 393 
VAL CA  C    sing N N 394 
VAL CA  CB   sing N N 395 
VAL CA  HA   sing N N 396 
VAL C   O    doub N N 397 
VAL C   OXT  sing N N 398 
VAL CB  CG1  sing N N 399 
VAL CB  CG2  sing N N 400 
VAL CB  HB   sing N N 401 
VAL CG1 HG11 sing N N 402 
VAL CG1 HG12 sing N N 403 
VAL CG1 HG13 sing N N 404 
VAL CG2 HG21 sing N N 405 
VAL CG2 HG22 sing N N 406 
VAL CG2 HG23 sing N N 407 
VAL OXT HXT  sing N N 408 
# 
_atom_sites.entry_id                    2OH3 
_atom_sites.fract_transf_matrix[1][1]   0.01246271 
_atom_sites.fract_transf_matrix[1][2]   -0.00928195 
_atom_sites.fract_transf_matrix[1][3]   0.00013356 
_atom_sites.fract_transf_matrix[2][1]   -0.00750812 
_atom_sites.fract_transf_matrix[2][2]   -0.01014062 
_atom_sites.fract_transf_matrix[2][3]   -0.00414177 
_atom_sites.fract_transf_matrix[3][1]   0.00214832 
_atom_sites.fract_transf_matrix[3][2]   0.00273221 
_atom_sites.fract_transf_matrix[3][3]   -0.01058392 
_atom_sites.fract_transf_vector[1]      0.483379 
_atom_sites.fract_transf_vector[2]      0.328499 
_atom_sites.fract_transf_vector[3]      0.154941 
# 
loop_
_atom_type.symbol 
C  
N  
O  
SE 
ZN 
# 
loop_
_atom_site.group_PDB 
_atom_site.id 
_atom_site.type_symbol 
_atom_site.label_atom_id 
_atom_site.label_alt_id 
_atom_site.label_comp_id 
_atom_site.label_asym_id 
_atom_site.label_entity_id 
_atom_site.label_seq_id 
_atom_site.pdbx_PDB_ins_code 
_atom_site.Cartn_x 
_atom_site.Cartn_y 
_atom_site.Cartn_z 
_atom_site.occupancy 
_atom_site.B_iso_or_equiv 
_atom_site.pdbx_formal_charge 
_atom_site.auth_seq_id 
_atom_site.auth_comp_id 
_atom_site.auth_asym_id 
_atom_site.auth_atom_id 
_atom_site.pdbx_PDB_model_num 
ATOM   1    N  N   . TYR A 1 4   ? 14.886  -10.415 0.182   1.00 43.81 ? 3   TYR A N   1 
ATOM   2    C  CA  . TYR A 1 4   ? 16.271  -10.993 0.256   1.00 41.63 ? 3   TYR A CA  1 
ATOM   3    C  C   . TYR A 1 4   ? 17.215  -10.442 -0.864  1.00 40.15 ? 3   TYR A C   1 
ATOM   4    O  O   . TYR A 1 4   ? 17.908  -9.470  -0.627  1.00 39.24 ? 3   TYR A O   1 
ATOM   5    C  CB  . TYR A 1 4   ? 16.210  -12.520 0.298   1.00 42.59 ? 3   TYR A CB  1 
ATOM   6    N  N   . THR A 1 5   ? 17.271  -11.050 -2.049  1.00 38.42 ? 4   THR A N   1 
ATOM   7    C  CA  . THR A 1 5   ? 18.080  -10.490 -3.130  1.00 37.24 ? 4   THR A CA  1 
ATOM   8    C  C   . THR A 1 5   ? 17.471  -9.204  -3.660  1.00 36.75 ? 4   THR A C   1 
ATOM   9    O  O   . THR A 1 5   ? 16.285  -8.954  -3.484  1.00 35.78 ? 4   THR A O   1 
ATOM   10   C  CB  . THR A 1 5   ? 18.294  -11.453 -4.332  1.00 37.79 ? 4   THR A CB  1 
ATOM   11   O  OG1 . THR A 1 5   ? 17.070  -11.672 -5.033  1.00 37.23 ? 4   THR A OG1 1 
ATOM   12   C  CG2 . THR A 1 5   ? 18.935  -12.811 -3.905  1.00 38.33 ? 4   THR A CG2 1 
ATOM   13   N  N   . LEU A 1 6   ? 18.264  -8.395  -4.358  1.00 35.60 ? 5   LEU A N   1 
ATOM   14   C  CA  . LEU A 1 6   ? 17.741  -7.156  -4.898  1.00 34.84 ? 5   LEU A CA  1 
ATOM   15   C  C   . LEU A 1 6   ? 16.653  -7.401  -5.954  1.00 33.56 ? 5   LEU A C   1 
ATOM   16   O  O   . LEU A 1 6   ? 15.707  -6.640  -6.042  1.00 31.40 ? 5   LEU A O   1 
ATOM   17   C  CB  . LEU A 1 6   ? 18.869  -6.290  -5.487  1.00 34.81 ? 5   LEU A CB  1 
ATOM   18   C  CG  . LEU A 1 6   ? 18.443  -4.891  -5.976  1.00 35.59 ? 5   LEU A CG  1 
ATOM   19   C  CD1 . LEU A 1 6   ? 17.855  -4.019  -4.875  1.00 34.35 ? 5   LEU A CD1 1 
ATOM   20   C  CD2 . LEU A 1 6   ? 19.667  -4.190  -6.616  1.00 35.52 ? 5   LEU A CD2 1 
ATOM   21   N  N   . ALA A 1 7   ? 16.798  -8.441  -6.767  1.00 33.41 ? 6   ALA A N   1 
ATOM   22   C  CA  . ALA A 1 7   ? 15.754  -8.793  -7.769  1.00 34.07 ? 6   ALA A CA  1 
ATOM   23   C  C   . ALA A 1 7   ? 14.437  -9.123  -7.101  1.00 34.93 ? 6   ALA A C   1 
ATOM   24   O  O   . ALA A 1 7   ? 13.366  -8.656  -7.527  1.00 34.68 ? 6   ALA A O   1 
ATOM   25   C  CB  . ALA A 1 7   ? 16.185  -9.968  -8.619  1.00 34.66 ? 6   ALA A CB  1 
ATOM   26   N  N   . GLU A 1 8   ? 14.545  -9.950  -6.061  1.00 35.20 ? 7   GLU A N   1 
ATOM   27   C  CA  . GLU A 1 8   ? 13.413  -10.335 -5.250  1.00 36.41 ? 7   GLU A CA  1 
ATOM   28   C  C   . GLU A 1 8   ? 12.797  -9.134  -4.562  1.00 36.11 ? 7   GLU A C   1 
ATOM   29   O  O   . GLU A 1 8   ? 11.577  -9.006  -4.565  1.00 35.82 ? 7   GLU A O   1 
ATOM   30   C  CB  . GLU A 1 8   ? 13.814  -11.380 -4.208  1.00 36.38 ? 7   GLU A CB  1 
ATOM   31   C  CG  . GLU A 1 8   ? 14.096  -12.729 -4.809  1.00 37.80 ? 7   GLU A CG  1 
ATOM   32   C  CD  . GLU A 1 8   ? 14.672  -13.710 -3.801  1.00 41.97 ? 7   GLU A CD  1 
ATOM   33   O  OE1 . GLU A 1 8   ? 15.380  -13.301 -2.857  1.00 42.48 ? 7   GLU A OE1 1 
ATOM   34   O  OE2 . GLU A 1 8   ? 14.397  -14.909 -3.959  1.00 46.94 ? 7   GLU A OE2 1 
ATOM   35   N  N   . PHE A 1 9   ? 13.632  -8.259  -3.998  1.00 36.55 ? 8   PHE A N   1 
ATOM   36   C  CA  . PHE A 1 9   ? 13.135  -7.044  -3.336  1.00 36.98 ? 8   PHE A CA  1 
ATOM   37   C  C   . PHE A 1 9   ? 12.383  -6.121  -4.311  1.00 37.64 ? 8   PHE A C   1 
ATOM   38   O  O   . PHE A 1 9   ? 11.260  -5.688  -4.028  1.00 38.53 ? 8   PHE A O   1 
ATOM   39   C  CB  . PHE A 1 9   ? 14.264  -6.295  -2.645  1.00 37.29 ? 8   PHE A CB  1 
ATOM   40   C  CG  . PHE A 1 9   ? 13.823  -5.025  -1.934  1.00 36.54 ? 8   PHE A CG  1 
ATOM   41   C  CD1 . PHE A 1 9   ? 13.309  -5.071  -0.658  1.00 35.70 ? 8   PHE A CD1 1 
ATOM   42   C  CD2 . PHE A 1 9   ? 13.926  -3.790  -2.559  1.00 36.86 ? 8   PHE A CD2 1 
ATOM   43   C  CE1 . PHE A 1 9   ? 12.916  -3.925  -0.017  1.00 34.53 ? 8   PHE A CE1 1 
ATOM   44   C  CE2 . PHE A 1 9   ? 13.508  -2.648  -1.929  1.00 35.75 ? 8   PHE A CE2 1 
ATOM   45   C  CZ  . PHE A 1 9   ? 13.030  -2.704  -0.669  1.00 37.14 ? 8   PHE A CZ  1 
ATOM   46   N  N   . LEU A 1 10  ? 12.988  -5.850  -5.466  1.00 37.10 ? 9   LEU A N   1 
ATOM   47   C  CA  . LEU A 1 10  ? 12.362  -4.997  -6.458  1.00 36.90 ? 9   LEU A CA  1 
ATOM   48   C  C   . LEU A 1 10  ? 11.052  -5.616  -6.982  1.00 36.61 ? 9   LEU A C   1 
ATOM   49   O  O   . LEU A 1 10  ? 10.089  -4.892  -7.197  1.00 37.96 ? 9   LEU A O   1 
ATOM   50   C  CB  . LEU A 1 10  ? 13.329  -4.696  -7.589  1.00 36.65 ? 9   LEU A CB  1 
ATOM   51   C  CG  . LEU A 1 10  ? 14.553  -3.862  -7.135  1.00 35.59 ? 9   LEU A CG  1 
ATOM   52   C  CD1 . LEU A 1 10  ? 15.463  -3.652  -8.325  1.00 34.90 ? 9   LEU A CD1 1 
ATOM   53   C  CD2 . LEU A 1 10  ? 14.131  -2.525  -6.493  1.00 36.04 ? 9   LEU A CD2 1 
ATOM   54   N  N   . ALA A 1 11  ? 10.994  -6.932  -7.125  1.00 36.46 ? 10  ALA A N   1 
ATOM   55   C  CA  . ALA A 1 11  ? 9.754   -7.623  -7.511  1.00 36.45 ? 10  ALA A CA  1 
ATOM   56   C  C   . ALA A 1 11  ? 8.683   -7.419  -6.476  1.00 37.59 ? 10  ALA A C   1 
ATOM   57   O  O   . ALA A 1 11  ? 7.514   -7.168  -6.818  1.00 36.78 ? 10  ALA A O   1 
ATOM   58   C  CB  . ALA A 1 11  ? 9.993   -9.129  -7.759  1.00 36.67 ? 10  ALA A CB  1 
ATOM   59   N  N   . HIS A 1 12  ? 9.064   -7.506  -5.205  1.00 38.44 ? 11  HIS A N   1 
ATOM   60   C  CA  . HIS A 1 12  ? 8.124   -7.244  -4.134  1.00 38.72 ? 11  HIS A CA  1 
ATOM   61   C  C   . HIS A 1 12  ? 7.641   -5.793  -4.178  1.00 38.52 ? 11  HIS A C   1 
ATOM   62   O  O   . HIS A 1 12  ? 6.445   -5.495  -4.201  1.00 39.04 ? 11  HIS A O   1 
ATOM   63   C  CB  . HIS A 1 12  ? 8.733   -7.556  -2.772  1.00 38.61 ? 11  HIS A CB  1 
ATOM   64   C  CG  . HIS A 1 12  ? 8.543   -8.969  -2.333  1.00 40.67 ? 11  HIS A CG  1 
ATOM   65   N  ND1 . HIS A 1 12  ? 9.369   -10.002 -2.747  1.00 43.61 ? 11  HIS A ND1 1 
ATOM   66   C  CD2 . HIS A 1 12  ? 7.644   -9.526  -1.484  1.00 42.08 ? 11  HIS A CD2 1 
ATOM   67   C  CE1 . HIS A 1 12  ? 8.976   -11.132 -2.185  1.00 42.68 ? 11  HIS A CE1 1 
ATOM   68   N  NE2 . HIS A 1 12  ? 7.931   -10.871 -1.419  1.00 42.53 ? 11  HIS A NE2 1 
ATOM   69   N  N   . ALA A 1 13  ? 8.572   -4.871  -4.229  1.00 38.85 ? 12  ALA A N   1 
ATOM   70   C  CA  . ALA A 1 13  ? 8.220   -3.474  -4.260  1.00 37.77 ? 12  ALA A CA  1 
ATOM   71   C  C   . ALA A 1 13  ? 7.289   -3.102  -5.415  1.00 38.58 ? 12  ALA A C   1 
ATOM   72   O  O   . ALA A 1 13  ? 6.318   -2.368  -5.207  1.00 38.70 ? 12  ALA A O   1 
ATOM   73   C  CB  . ALA A 1 13  ? 9.493   -2.623  -4.262  1.00 38.66 ? 12  ALA A CB  1 
ATOM   74   N  N   . ILE A 1 14  ? 7.552   -3.589  -6.629  1.00 38.15 ? 13  ILE A N   1 
ATOM   75   C  CA  . ILE A 1 14  ? 6.697   -3.291  -7.767  1.00 39.01 ? 13  ILE A CA  1 
ATOM   76   C  C   . ILE A 1 14  ? 5.292   -3.854  -7.541  1.00 38.48 ? 13  ILE A C   1 
ATOM   77   O  O   . ILE A 1 14  ? 4.280   -3.232  -7.859  1.00 38.47 ? 13  ILE A O   1 
ATOM   78   C  CB  . ILE A 1 14  ? 7.243   -3.887  -9.077  1.00 39.28 ? 13  ILE A CB  1 
ATOM   79   C  CG1 . ILE A 1 14  ? 8.480   -3.134  -9.497  1.00 41.91 ? 13  ILE A CG1 1 
ATOM   80   C  CG2 . ILE A 1 14  ? 6.236   -3.746  -10.196 1.00 43.04 ? 13  ILE A CG2 1 
ATOM   81   C  CD1 . ILE A 1 14  ? 9.201   -3.766  -10.686 1.00 43.65 ? 13  ILE A CD1 1 
ATOM   82   N  N   . ALA A 1 15  ? 5.243   -5.065  -7.044  1.00 38.28 ? 14  ALA A N   1 
ATOM   83   C  CA  . ALA A 1 15  ? 3.974   -5.732  -6.885  1.00 38.88 ? 14  ALA A CA  1 
ATOM   84   C  C   . ALA A 1 15  ? 3.167   -5.028  -5.825  1.00 38.80 ? 14  ALA A C   1 
ATOM   85   O  O   . ALA A 1 15  ? 1.956   -4.876  -5.982  1.00 38.35 ? 14  ALA A O   1 
ATOM   86   C  CB  . ALA A 1 15  ? 4.179   -7.200  -6.571  1.00 39.21 ? 14  ALA A CB  1 
ATOM   87   N  N   . LEU A 1 16  ? 3.825   -4.612  -4.752  1.00 39.92 ? 15  LEU A N   1 
ATOM   88   C  CA  . LEU A 1 16  ? 3.161   -3.904  -3.649  1.00 41.33 ? 15  LEU A CA  1 
ATOM   89   C  C   . LEU A 1 16  ? 2.554   -2.606  -4.127  1.00 41.90 ? 15  LEU A C   1 
ATOM   90   O  O   . LEU A 1 16  ? 1.456   -2.254  -3.718  1.00 41.18 ? 15  LEU A O   1 
ATOM   91   C  CB  . LEU A 1 16  ? 4.105   -3.619  -2.465  1.00 41.98 ? 15  LEU A CB  1 
ATOM   92   C  CG  . LEU A 1 16  ? 4.470   -4.834  -1.579  1.00 45.14 ? 15  LEU A CG  1 
ATOM   93   C  CD1 . LEU A 1 16  ? 5.648   -4.558  -0.613  1.00 44.50 ? 15  LEU A CD1 1 
ATOM   94   C  CD2 . LEU A 1 16  ? 3.260   -5.384  -0.790  1.00 47.47 ? 15  LEU A CD2 1 
ATOM   95   N  N   . GLU A 1 17  ? 3.266   -1.908  -5.011  1.00 42.60 ? 16  GLU A N   1 
ATOM   96   C  CA  . GLU A 1 17  ? 2.819   -0.645  -5.589  1.00 42.64 ? 16  GLU A CA  1 
ATOM   97   C  C   . GLU A 1 17  ? 1.749   -0.781  -6.660  1.00 43.03 ? 16  GLU A C   1 
ATOM   98   O  O   . GLU A 1 17  ? 0.806   -0.006  -6.683  1.00 43.68 ? 16  GLU A O   1 
ATOM   99   C  CB  . GLU A 1 17  ? 4.018   0.119   -6.182  1.00 42.79 ? 16  GLU A CB  1 
ATOM   100  C  CG  . GLU A 1 17  ? 4.949   0.682   -5.099  1.00 43.40 ? 16  GLU A CG  1 
ATOM   101  C  CD  . GLU A 1 17  ? 4.197   1.637   -4.146  1.00 47.73 ? 16  GLU A CD  1 
ATOM   102  O  OE1 . GLU A 1 17  ? 3.053   2.011   -4.511  1.00 47.61 ? 16  GLU A OE1 1 
ATOM   103  O  OE2 . GLU A 1 17  ? 4.703   1.978   -3.043  1.00 48.61 ? 16  GLU A OE2 1 
ATOM   104  N  N   . THR A 1 18  ? 1.881   -1.738  -7.555  1.00 41.88 ? 17  THR A N   1 
ATOM   105  C  CA  . THR A 1 18  ? 0.804   -2.041  -8.479  1.00 42.38 ? 17  THR A CA  1 
ATOM   106  C  C   . THR A 1 18  ? -0.500  -2.363  -7.713  1.00 41.56 ? 17  THR A C   1 
ATOM   107  O  O   . THR A 1 18  ? -1.583  -1.842  -8.024  1.00 40.52 ? 17  THR A O   1 
ATOM   108  C  CB  . THR A 1 18  ? 1.221   -3.219  -9.391  1.00 42.91 ? 17  THR A CB  1 
ATOM   109  O  OG1 . THR A 1 18  ? 2.440   -2.865  -10.053 1.00 43.66 ? 17  THR A OG1 1 
ATOM   110  C  CG2 . THR A 1 18  ? 0.177   -3.516  -10.443 1.00 43.57 ? 17  THR A CG2 1 
ATOM   111  N  N   . GLU A 1 19  ? -0.374  -3.193  -6.686  1.00 39.36 ? 18  GLU A N   1 
ATOM   112  C  CA  . GLU A 1 19  ? -1.503  -3.530  -5.854  1.00 38.24 ? 18  GLU A CA  1 
ATOM   113  C  C   . GLU A 1 19  ? -2.058  -2.273  -5.182  1.00 37.87 ? 18  GLU A C   1 
ATOM   114  O  O   . GLU A 1 19  ? -3.237  -2.037  -5.269  1.00 38.31 ? 18  GLU A O   1 
ATOM   115  C  CB  . GLU A 1 19  ? -1.134  -4.616  -4.827  1.00 37.27 ? 18  GLU A CB  1 
ATOM   116  C  CG  . GLU A 1 19  ? -2.219  -4.884  -3.792  1.00 35.66 ? 18  GLU A CG  1 
ATOM   117  C  CD  . GLU A 1 19  ? -3.390  -5.736  -4.297  1.00 35.38 ? 18  GLU A CD  1 
ATOM   118  O  OE1 . GLU A 1 19  ? -3.493  -6.023  -5.499  1.00 37.75 ? 18  GLU A OE1 1 
ATOM   119  O  OE2 . GLU A 1 19  ? -4.227  -6.177  -3.464  1.00 37.25 ? 18  GLU A OE2 1 
ATOM   120  N  N   . ALA A 1 20  ? -1.229  -1.470  -4.521  1.00 38.35 ? 19  ALA A N   1 
ATOM   121  C  CA  . ALA A 1 20  ? -1.711  -0.264  -3.841  1.00 37.98 ? 19  ALA A CA  1 
ATOM   122  C  C   . ALA A 1 20  ? -2.457  0.682   -4.774  1.00 38.99 ? 19  ALA A C   1 
ATOM   123  O  O   . ALA A 1 20  ? -3.521  1.180   -4.435  1.00 39.79 ? 19  ALA A O   1 
ATOM   124  C  CB  . ALA A 1 20  ? -0.595  0.471   -3.159  1.00 38.10 ? 19  ALA A CB  1 
ATOM   125  N  N   . ALA A 1 21  ? -1.911  0.944   -5.949  1.00 38.28 ? 20  ALA A N   1 
ATOM   126  C  CA  . ALA A 1 21  ? -2.601  1.786   -6.904  1.00 39.29 ? 20  ALA A CA  1 
ATOM   127  C  C   . ALA A 1 21  ? -4.004  1.316   -7.230  1.00 38.82 ? 20  ALA A C   1 
ATOM   128  O  O   . ALA A 1 21  ? -4.905  2.139   -7.311  1.00 38.44 ? 20  ALA A O   1 
ATOM   129  C  CB  . ALA A 1 21  ? -1.807  1.920   -8.199  1.00 39.36 ? 20  ALA A CB  1 
ATOM   130  N  N   . GLU A 1 22  ? -4.174  0.034   -7.516  1.00 37.94 ? 21  GLU A N   1 
ATOM   131  C  CA  . GLU A 1 22  ? -5.485  -0.521  -7.797  1.00 38.75 ? 21  GLU A CA  1 
ATOM   132  C  C   . GLU A 1 22  ? -6.431  -0.439  -6.625  1.00 37.32 ? 21  GLU A C   1 
ATOM   133  O  O   . GLU A 1 22  ? -7.607  -0.171  -6.805  1.00 37.39 ? 21  GLU A O   1 
ATOM   134  C  CB  . GLU A 1 22  ? -5.396  -2.012  -8.147  1.00 40.41 ? 21  GLU A CB  1 
ATOM   135  C  CG  . GLU A 1 22  ? -4.867  -2.283  -9.512  1.00 44.91 ? 21  GLU A CG  1 
ATOM   136  C  CD  . GLU A 1 22  ? -4.590  -3.764  -9.722  1.00 52.23 ? 21  GLU A CD  1 
ATOM   137  O  OE1 . GLU A 1 22  ? -5.261  -4.607  -9.039  1.00 54.29 ? 21  GLU A OE1 1 
ATOM   138  O  OE2 . GLU A 1 22  ? -3.717  -4.051  -10.593 1.00 54.83 ? 21  GLU A OE2 1 
ATOM   139  N  N   . ARG A 1 23  ? -5.939  -0.742  -5.439  1.00 35.98 ? 22  ARG A N   1 
ATOM   140  C  CA  . ARG A 1 23  ? -6.807  -0.798  -4.257  1.00 36.33 ? 22  ARG A CA  1 
ATOM   141  C  C   . ARG A 1 23  ? -7.283  0.592   -3.822  1.00 36.10 ? 22  ARG A C   1 
ATOM   142  O  O   . ARG A 1 23  ? -8.424  0.771   -3.386  1.00 35.71 ? 22  ARG A O   1 
ATOM   143  C  CB  . ARG A 1 23  ? -6.091  -1.429  -3.088  1.00 37.41 ? 22  ARG A CB  1 
ATOM   144  C  CG  . ARG A 1 23  ? -5.695  -2.917  -3.231  1.00 39.73 ? 22  ARG A CG  1 
ATOM   145  C  CD  . ARG A 1 23  ? -6.832  -3.881  -3.137  1.00 41.30 ? 22  ARG A CD  1 
ATOM   146  N  NE  . ARG A 1 23  ? -7.732  -3.802  -4.275  1.00 42.30 ? 22  ARG A NE  1 
ATOM   147  C  CZ  . ARG A 1 23  ? -7.442  -4.091  -5.539  1.00 45.34 ? 22  ARG A CZ  1 
ATOM   148  N  NH1 . ARG A 1 23  ? -6.260  -4.530  -5.919  1.00 47.75 ? 22  ARG A NH1 1 
ATOM   149  N  NH2 . ARG A 1 23  ? -8.380  -3.951  -6.458  1.00 49.49 ? 22  ARG A NH2 1 
ATOM   150  N  N   . TYR A 1 24  ? -6.360  1.539   -3.851  1.00 35.95 ? 23  TYR A N   1 
ATOM   151  C  CA  . TYR A 1 24  ? -6.690  2.957   -3.625  1.00 35.75 ? 23  TYR A CA  1 
ATOM   152  C  C   . TYR A 1 24  ? -7.610  3.607   -4.647  1.00 35.32 ? 23  TYR A C   1 
ATOM   153  O  O   . TYR A 1 24  ? -8.444  4.388   -4.251  1.00 35.12 ? 23  TYR A O   1 
ATOM   154  C  CB  . TYR A 1 24  ? -5.426  3.768   -3.464  1.00 36.10 ? 23  TYR A CB  1 
ATOM   155  C  CG  . TYR A 1 24  ? -4.813  3.667   -2.079  1.00 34.35 ? 23  TYR A CG  1 
ATOM   156  C  CD1 . TYR A 1 24  ? -5.520  4.097   -0.969  1.00 36.18 ? 23  TYR A CD1 1 
ATOM   157  C  CD2 . TYR A 1 24  ? -3.522  3.213   -1.895  1.00 32.94 ? 23  TYR A CD2 1 
ATOM   158  C  CE1 . TYR A 1 24  ? -4.990  4.020   0.299   1.00 37.91 ? 23  TYR A CE1 1 
ATOM   159  C  CE2 . TYR A 1 24  ? -2.946  3.190   -0.634  1.00 37.79 ? 23  TYR A CE2 1 
ATOM   160  C  CZ  . TYR A 1 24  ? -3.718  3.559   0.468   1.00 38.00 ? 23  TYR A CZ  1 
ATOM   161  O  OH  . TYR A 1 24  ? -3.224  3.549   1.739   1.00 38.04 ? 23  TYR A OH  1 
ATOM   162  N  N   . VAL A 1 25  ? -7.458  3.330   -5.955  1.00 35.20 ? 24  VAL A N   1 
ATOM   163  C  CA  . VAL A 1 25  ? -8.406  3.831   -6.930  1.00 35.44 ? 24  VAL A CA  1 
ATOM   164  C  C   . VAL A 1 25  ? -9.788  3.338   -6.591  1.00 35.51 ? 24  VAL A C   1 
ATOM   165  O  O   . VAL A 1 25  ? -10.760 4.089   -6.599  1.00 35.97 ? 24  VAL A O   1 
ATOM   166  C  CB  . VAL A 1 25  ? -8.038  3.424   -8.350  1.00 35.39 ? 24  VAL A CB  1 
ATOM   167  C  CG1 . VAL A 1 25  ? -9.183  3.683   -9.305  1.00 37.24 ? 24  VAL A CG1 1 
ATOM   168  C  CG2 . VAL A 1 25  ? -6.798  4.208   -8.810  1.00 37.85 ? 24  VAL A CG2 1 
ATOM   169  N  N   . GLU A 1 26  ? -9.869  2.061   -6.260  1.00 34.93 ? 25  GLU A N   1 
ATOM   170  C  CA  . GLU A 1 26  ? -11.108 1.391   -5.881  1.00 35.22 ? 25  GLU A CA  1 
ATOM   171  C  C   . GLU A 1 26  ? -11.753 2.041   -4.657  1.00 35.08 ? 25  GLU A C   1 
ATOM   172  O  O   . GLU A 1 26  ? -12.938 2.363   -4.673  1.00 32.25 ? 25  GLU A O   1 
ATOM   173  C  CB  . GLU A 1 26  ? -10.757 -0.096  -5.688  1.00 36.36 ? 25  GLU A CB  1 
ATOM   174  C  CG  . GLU A 1 26  ? -11.815 -1.002  -5.347  1.00 41.32 ? 25  GLU A CG  1 
ATOM   175  C  CD  . GLU A 1 26  ? -11.319 -2.464  -5.438  1.00 46.89 ? 25  GLU A CD  1 
ATOM   176  O  OE1 . GLU A 1 26  ? -10.631 -2.913  -4.496  1.00 46.34 ? 25  GLU A OE1 1 
ATOM   177  O  OE2 . GLU A 1 26  ? -11.595 -3.144  -6.461  1.00 51.15 ? 25  GLU A OE2 1 
ATOM   178  N  N   . LEU A 1 27  ? -10.961 2.281   -3.621  1.00 34.11 ? 26  LEU A N   1 
ATOM   179  C  CA  . LEU A 1 27  ? -11.464 2.968   -2.443  1.00 35.82 ? 26  LEU A CA  1 
ATOM   180  C  C   . LEU A 1 27  ? -11.857 4.429   -2.735  1.00 35.42 ? 26  LEU A C   1 
ATOM   181  O  O   . LEU A 1 27  ? -12.879 4.900   -2.220  1.00 35.95 ? 26  LEU A O   1 
ATOM   182  C  CB  . LEU A 1 27  ? -10.448 2.911   -1.275  1.00 35.18 ? 26  LEU A CB  1 
ATOM   183  C  CG  . LEU A 1 27  ? -10.083 1.563   -0.639  1.00 36.76 ? 26  LEU A CG  1 
ATOM   184  C  CD1 . LEU A 1 27  ? -8.923  1.784   0.301   1.00 35.83 ? 26  LEU A CD1 1 
ATOM   185  C  CD2 . LEU A 1 27  ? -11.254 0.931   0.093   1.00 38.61 ? 26  LEU A CD2 1 
ATOM   186  N  N   . ALA A 1 28  ? -11.068 5.127   -3.558  1.00 35.99 ? 27  ALA A N   1 
ATOM   187  C  CA  . ALA A 1 28  ? -11.402 6.493   -3.972  1.00 35.94 ? 27  ALA A CA  1 
ATOM   188  C  C   . ALA A 1 28  ? -12.781 6.509   -4.637  1.00 36.80 ? 27  ALA A C   1 
ATOM   189  O  O   . ALA A 1 28  ? -13.631 7.319   -4.320  1.00 35.80 ? 27  ALA A O   1 
ATOM   190  C  CB  . ALA A 1 28  ? -10.351 7.015   -4.945  1.00 36.42 ? 27  ALA A CB  1 
ATOM   191  N  N   . ASP A 1 29  ? -12.983 5.573   -5.554  1.00 37.61 ? 28  ASP A N   1 
ATOM   192  C  CA  . ASP A 1 29  ? -14.213 5.477   -6.314  1.00 38.70 ? 28  ASP A CA  1 
ATOM   193  C  C   . ASP A 1 29  ? -15.400 5.295   -5.404  1.00 39.03 ? 28  ASP A C   1 
ATOM   194  O  O   . ASP A 1 29  ? -16.470 5.876   -5.644  1.00 38.82 ? 28  ASP A O   1 
ATOM   195  C  CB  . ASP A 1 29  ? -14.152 4.316   -7.318  1.00 38.48 ? 28  ASP A CB  1 
ATOM   196  C  CG  . ASP A 1 29  ? -13.338 4.651   -8.556  1.00 40.77 ? 28  ASP A CG  1 
ATOM   197  O  OD1 . ASP A 1 29  ? -12.934 5.804   -8.754  1.00 44.73 ? 28  ASP A OD1 1 
ATOM   198  O  OD2 . ASP A 1 29  ? -13.079 3.749   -9.352  1.00 41.97 ? 28  ASP A OD2 1 
HETATM 199  N  N   . MSE A 1 30  ? -15.225 4.458   -4.386  1.00 39.27 ? 29  MSE A N   1 
HETATM 200  C  CA  A MSE A 1 30  ? -16.307 4.204   -3.457  0.50 40.43 ? 29  MSE A CA  1 
HETATM 201  C  CA  B MSE A 1 30  ? -16.276 4.159   -3.423  0.50 39.32 ? 29  MSE A CA  1 
HETATM 202  C  C   . MSE A 1 30  ? -16.593 5.386   -2.559  1.00 38.96 ? 29  MSE A C   1 
HETATM 203  O  O   . MSE A 1 30  ? -17.766 5.669   -2.262  1.00 38.33 ? 29  MSE A O   1 
HETATM 204  C  CB  A MSE A 1 30  ? -16.012 3.007   -2.595  0.50 40.11 ? 29  MSE A CB  1 
HETATM 205  C  CB  B MSE A 1 30  ? -15.857 2.986   -2.528  0.50 39.80 ? 29  MSE A CB  1 
HETATM 206  C  CG  A MSE A 1 30  ? -16.546 1.767   -3.192  0.50 43.12 ? 29  MSE A CG  1 
HETATM 207  C  CG  B MSE A 1 30  ? -15.684 1.669   -3.273  0.50 42.91 ? 29  MSE A CG  1 
HETATM 208  SE SE  A MSE A 1 30  ? -16.621 0.489   -1.816  0.38 47.37 ? 29  MSE A SE  1 
HETATM 209  SE SE  B MSE A 1 30  ? -17.420 0.840   -3.672  0.37 51.92 ? 29  MSE A SE  1 
HETATM 210  C  CE  A MSE A 1 30  ? -14.746 0.340   -1.745  0.50 40.65 ? 29  MSE A CE  1 
HETATM 211  C  CE  B MSE A 1 30  ? -17.865 1.752   -5.461  0.50 50.68 ? 29  MSE A CE  1 
HETATM 212  N  N   . MSE A 1 31  ? -15.544 6.089   -2.136  1.00 37.10 ? 30  MSE A N   1 
HETATM 213  C  CA  . MSE A 1 31  ? -15.740 7.279   -1.322  1.00 35.76 ? 30  MSE A CA  1 
HETATM 214  C  C   . MSE A 1 31  ? -16.509 8.333   -2.122  1.00 35.31 ? 30  MSE A C   1 
HETATM 215  O  O   . MSE A 1 31  ? -17.483 8.911   -1.633  1.00 34.81 ? 30  MSE A O   1 
HETATM 216  C  CB  . MSE A 1 31  ? -14.402 7.836   -0.833  1.00 35.10 ? 30  MSE A CB  1 
HETATM 217  C  CG  . MSE A 1 31  ? -13.663 6.958   0.203   1.00 33.91 ? 30  MSE A CG  1 
HETATM 218  SE SE  . MSE A 1 31  ? -14.709 6.496   1.751   0.75 32.17 ? 30  MSE A SE  1 
HETATM 219  C  CE  . MSE A 1 31  ? -15.181 4.792   1.255   1.00 35.45 ? 30  MSE A CE  1 
ATOM   220  N  N   . GLU A 1 32  ? -16.056 8.574   -3.347  1.00 35.67 ? 31  GLU A N   1 
ATOM   221  C  CA  . GLU A 1 32  ? -16.658 9.570   -4.217  1.00 36.52 ? 31  GLU A CA  1 
ATOM   222  C  C   . GLU A 1 32  ? -18.146 9.279   -4.444  1.00 36.64 ? 31  GLU A C   1 
ATOM   223  O  O   . GLU A 1 32  ? -18.998 10.172  -4.414  1.00 35.87 ? 31  GLU A O   1 
ATOM   224  C  CB  . GLU A 1 32  ? -15.925 9.540   -5.555  1.00 36.06 ? 31  GLU A CB  1 
ATOM   225  C  CG  . GLU A 1 32  ? -16.425 10.570  -6.556  1.00 37.50 ? 31  GLU A CG  1 
ATOM   226  C  CD  . GLU A 1 32  ? -15.747 11.916  -6.470  1.00 37.80 ? 31  GLU A CD  1 
ATOM   227  O  OE1 . GLU A 1 32  ? -14.778 12.089  -5.686  1.00 37.33 ? 31  GLU A OE1 1 
ATOM   228  O  OE2 . GLU A 1 32  ? -16.185 12.795  -7.237  1.00 34.14 ? 31  GLU A OE2 1 
ATOM   229  N  N   . ALA A 1 33  ? -18.437 8.010   -4.694  1.00 37.61 ? 32  ALA A N   1 
ATOM   230  C  CA  . ALA A 1 33  ? -19.777 7.567   -5.057  1.00 38.89 ? 32  ALA A CA  1 
ATOM   231  C  C   . ALA A 1 33  ? -20.767 7.817   -3.939  1.00 40.06 ? 32  ALA A C   1 
ATOM   232  O  O   . ALA A 1 33  ? -21.961 7.978   -4.198  1.00 40.11 ? 32  ALA A O   1 
ATOM   233  C  CB  . ALA A 1 33  ? -19.772 6.074   -5.453  1.00 39.05 ? 32  ALA A CB  1 
ATOM   234  N  N   . HIS A 1 34  ? -20.279 7.870   -2.702  1.00 41.32 ? 33  HIS A N   1 
ATOM   235  C  CA  . HIS A 1 34  ? -21.134 8.193   -1.556  1.00 42.63 ? 33  HIS A CA  1 
ATOM   236  C  C   . HIS A 1 34  ? -20.856 9.625   -1.029  1.00 41.88 ? 33  HIS A C   1 
ATOM   237  O  O   . HIS A 1 34  ? -21.167 9.952   0.104   1.00 41.16 ? 33  HIS A O   1 
ATOM   238  C  CB  . HIS A 1 34  ? -20.943 7.137   -0.456  1.00 44.15 ? 33  HIS A CB  1 
ATOM   239  C  CG  . HIS A 1 34  ? -21.296 5.732   -0.880  1.00 48.01 ? 33  HIS A CG  1 
ATOM   240  N  ND1 . HIS A 1 34  ? -22.604 5.301   -1.016  1.00 52.61 ? 33  HIS A ND1 1 
ATOM   241  C  CD2 . HIS A 1 34  ? -20.516 4.660   -1.176  1.00 50.14 ? 33  HIS A CD2 1 
ATOM   242  C  CE1 . HIS A 1 34  ? -22.609 4.034   -1.405  1.00 52.03 ? 33  HIS A CE1 1 
ATOM   243  N  NE2 . HIS A 1 34  ? -21.356 3.619   -1.500  1.00 50.75 ? 33  HIS A NE2 1 
ATOM   244  N  N   . ASN A 1 35  ? -20.250 10.455  -1.880  1.00 41.50 ? 34  ASN A N   1 
ATOM   245  C  CA  . ASN A 1 35  ? -19.943 11.859  -1.593  1.00 41.57 ? 34  ASN A CA  1 
ATOM   246  C  C   . ASN A 1 35  ? -19.091 12.126  -0.341  1.00 39.97 ? 34  ASN A C   1 
ATOM   247  O  O   . ASN A 1 35  ? -19.262 13.157  0.347   1.00 39.05 ? 34  ASN A O   1 
ATOM   248  C  CB  . ASN A 1 35  ? -21.232 12.694  -1.551  1.00 42.60 ? 34  ASN A CB  1 
ATOM   249  C  CG  . ASN A 1 35  ? -21.044 14.080  -2.171  1.00 46.85 ? 34  ASN A CG  1 
ATOM   250  O  OD1 . ASN A 1 35  ? -20.971 14.211  -3.402  1.00 53.42 ? 34  ASN A OD1 1 
ATOM   251  N  ND2 . ASN A 1 35  ? -20.985 15.127  -1.328  1.00 51.50 ? 34  ASN A ND2 1 
ATOM   252  N  N   . ASN A 1 36  ? -18.170 11.207  -0.055  1.00 37.96 ? 35  ASN A N   1 
ATOM   253  C  CA  . ASN A 1 36  ? -17.161 11.417  0.980   1.00 37.05 ? 35  ASN A CA  1 
ATOM   254  C  C   . ASN A 1 36  ? -15.935 11.961  0.285   1.00 35.97 ? 35  ASN A C   1 
ATOM   255  O  O   . ASN A 1 36  ? -14.938 11.242  0.107   1.00 36.46 ? 35  ASN A O   1 
ATOM   256  C  CB  . ASN A 1 36  ? -16.846 10.100  1.706   1.00 36.74 ? 35  ASN A CB  1 
ATOM   257  C  CG  . ASN A 1 36  ? -18.054 9.537   2.432   1.00 38.26 ? 35  ASN A CG  1 
ATOM   258  O  OD1 . ASN A 1 36  ? -18.467 8.397   2.188   1.00 41.85 ? 35  ASN A OD1 1 
ATOM   259  N  ND2 . ASN A 1 36  ? -18.644 10.338  3.304   1.00 33.73 ? 35  ASN A ND2 1 
ATOM   260  N  N   . LEU A 1 37  ? -16.023 13.227  -0.135  1.00 33.98 ? 36  LEU A N   1 
ATOM   261  C  CA  . LEU A 1 37  ? -15.068 13.770  -1.073  1.00 33.33 ? 36  LEU A CA  1 
ATOM   262  C  C   . LEU A 1 37  ? -13.687 13.974  -0.463  1.00 32.93 ? 36  LEU A C   1 
ATOM   263  O  O   . LEU A 1 37  ? -12.681 13.897  -1.172  1.00 31.91 ? 36  LEU A O   1 
ATOM   264  C  CB  . LEU A 1 37  ? -15.582 15.073  -1.689  1.00 32.62 ? 36  LEU A CB  1 
ATOM   265  C  CG  . LEU A 1 37  ? -16.958 14.970  -2.355  1.00 32.18 ? 36  LEU A CG  1 
ATOM   266  C  CD1 . LEU A 1 37  ? -17.290 16.253  -3.031  1.00 31.62 ? 36  LEU A CD1 1 
ATOM   267  C  CD2 . LEU A 1 37  ? -17.044 13.795  -3.321  1.00 32.92 ? 36  LEU A CD2 1 
ATOM   268  N  N   . ASP A 1 38  ? -13.637 14.242  0.841   1.00 32.30 ? 37  ASP A N   1 
ATOM   269  C  CA  . ASP A 1 38  ? -12.336 14.440  1.489   1.00 33.01 ? 37  ASP A CA  1 
ATOM   270  C  C   . ASP A 1 38  ? -11.563 13.126  1.528   1.00 32.84 ? 37  ASP A C   1 
ATOM   271  O  O   . ASP A 1 38  ? -10.413 13.091  1.110   1.00 32.67 ? 37  ASP A O   1 
ATOM   272  C  CB  . ASP A 1 38  ? -12.428 15.103  2.873   1.00 33.39 ? 37  ASP A CB  1 
ATOM   273  C  CG  . ASP A 1 38  ? -13.488 14.463  3.799   1.00 34.64 ? 37  ASP A CG  1 
ATOM   274  O  OD1 . ASP A 1 38  ? -14.286 13.595  3.382   1.00 35.98 ? 37  ASP A OD1 1 
ATOM   275  O  OD2 . ASP A 1 38  ? -13.553 14.895  4.960   1.00 39.94 ? 37  ASP A OD2 1 
ATOM   276  N  N   . THR A 1 39  ? -12.210 12.061  1.987   1.00 32.84 ? 38  THR A N   1 
ATOM   277  C  CA  . THR A 1 39  ? -11.600 10.734  2.057   1.00 33.59 ? 38  THR A CA  1 
ATOM   278  C  C   . THR A 1 39  ? -11.257 10.221  0.637   1.00 33.63 ? 38  THR A C   1 
ATOM   279  O  O   . THR A 1 39  ? -10.214 9.597   0.432   1.00 33.39 ? 38  THR A O   1 
ATOM   280  C  CB  . THR A 1 39  ? -12.508 9.722   2.834   1.00 33.86 ? 38  THR A CB  1 
ATOM   281  O  OG1 . THR A 1 39  ? -12.999 10.323  4.034   1.00 36.82 ? 38  THR A OG1 1 
ATOM   282  C  CG2 . THR A 1 39  ? -11.752 8.471   3.242   1.00 36.94 ? 38  THR A CG2 1 
ATOM   283  N  N   . ALA A 1 40  ? -12.142 10.450  -0.334  1.00 32.67 ? 39  ALA A N   1 
ATOM   284  C  CA  . ALA A 1 40  ? -11.837 10.045  -1.715  1.00 32.98 ? 39  ALA A CA  1 
ATOM   285  C  C   . ALA A 1 40  ? -10.525 10.637  -2.146  1.00 33.19 ? 39  ALA A C   1 
ATOM   286  O  O   . ALA A 1 40  ? -9.720  9.944   -2.731  1.00 34.01 ? 39  ALA A O   1 
ATOM   287  C  CB  . ALA A 1 40  ? -12.922 10.490  -2.645  1.00 33.48 ? 39  ALA A CB  1 
ATOM   288  N  N   . THR A 1 41  ? -10.326 11.931  -1.853  1.00 32.89 ? 40  THR A N   1 
ATOM   289  C  CA  . THR A 1 41  ? -9.092  12.652  -2.183  1.00 33.74 ? 40  THR A CA  1 
ATOM   290  C  C   . THR A 1 41  ? -7.839  12.136  -1.445  1.00 33.81 ? 40  THR A C   1 
ATOM   291  O  O   . THR A 1 41  ? -6.769  12.057  -2.056  1.00 34.04 ? 40  THR A O   1 
ATOM   292  C  CB  . THR A 1 41  ? -9.286  14.174  -2.028  1.00 34.26 ? 40  THR A CB  1 
ATOM   293  O  OG1 . THR A 1 41  ? -10.459 14.568  -2.756  1.00 35.37 ? 40  THR A OG1 1 
ATOM   294  C  CG2 . THR A 1 41  ? -8.111  14.926  -2.593  1.00 34.57 ? 40  THR A CG2 1 
ATOM   295  N  N   . VAL A 1 42  ? -7.956  11.721  -0.175  1.00 33.76 ? 41  VAL A N   1 
ATOM   296  C  CA  . VAL A 1 42  ? -6.846  11.075  0.506   1.00 34.22 ? 41  VAL A CA  1 
ATOM   297  C  C   . VAL A 1 42  ? -6.391  9.848   -0.310  1.00 34.72 ? 41  VAL A C   1 
ATOM   298  O  O   . VAL A 1 42  ? -5.189  9.612   -0.505  1.00 35.74 ? 41  VAL A O   1 
ATOM   299  C  CB  . VAL A 1 42  ? -7.252  10.598  1.962   1.00 33.51 ? 41  VAL A CB  1 
ATOM   300  C  CG1 . VAL A 1 42  ? -6.255  9.610   2.521   1.00 35.64 ? 41  VAL A CG1 1 
ATOM   301  C  CG2 . VAL A 1 42  ? -7.404  11.776  2.911   1.00 34.98 ? 41  VAL A CG2 1 
ATOM   302  N  N   . PHE A 1 43  ? -7.359  9.063   -0.764  1.00 34.46 ? 42  PHE A N   1 
ATOM   303  C  CA  . PHE A 1 43  ? -7.088  7.865   -1.573  1.00 34.12 ? 42  PHE A CA  1 
ATOM   304  C  C   . PHE A 1 43  ? -6.622  8.152   -3.025  1.00 34.96 ? 42  PHE A C   1 
ATOM   305  O  O   . PHE A 1 43  ? -5.846  7.368   -3.599  1.00 34.20 ? 42  PHE A O   1 
ATOM   306  C  CB  . PHE A 1 43  ? -8.322  6.970   -1.619  1.00 34.76 ? 42  PHE A CB  1 
ATOM   307  C  CG  . PHE A 1 43  ? -8.768  6.447   -0.267  1.00 33.82 ? 42  PHE A CG  1 
ATOM   308  C  CD1 . PHE A 1 43  ? -7.861  6.183   0.726   1.00 36.38 ? 42  PHE A CD1 1 
ATOM   309  C  CD2 . PHE A 1 43  ? -10.114 6.173   -0.022  1.00 34.28 ? 42  PHE A CD2 1 
ATOM   310  C  CE1 . PHE A 1 43  ? -8.281  5.702   1.928   1.00 31.88 ? 42  PHE A CE1 1 
ATOM   311  C  CE2 . PHE A 1 43  ? -10.527 5.725   1.211   1.00 33.80 ? 42  PHE A CE2 1 
ATOM   312  C  CZ  . PHE A 1 43  ? -9.627  5.483   2.159   1.00 32.87 ? 42  PHE A CZ  1 
ATOM   313  N  N   . ARG A 1 44  ? -7.062  9.255   -3.607  1.00 33.73 ? 43  ARG A N   1 
ATOM   314  C  CA  . ARG A 1 44  ? -6.478  9.630   -4.894  1.00 34.55 ? 43  ARG A CA  1 
ATOM   315  C  C   . ARG A 1 44  ? -4.999  9.979   -4.736  1.00 35.26 ? 43  ARG A C   1 
ATOM   316  O  O   . ARG A 1 44  ? -4.179  9.631   -5.586  1.00 36.53 ? 43  ARG A O   1 
ATOM   317  C  CB  . ARG A 1 44  ? -7.223  10.773  -5.557  1.00 34.38 ? 43  ARG A CB  1 
ATOM   318  C  CG  . ARG A 1 44  ? -8.616  10.459  -5.872  1.00 34.71 ? 43  ARG A CG  1 
ATOM   319  C  CD  . ARG A 1 44  ? -8.794  9.584   -7.093  1.00 37.40 ? 43  ARG A CD  1 
ATOM   320  N  NE  . ARG A 1 44  ? -10.231 9.485   -7.282  1.00 38.73 ? 43  ARG A NE  1 
ATOM   321  C  CZ  . ARG A 1 44  ? -10.889 8.451   -7.782  1.00 39.70 ? 43  ARG A CZ  1 
ATOM   322  N  NH1 . ARG A 1 44  ? -10.239 7.364   -8.234  1.00 39.01 ? 43  ARG A NH1 1 
ATOM   323  N  NH2 . ARG A 1 44  ? -12.225 8.534   -7.825  1.00 38.12 ? 43  ARG A NH2 1 
ATOM   324  N  N   . ASP A 1 45  ? -4.659  10.646  -3.641  1.00 36.41 ? 44  ASP A N   1 
ATOM   325  C  CA  . ASP A 1 45  ? -3.299  11.095  -3.374  1.00 37.52 ? 44  ASP A CA  1 
ATOM   326  C  C   . ASP A 1 45  ? -2.396  9.872   -3.258  1.00 37.93 ? 44  ASP A C   1 
ATOM   327  O  O   . ASP A 1 45  ? -1.319  9.785   -3.871  1.00 37.73 ? 44  ASP A O   1 
ATOM   328  C  CB  . ASP A 1 45  ? -3.313  11.923  -2.096  1.00 38.51 ? 44  ASP A CB  1 
ATOM   329  C  CG  . ASP A 1 45  ? -1.975  12.590  -1.772  1.00 43.25 ? 44  ASP A CG  1 
ATOM   330  O  OD1 . ASP A 1 45  ? -1.305  13.158  -2.668  1.00 43.06 ? 44  ASP A OD1 1 
ATOM   331  O  OD2 . ASP A 1 45  ? -1.618  12.566  -0.569  1.00 48.31 ? 44  ASP A OD2 1 
HETATM 332  N  N   . MSE A 1 46  ? -2.876  8.901   -2.506  1.00 37.20 ? 45  MSE A N   1 
HETATM 333  C  CA  . MSE A 1 46  ? -2.156  7.654   -2.288  1.00 38.15 ? 45  MSE A CA  1 
HETATM 334  C  C   . MSE A 1 46  ? -1.976  6.859   -3.581  1.00 36.75 ? 45  MSE A C   1 
HETATM 335  O  O   . MSE A 1 46  ? -0.910  6.286   -3.798  1.00 37.49 ? 45  MSE A O   1 
HETATM 336  C  CB  . MSE A 1 46  ? -2.873  6.798   -1.238  1.00 37.08 ? 45  MSE A CB  1 
HETATM 337  C  CG  . MSE A 1 46  ? -2.883  7.276   0.262   1.00 39.91 ? 45  MSE A CG  1 
HETATM 338  SE SE  . MSE A 1 46  ? -1.063  7.420   1.052   0.75 43.59 ? 45  MSE A SE  1 
HETATM 339  C  CE  . MSE A 1 46  ? -0.465  6.051   0.673   1.00 50.34 ? 45  MSE A CE  1 
ATOM   340  N  N   . ALA A 1 47  ? -3.014  6.801   -4.411  1.00 35.82 ? 46  ALA A N   1 
ATOM   341  C  CA  . ALA A 1 47  ? -2.958  6.072   -5.665  1.00 36.48 ? 46  ALA A CA  1 
ATOM   342  C  C   . ALA A 1 47  ? -1.917  6.755   -6.560  1.00 37.25 ? 46  ALA A C   1 
ATOM   343  O  O   . ALA A 1 47  ? -1.233  6.099   -7.330  1.00 35.79 ? 46  ALA A O   1 
ATOM   344  C  CB  . ALA A 1 47  ? -4.309  6.071   -6.365  1.00 36.43 ? 46  ALA A CB  1 
ATOM   345  N  N   . ARG A 1 48  ? -1.848  8.070   -6.466  1.00 36.14 ? 47  ARG A N   1 
ATOM   346  C  CA  . ARG A 1 48  ? -0.886  8.816   -7.276  1.00 37.12 ? 47  ARG A CA  1 
ATOM   347  C  C   . ARG A 1 48  ? 0.530   8.587   -6.806  1.00 38.39 ? 47  ARG A C   1 
ATOM   348  O  O   . ARG A 1 48  ? 1.426   8.471   -7.621  1.00 39.69 ? 47  ARG A O   1 
ATOM   349  C  CB  . ARG A 1 48  ? -1.228  10.306  -7.289  1.00 36.39 ? 47  ARG A CB  1 
ATOM   350  C  CG  . ARG A 1 48  ? -0.235  11.154  -8.077  1.00 38.03 ? 47  ARG A CG  1 
ATOM   351  C  CD  . ARG A 1 48  ? -0.282  10.814  -9.519  1.00 40.49 ? 47  ARG A CD  1 
ATOM   352  N  NE  . ARG A 1 48  ? 0.675   11.630  -10.261 1.00 43.57 ? 47  ARG A NE  1 
ATOM   353  C  CZ  . ARG A 1 48  ? 1.250   11.262  -11.403 1.00 46.70 ? 47  ARG A CZ  1 
ATOM   354  N  NH1 . ARG A 1 48  ? 0.980   10.073  -11.960 1.00 49.48 ? 47  ARG A NH1 1 
ATOM   355  N  NH2 . ARG A 1 48  ? 2.117   12.090  -11.992 1.00 45.72 ? 47  ARG A NH2 1 
ATOM   356  N  N   . PHE A 1 49  ? 0.742   8.532   -5.489  1.00 40.33 ? 48  PHE A N   1 
ATOM   357  C  CA  . PHE A 1 49  ? 2.042   8.203   -4.944  1.00 41.68 ? 48  PHE A CA  1 
ATOM   358  C  C   . PHE A 1 49  ? 2.453   6.812   -5.479  1.00 43.01 ? 48  PHE A C   1 
ATOM   359  O  O   . PHE A 1 49  ? 3.626   6.611   -5.875  1.00 41.38 ? 48  PHE A O   1 
ATOM   360  C  CB  . PHE A 1 49  ? 2.025   8.217   -3.395  1.00 42.94 ? 48  PHE A CB  1 
ATOM   361  C  CG  . PHE A 1 49  ? 3.268   7.622   -2.779  1.00 44.13 ? 48  PHE A CG  1 
ATOM   362  C  CD1 . PHE A 1 49  ? 3.404   6.247   -2.637  1.00 45.99 ? 48  PHE A CD1 1 
ATOM   363  C  CD2 . PHE A 1 49  ? 4.312   8.426   -2.382  1.00 45.78 ? 48  PHE A CD2 1 
ATOM   364  C  CE1 . PHE A 1 49  ? 4.570   5.678   -2.077  1.00 46.16 ? 48  PHE A CE1 1 
ATOM   365  C  CE2 . PHE A 1 49  ? 5.495   7.863   -1.839  1.00 46.45 ? 48  PHE A CE2 1 
ATOM   366  C  CZ  . PHE A 1 49  ? 5.608   6.490   -1.685  1.00 45.35 ? 48  PHE A CZ  1 
ATOM   367  N  N   . SER A 1 50  ? 1.516   5.845   -5.487  1.00 43.81 ? 49  SER A N   1 
ATOM   368  C  CA  A SER A 1 50  ? 1.838   4.500   -5.997  0.50 44.35 ? 49  SER A CA  1 
ATOM   369  C  CA  B SER A 1 50  ? 1.793   4.486   -6.017  0.50 44.39 ? 49  SER A CA  1 
ATOM   370  C  C   . SER A 1 50  ? 2.399   4.525   -7.409  1.00 44.47 ? 49  SER A C   1 
ATOM   371  O  O   . SER A 1 50  ? 3.390   3.900   -7.682  1.00 45.22 ? 49  SER A O   1 
ATOM   372  C  CB  A SER A 1 50  ? 0.630   3.589   -6.022  0.50 44.60 ? 49  SER A CB  1 
ATOM   373  C  CB  B SER A 1 50  ? 0.519   3.650   -6.124  0.50 44.59 ? 49  SER A CB  1 
ATOM   374  O  OG  A SER A 1 50  ? 0.957   2.426   -6.754  0.50 44.80 ? 49  SER A OG  1 
ATOM   375  O  OG  B SER A 1 50  ? -0.121  3.489   -4.875  0.50 45.34 ? 49  SER A OG  1 
ATOM   376  N  N   . THR A 1 51  ? 1.733   5.226   -8.302  1.00 44.55 ? 50  THR A N   1 
ATOM   377  C  CA  . THR A 1 51  ? 2.160   5.347   -9.668  1.00 44.78 ? 50  THR A CA  1 
ATOM   378  C  C   . THR A 1 51  ? 3.556   5.928   -9.785  1.00 45.17 ? 50  THR A C   1 
ATOM   379  O  O   . THR A 1 51  ? 4.386   5.394   -10.527 1.00 45.02 ? 50  THR A O   1 
ATOM   380  C  CB  . THR A 1 51  ? 1.180   6.222   -10.421 1.00 45.27 ? 50  THR A CB  1 
ATOM   381  O  OG1 . THR A 1 51  ? -0.101  5.593   -10.345 1.00 45.16 ? 50  THR A OG1 1 
ATOM   382  C  CG2 . THR A 1 51  ? 1.601   6.407   -11.845 1.00 45.56 ? 50  THR A CG2 1 
ATOM   383  N  N   . LEU A 1 52  ? 3.800   7.024   -9.069  1.00 45.36 ? 51  LEU A N   1 
ATOM   384  C  CA  . LEU A 1 52  ? 5.091   7.704   -9.099  1.00 46.14 ? 51  LEU A CA  1 
ATOM   385  C  C   . LEU A 1 52  ? 6.215   6.838   -8.563  1.00 46.33 ? 51  LEU A C   1 
ATOM   386  O  O   . LEU A 1 52  ? 7.271   6.701   -9.186  1.00 46.51 ? 51  LEU A O   1 
ATOM   387  C  CB  . LEU A 1 52  ? 5.022   9.013   -8.307  1.00 45.77 ? 51  LEU A CB  1 
ATOM   388  C  CG  . LEU A 1 52  ? 4.183   10.116  -8.938  1.00 45.25 ? 51  LEU A CG  1 
ATOM   389  C  CD1 . LEU A 1 52  ? 4.097   11.282  -7.996  1.00 44.76 ? 51  LEU A CD1 1 
ATOM   390  C  CD2 . LEU A 1 52  ? 4.777   10.563  -10.267 1.00 45.84 ? 51  LEU A CD2 1 
ATOM   391  N  N   . HIS A 1 53  ? 5.967   6.244   -7.409  1.00 46.97 ? 52  HIS A N   1 
ATOM   392  C  CA  . HIS A 1 53  ? 6.900   5.346   -6.759  1.00 47.75 ? 52  HIS A CA  1 
ATOM   393  C  C   . HIS A 1 53  ? 7.126   4.042   -7.539  1.00 45.76 ? 52  HIS A C   1 
ATOM   394  O  O   . HIS A 1 53  ? 8.259   3.599   -7.733  1.00 44.15 ? 52  HIS A O   1 
ATOM   395  C  CB  . HIS A 1 53  ? 6.406   4.996   -5.327  1.00 48.66 ? 52  HIS A CB  1 
ATOM   396  C  CG  . HIS A 1 53  ? 7.500   4.514   -4.428  1.00 52.95 ? 52  HIS A CG  1 
ATOM   397  N  ND1 . HIS A 1 53  ? 7.447   3.318   -3.739  1.00 54.56 ? 52  HIS A ND1 1 
ATOM   398  C  CD2 . HIS A 1 53  ? 8.712   5.062   -4.142  1.00 58.62 ? 52  HIS A CD2 1 
ATOM   399  C  CE1 . HIS A 1 53  ? 8.572   3.159   -3.057  1.00 55.56 ? 52  HIS A CE1 1 
ATOM   400  N  NE2 . HIS A 1 53  ? 9.353   4.203   -3.279  1.00 57.82 ? 52  HIS A NE2 1 
ATOM   401  N  N   . GLY A 1 54  ? 6.036   3.430   -7.967  1.00 43.97 ? 53  GLY A N   1 
ATOM   402  C  CA  . GLY A 1 54  ? 6.111   2.287   -8.852  1.00 42.61 ? 53  GLY A CA  1 
ATOM   403  C  C   . GLY A 1 54  ? 6.961   2.550   -10.073 1.00 42.02 ? 53  GLY A C   1 
ATOM   404  O  O   . GLY A 1 54  ? 7.696   1.664   -10.508 1.00 40.60 ? 53  GLY A O   1 
ATOM   405  N  N   . ASP A 1 55  ? 6.846   3.743   -10.653 1.00 41.43 ? 54  ASP A N   1 
ATOM   406  C  CA  . ASP A 1 55  ? 7.618   4.084   -11.850 1.00 41.90 ? 54  ASP A CA  1 
ATOM   407  C  C   . ASP A 1 55  ? 9.121   4.120   -11.531 1.00 40.86 ? 54  ASP A C   1 
ATOM   408  O  O   . ASP A 1 55  ? 9.938   3.641   -12.316 1.00 40.24 ? 54  ASP A O   1 
ATOM   409  C  CB  . ASP A 1 55  ? 7.162   5.416   -12.458 1.00 42.95 ? 54  ASP A CB  1 
ATOM   410  C  CG  . ASP A 1 55  ? 5.818   5.307   -13.219 1.00 45.11 ? 54  ASP A CG  1 
ATOM   411  O  OD1 . ASP A 1 55  ? 5.355   4.189   -13.560 1.00 47.90 ? 54  ASP A OD1 1 
ATOM   412  O  OD2 . ASP A 1 55  ? 5.228   6.371   -13.470 1.00 50.76 ? 54  ASP A OD2 1 
ATOM   413  N  N   . GLU A 1 56  ? 9.453   4.661   -10.357 1.00 40.25 ? 55  GLU A N   1 
ATOM   414  C  CA  A GLU A 1 56  ? 10.832  4.676   -9.873  0.50 41.14 ? 55  GLU A CA  1 
ATOM   415  C  CA  B GLU A 1 56  ? 10.835  4.673   -9.848  0.50 40.17 ? 55  GLU A CA  1 
ATOM   416  C  C   . GLU A 1 56  ? 11.375  3.260   -9.731  1.00 40.21 ? 55  GLU A C   1 
ATOM   417  O  O   . GLU A 1 56  ? 12.485  2.975   -10.178 1.00 40.88 ? 55  GLU A O   1 
ATOM   418  C  CB  A GLU A 1 56  ? 10.944  5.425   -8.531  0.50 41.31 ? 55  GLU A CB  1 
ATOM   419  C  CB  B GLU A 1 56  ? 10.919  5.345   -8.462  0.50 40.25 ? 55  GLU A CB  1 
ATOM   420  C  CG  A GLU A 1 56  ? 11.479  6.854   -8.658  0.50 43.51 ? 55  GLU A CG  1 
ATOM   421  C  CG  B GLU A 1 56  ? 12.351  5.407   -7.857  0.50 40.15 ? 55  GLU A CG  1 
ATOM   422  C  CD  A GLU A 1 56  ? 11.722  7.507   -7.304  0.50 43.62 ? 55  GLU A CD  1 
ATOM   423  C  CD  B GLU A 1 56  ? 12.345  5.361   -6.312  0.50 39.94 ? 55  GLU A CD  1 
ATOM   424  O  OE1 A GLU A 1 56  ? 12.570  6.990   -6.546  0.50 48.79 ? 55  GLU A OE1 1 
ATOM   425  O  OE1 B GLU A 1 56  ? 11.579  6.148   -5.709  0.50 40.24 ? 55  GLU A OE1 1 
ATOM   426  O  OE2 A GLU A 1 56  ? 11.067  8.530   -6.989  0.50 47.55 ? 55  GLU A OE2 1 
ATOM   427  O  OE2 B GLU A 1 56  ? 13.102  4.554   -5.722  0.50 33.97 ? 55  GLU A OE2 1 
ATOM   428  N  N   . ILE A 1 57  ? 10.590  2.381   -9.108  1.00 39.33 ? 56  ILE A N   1 
ATOM   429  C  CA  . ILE A 1 57  ? 10.988  0.997   -8.902  1.00 39.86 ? 56  ILE A CA  1 
ATOM   430  C  C   . ILE A 1 57  ? 11.133  0.281   -10.247 1.00 39.08 ? 56  ILE A C   1 
ATOM   431  O  O   . ILE A 1 57  ? 12.053  -0.511  -10.428 1.00 38.95 ? 56  ILE A O   1 
ATOM   432  C  CB  . ILE A 1 57  ? 10.013  0.266   -7.942  1.00 40.88 ? 56  ILE A CB  1 
ATOM   433  C  CG1 . ILE A 1 57  ? 10.014  0.964   -6.601  1.00 41.39 ? 56  ILE A CG1 1 
ATOM   434  C  CG2 . ILE A 1 57  ? 10.434  -1.172  -7.734  1.00 41.60 ? 56  ILE A CG2 1 
ATOM   435  C  CD1 . ILE A 1 57  ? 8.798   0.685   -5.784  1.00 45.16 ? 56  ILE A CD1 1 
ATOM   436  N  N   . LYS A 1 58  ? 10.260  0.595   -11.201 1.00 37.69 ? 57  LYS A N   1 
ATOM   437  C  CA  . LYS A 1 58  ? 10.329  0.004   -12.539 1.00 37.68 ? 57  LYS A CA  1 
ATOM   438  C  C   . LYS A 1 58  ? 11.614  0.386   -13.288 1.00 36.20 ? 57  LYS A C   1 
ATOM   439  O  O   . LYS A 1 58  ? 12.203  -0.452  -13.996 1.00 35.82 ? 57  LYS A O   1 
ATOM   440  C  CB  . LYS A 1 58  ? 9.103   0.388   -13.359 1.00 37.35 ? 57  LYS A CB  1 
ATOM   441  C  CG  . LYS A 1 58  ? 7.866   -0.439  -12.935 1.00 39.41 ? 57  LYS A CG  1 
ATOM   442  C  CD  . LYS A 1 58  ? 6.537   0.124   -13.492 1.00 40.34 ? 57  LYS A CD  1 
ATOM   443  C  CE  . LYS A 1 58  ? 5.318   -0.639  -12.932 1.00 42.24 ? 57  LYS A CE  1 
ATOM   444  N  NZ  . LYS A 1 58  ? 4.055   -0.154  -13.569 1.00 45.47 ? 57  LYS A NZ  1 
ATOM   445  N  N   . GLN A 1 59  ? 12.039  1.641   -13.134 1.00 35.10 ? 58  GLN A N   1 
ATOM   446  C  CA  A GLN A 1 59  ? 13.304  2.078   -13.707 0.50 35.26 ? 58  GLN A CA  1 
ATOM   447  C  CA  B GLN A 1 59  ? 13.315  2.104   -13.686 0.50 34.63 ? 58  GLN A CA  1 
ATOM   448  C  C   . GLN A 1 59  ? 14.452  1.261   -13.098 1.00 34.59 ? 58  GLN A C   1 
ATOM   449  O  O   . GLN A 1 59  ? 15.278  0.738   -13.819 1.00 33.81 ? 58  GLN A O   1 
ATOM   450  C  CB  A GLN A 1 59  ? 13.500  3.591   -13.559 0.50 35.16 ? 58  GLN A CB  1 
ATOM   451  C  CB  B GLN A 1 59  ? 13.546  3.599   -13.418 0.50 34.09 ? 58  GLN A CB  1 
ATOM   452  C  CG  A GLN A 1 59  ? 12.931  4.383   -14.746 0.50 38.42 ? 58  GLN A CG  1 
ATOM   453  C  CG  B GLN A 1 59  ? 14.639  4.214   -14.310 0.50 34.72 ? 58  GLN A CG  1 
ATOM   454  C  CD  A GLN A 1 59  ? 13.826  4.342   -15.982 0.50 41.03 ? 58  GLN A CD  1 
ATOM   455  C  CD  B GLN A 1 59  ? 15.064  5.617   -13.891 0.50 34.51 ? 58  GLN A CD  1 
ATOM   456  O  OE1 A GLN A 1 59  ? 13.427  3.842   -17.040 0.50 45.37 ? 58  GLN A OE1 1 
ATOM   457  O  OE1 B GLN A 1 59  ? 16.139  6.090   -14.292 0.50 33.16 ? 58  GLN A OE1 1 
ATOM   458  N  NE2 A GLN A 1 59  ? 15.047  4.865   -15.855 0.50 43.06 ? 58  GLN A NE2 1 
ATOM   459  N  NE2 B GLN A 1 59  ? 14.230  6.287   -13.079 0.50 35.01 ? 58  GLN A NE2 1 
ATOM   460  N  N   . ARG A 1 60  ? 14.467  1.094   -11.786 1.00 34.39 ? 59  ARG A N   1 
ATOM   461  C  CA  . ARG A 1 60  ? 15.506  0.267   -11.140 1.00 34.77 ? 59  ARG A CA  1 
ATOM   462  C  C   . ARG A 1 60  ? 15.551  -1.184  -11.669 1.00 35.99 ? 59  ARG A C   1 
ATOM   463  O  O   . ARG A 1 60  ? 16.632  -1.785  -11.883 1.00 35.77 ? 59  ARG A O   1 
ATOM   464  C  CB  . ARG A 1 60  ? 15.287  0.243   -9.613  1.00 34.91 ? 59  ARG A CB  1 
ATOM   465  C  CG  . ARG A 1 60  ? 15.393  1.580   -8.951  1.00 32.71 ? 59  ARG A CG  1 
ATOM   466  C  CD  . ARG A 1 60  ? 15.255  1.446   -7.419  1.00 35.69 ? 59  ARG A CD  1 
ATOM   467  N  NE  . ARG A 1 60  ? 15.274  2.777   -6.810  1.00 34.23 ? 59  ARG A NE  1 
ATOM   468  C  CZ  . ARG A 1 60  ? 16.360  3.509   -6.620  1.00 37.17 ? 59  ARG A CZ  1 
ATOM   469  N  NH1 . ARG A 1 60  ? 17.564  3.047   -6.949  1.00 37.02 ? 59  ARG A NH1 1 
ATOM   470  N  NH2 . ARG A 1 60  ? 16.255  4.714   -6.087  1.00 37.78 ? 59  ARG A NH2 1 
ATOM   471  N  N   . SER A 1 61  ? 14.365  -1.726  -11.928 1.00 36.14 ? 60  SER A N   1 
ATOM   472  C  CA  A SER A 1 61  ? 14.221  -3.150  -12.173 0.50 35.84 ? 60  SER A CA  1 
ATOM   473  C  CA  B SER A 1 61  ? 14.192  -3.145  -12.194 0.50 35.88 ? 60  SER A CA  1 
ATOM   474  C  C   . SER A 1 61  ? 14.553  -3.543  -13.590 1.00 35.79 ? 60  SER A C   1 
ATOM   475  O  O   . SER A 1 61  ? 14.683  -4.736  -13.862 1.00 35.40 ? 60  SER A O   1 
ATOM   476  C  CB  A SER A 1 61  ? 12.809  -3.612  -11.834 0.50 36.16 ? 60  SER A CB  1 
ATOM   477  C  CB  B SER A 1 61  ? 12.754  -3.563  -11.918 0.50 36.23 ? 60  SER A CB  1 
ATOM   478  O  OG  A SER A 1 61  ? 11.893  -2.985  -12.698 0.50 36.42 ? 60  SER A OG  1 
ATOM   479  O  OG  B SER A 1 61  ? 12.429  -3.272  -10.582 0.50 36.71 ? 60  SER A OG  1 
ATOM   480  N  N   . ARG A 1 62  ? 14.718  -2.559  -14.478 1.00 35.99 ? 61  ARG A N   1 
ATOM   481  C  CA  . ARG A 1 62  ? 15.140  -2.837  -15.841 1.00 37.28 ? 61  ARG A CA  1 
ATOM   482  C  C   . ARG A 1 62  ? 16.494  -3.543  -15.875 1.00 37.99 ? 61  ARG A C   1 
ATOM   483  O  O   . ARG A 1 62  ? 16.819  -4.219  -16.817 1.00 38.79 ? 61  ARG A O   1 
ATOM   484  C  CB  . ARG A 1 62  ? 15.281  -1.549  -16.636 1.00 37.21 ? 61  ARG A CB  1 
ATOM   485  C  CG  . ARG A 1 62  ? 14.018  -0.805  -16.925 1.00 38.15 ? 61  ARG A CG  1 
ATOM   486  C  CD  . ARG A 1 62  ? 14.335  0.618   -17.446 1.00 38.60 ? 61  ARG A CD  1 
ATOM   487  N  NE  . ARG A 1 62  ? 15.138  0.617   -18.670 1.00 40.58 ? 61  ARG A NE  1 
ATOM   488  N  N   . ALA A 1 63  ? 17.306  -3.347  -14.847 1.00 39.15 ? 62  ALA A N   1 
ATOM   489  C  CA  . ALA A 1 63  ? 18.633  -3.972  -14.796 1.00 40.02 ? 62  ALA A CA  1 
ATOM   490  C  C   . ALA A 1 63  ? 18.561  -5.454  -14.477 1.00 40.73 ? 62  ALA A C   1 
ATOM   491  O  O   . ALA A 1 63  ? 19.555  -6.148  -14.604 1.00 40.93 ? 62  ALA A O   1 
ATOM   492  C  CB  . ALA A 1 63  ? 19.478  -3.292  -13.755 1.00 40.21 ? 62  ALA A CB  1 
ATOM   493  N  N   . LEU A 1 64  ? 17.405  -5.941  -14.033 1.00 41.01 ? 63  LEU A N   1 
ATOM   494  C  CA  . LEU A 1 64  ? 17.355  -7.279  -13.493 1.00 41.15 ? 63  LEU A CA  1 
ATOM   495  C  C   . LEU A 1 64  ? 16.225  -8.150  -14.037 1.00 40.48 ? 63  LEU A C   1 
ATOM   496  O  O   . LEU A 1 64  ? 15.164  -7.668  -14.387 1.00 39.31 ? 63  LEU A O   1 
ATOM   497  C  CB  . LEU A 1 64  ? 17.265  -7.189  -11.980 1.00 41.49 ? 63  LEU A CB  1 
ATOM   498  C  CG  . LEU A 1 64  ? 18.405  -6.447  -11.257 1.00 43.50 ? 63  LEU A CG  1 
ATOM   499  C  CD1 . LEU A 1 64  ? 18.110  -6.327  -9.761  1.00 45.05 ? 63  LEU A CD1 1 
ATOM   500  C  CD2 . LEU A 1 64  ? 19.736  -7.126  -11.447 1.00 45.58 ? 63  LEU A CD2 1 
ATOM   501  N  N   . GLU A 1 65  ? 16.478  -9.451  -14.082 1.00 40.47 ? 64  GLU A N   1 
ATOM   502  C  CA  . GLU A 1 65  ? 15.430  -10.416 -14.341 1.00 40.92 ? 64  GLU A CA  1 
ATOM   503  C  C   . GLU A 1 65  ? 14.675  -10.602 -13.031 1.00 39.96 ? 64  GLU A C   1 
ATOM   504  O  O   . GLU A 1 65  ? 15.257  -11.059 -12.036 1.00 39.64 ? 64  GLU A O   1 
ATOM   505  C  CB  . GLU A 1 65  ? 16.033  -11.731 -14.801 1.00 41.24 ? 64  GLU A CB  1 
ATOM   506  C  CG  . GLU A 1 65  ? 15.060  -12.596 -15.541 1.00 45.15 ? 64  GLU A CG  1 
ATOM   507  C  CD  . GLU A 1 65  ? 15.512  -14.034 -15.608 1.00 49.20 ? 64  GLU A CD  1 
ATOM   508  O  OE1 . GLU A 1 65  ? 16.743  -14.287 -15.668 1.00 51.25 ? 64  GLU A OE1 1 
ATOM   509  O  OE2 . GLU A 1 65  ? 14.615  -14.905 -15.589 1.00 53.59 ? 64  GLU A OE2 1 
ATOM   510  N  N   . LEU A 1 66  ? 13.399  -10.227 -13.009 1.00 39.78 ? 65  LEU A N   1 
ATOM   511  C  CA  . LEU A 1 66  ? 12.638  -10.280 -11.758 1.00 39.40 ? 65  LEU A CA  1 
ATOM   512  C  C   . LEU A 1 66  ? 11.901  -11.611 -11.627 1.00 39.71 ? 65  LEU A C   1 
ATOM   513  O  O   . LEU A 1 66  ? 11.421  -12.136 -12.623 1.00 38.37 ? 65  LEU A O   1 
ATOM   514  C  CB  . LEU A 1 66  ? 11.641  -9.127  -11.695 1.00 40.10 ? 65  LEU A CB  1 
ATOM   515  C  CG  . LEU A 1 66  ? 12.137  -7.679  -11.642 1.00 40.10 ? 65  LEU A CG  1 
ATOM   516  C  CD1 . LEU A 1 66  ? 10.975  -6.738  -11.356 1.00 40.78 ? 65  LEU A CD1 1 
ATOM   517  C  CD2 . LEU A 1 66  ? 13.235  -7.440  -10.616 1.00 41.29 ? 65  LEU A CD2 1 
ATOM   518  N  N   . PRO A 1 67  ? 11.808  -12.168 -10.398 1.00 40.02 ? 66  PRO A N   1 
ATOM   519  C  CA  . PRO A 1 67  ? 10.986  -13.358 -10.243 1.00 40.71 ? 66  PRO A CA  1 
ATOM   520  C  C   . PRO A 1 67  ? 9.520   -12.985 -10.244 1.00 41.55 ? 66  PRO A C   1 
ATOM   521  O  O   . PRO A 1 67  ? 9.149   -11.890 -9.808  1.00 41.32 ? 66  PRO A O   1 
ATOM   522  C  CB  . PRO A 1 67  ? 11.428  -13.929 -8.882  1.00 40.86 ? 66  PRO A CB  1 
ATOM   523  C  CG  . PRO A 1 67  ? 11.936  -12.763 -8.110  1.00 40.61 ? 66  PRO A CG  1 
ATOM   524  C  CD  . PRO A 1 67  ? 12.436  -11.750 -9.127  1.00 40.12 ? 66  PRO A CD  1 
ATOM   525  N  N   . LYS A 1 68  ? 8.709   -13.881 -10.780 1.00 42.39 ? 67  LYS A N   1 
ATOM   526  C  CA  . LYS A 1 68  ? 7.261   -13.791 -10.687 1.00 42.84 ? 67  LYS A CA  1 
ATOM   527  C  C   . LYS A 1 68  ? 6.898   -14.221 -9.262  1.00 42.17 ? 67  LYS A C   1 
ATOM   528  O  O   . LYS A 1 68  ? 7.317   -15.281 -8.802  1.00 43.17 ? 67  LYS A O   1 
ATOM   529  C  CB  . LYS A 1 68  ? 6.603   -14.719 -11.733 1.00 43.37 ? 67  LYS A CB  1 
ATOM   530  C  CG  . LYS A 1 68  ? 5.067   -14.766 -11.683 1.00 44.84 ? 67  LYS A CG  1 
ATOM   531  C  CD  . LYS A 1 68  ? 4.489   -15.671 -12.773 1.00 44.76 ? 67  LYS A CD  1 
ATOM   532  N  N   . LEU A 1 69  ? 6.156   -13.370 -8.567  1.00 40.67 ? 68  LEU A N   1 
ATOM   533  C  CA  . LEU A 1 69  ? 5.715   -13.600 -7.195  1.00 39.64 ? 68  LEU A CA  1 
ATOM   534  C  C   . LEU A 1 69  ? 4.330   -14.220 -7.172  1.00 38.45 ? 68  LEU A C   1 
ATOM   535  O  O   . LEU A 1 69  ? 3.553   -14.055 -8.111  1.00 38.74 ? 68  LEU A O   1 
ATOM   536  C  CB  . LEU A 1 69  ? 5.607   -12.264 -6.460  1.00 39.92 ? 68  LEU A CB  1 
ATOM   537  C  CG  . LEU A 1 69  ? 6.858   -11.424 -6.354  1.00 40.05 ? 68  LEU A CG  1 
ATOM   538  C  CD1 . LEU A 1 69  ? 6.547   -10.291 -5.405  1.00 41.25 ? 68  LEU A CD1 1 
ATOM   539  C  CD2 . LEU A 1 69  ? 8.017   -12.251 -5.851  1.00 43.00 ? 68  LEU A CD2 1 
HETATM 540  N  N   . MSE A 1 70  ? 4.029   -14.908 -6.080  1.00 37.77 ? 69  MSE A N   1 
HETATM 541  C  CA  A MSE A 1 70  ? 2.697   -15.459 -5.854  0.50 36.77 ? 69  MSE A CA  1 
HETATM 542  C  CA  B MSE A 1 70  ? 2.704   -15.468 -5.848  0.50 38.31 ? 69  MSE A CA  1 
HETATM 543  C  C   . MSE A 1 70  ? 1.804   -14.379 -5.254  1.00 37.10 ? 69  MSE A C   1 
HETATM 544  O  O   . MSE A 1 70  ? 2.272   -13.543 -4.496  1.00 36.57 ? 69  MSE A O   1 
HETATM 545  C  CB  A MSE A 1 70  ? 2.781   -16.649 -4.911  0.50 36.58 ? 69  MSE A CB  1 
HETATM 546  C  CB  B MSE A 1 70  ? 2.818   -16.668 -4.905  0.50 38.45 ? 69  MSE A CB  1 
HETATM 547  C  CG  A MSE A 1 70  ? 3.707   -17.769 -5.393  0.50 34.87 ? 69  MSE A CG  1 
HETATM 548  C  CG  B MSE A 1 70  ? 3.715   -17.798 -5.459  0.50 39.73 ? 69  MSE A CG  1 
HETATM 549  SE SE  A MSE A 1 70  ? 3.103   -18.666 -6.984  0.38 29.82 ? 69  MSE A SE  1 
HETATM 550  SE SE  B MSE A 1 70  ? 4.395   -19.087 -4.125  0.37 42.54 ? 69  MSE A SE  1 
HETATM 551  C  CE  A MSE A 1 70  ? 3.890   -17.659 -8.331  0.50 30.70 ? 69  MSE A CE  1 
HETATM 552  C  CE  B MSE A 1 70  ? 5.540   -17.988 -2.953  0.50 42.44 ? 69  MSE A CE  1 
ATOM   553  N  N   . SER A 1 71  ? 0.520   -14.402 -5.608  1.00 36.83 ? 70  SER A N   1 
ATOM   554  C  CA  . SER A 1 71  ? -0.444  -13.403 -5.172  1.00 36.62 ? 70  SER A CA  1 
ATOM   555  C  C   . SER A 1 71  ? -0.404  -13.099 -3.677  1.00 37.51 ? 70  SER A C   1 
ATOM   556  O  O   . SER A 1 71  ? -0.532  -11.939 -3.294  1.00 37.18 ? 70  SER A O   1 
ATOM   557  C  CB  . SER A 1 71  ? -1.854  -13.814 -5.582  1.00 36.54 ? 70  SER A CB  1 
ATOM   558  O  OG  . SER A 1 71  ? -2.151  -15.135 -5.169  1.00 32.34 ? 70  SER A OG  1 
ATOM   559  N  N   . TRP A 1 72  ? -0.242  -14.124 -2.833  1.00 38.91 ? 71  TRP A N   1 
ATOM   560  C  CA  . TRP A 1 72  ? -0.265  -13.900 -1.381  1.00 40.20 ? 71  TRP A CA  1 
ATOM   561  C  C   . TRP A 1 72  ? 0.968   -13.138 -0.919  1.00 40.08 ? 71  TRP A C   1 
ATOM   562  O  O   . TRP A 1 72  ? 0.941   -12.555 0.143   1.00 42.06 ? 71  TRP A O   1 
ATOM   563  C  CB  . TRP A 1 72  ? -0.459  -15.196 -0.559  1.00 41.73 ? 71  TRP A CB  1 
ATOM   564  C  CG  . TRP A 1 72  ? 0.412   -16.291 -0.997  1.00 42.90 ? 71  TRP A CG  1 
ATOM   565  C  CD1 . TRP A 1 72  ? 1.693   -16.568 -0.587  1.00 43.98 ? 71  TRP A CD1 1 
ATOM   566  C  CD2 . TRP A 1 72  ? 0.091   -17.235 -1.993  1.00 42.23 ? 71  TRP A CD2 1 
ATOM   567  N  NE1 . TRP A 1 72  ? 2.180   -17.660 -1.285  1.00 44.53 ? 71  TRP A NE1 1 
ATOM   568  C  CE2 . TRP A 1 72  ? 1.202   -18.078 -2.153  1.00 44.11 ? 71  TRP A CE2 1 
ATOM   569  C  CE3 . TRP A 1 72  ? -1.037  -17.441 -2.781  1.00 43.93 ? 71  TRP A CE3 1 
ATOM   570  C  CZ2 . TRP A 1 72  ? 1.205   -19.107 -3.060  1.00 44.28 ? 71  TRP A CZ2 1 
ATOM   571  C  CZ3 . TRP A 1 72  ? -1.035  -18.460 -3.672  1.00 43.80 ? 71  TRP A CZ3 1 
ATOM   572  C  CH2 . TRP A 1 72  ? 0.057   -19.282 -3.813  1.00 44.28 ? 71  TRP A CH2 1 
ATOM   573  N  N   . GLN A 1 73  ? 2.020   -13.068 -1.729  1.00 39.27 ? 72  GLN A N   1 
ATOM   574  C  CA  . GLN A 1 73  ? 3.188   -12.270 -1.358  1.00 38.64 ? 72  GLN A CA  1 
ATOM   575  C  C   . GLN A 1 73  ? 2.985   -10.767 -1.439  1.00 37.88 ? 72  GLN A C   1 
ATOM   576  O  O   . GLN A 1 73  ? 3.836   -10.012 -0.973  1.00 38.14 ? 72  GLN A O   1 
ATOM   577  C  CB  . GLN A 1 73  ? 4.405   -12.651 -2.212  1.00 38.33 ? 72  GLN A CB  1 
ATOM   578  C  CG  . GLN A 1 73  ? 4.714   -14.129 -2.180  1.00 39.13 ? 72  GLN A CG  1 
ATOM   579  C  CD  . GLN A 1 73  ? 5.993   -14.486 -2.894  1.00 38.89 ? 72  GLN A CD  1 
ATOM   580  O  OE1 . GLN A 1 73  ? 5.965   -14.956 -4.016  1.00 40.78 ? 72  GLN A OE1 1 
ATOM   581  N  NE2 . GLN A 1 73  ? 7.124   -14.277 -2.235  1.00 41.27 ? 72  GLN A NE2 1 
ATOM   582  N  N   . TYR A 1 74  ? 1.921   -10.294 -2.078  1.00 36.14 ? 73  TYR A N   1 
ATOM   583  C  CA  . TYR A 1 74  ? 1.812   -8.846  -2.284  1.00 36.06 ? 73  TYR A CA  1 
ATOM   584  C  C   . TYR A 1 74  ? 0.385   -8.305  -2.198  1.00 35.56 ? 73  TYR A C   1 
ATOM   585  O  O   . TYR A 1 74  ? 0.228   -7.137  -1.949  1.00 35.87 ? 73  TYR A O   1 
ATOM   586  C  CB  . TYR A 1 74  ? 2.500   -8.411  -3.607  1.00 35.47 ? 73  TYR A CB  1 
ATOM   587  C  CG  . TYR A 1 74  ? 1.819   -9.023  -4.819  1.00 36.68 ? 73  TYR A CG  1 
ATOM   588  C  CD1 . TYR A 1 74  ? 0.657   -8.451  -5.331  1.00 35.40 ? 73  TYR A CD1 1 
ATOM   589  C  CD2 . TYR A 1 74  ? 2.280   -10.217 -5.406  1.00 36.49 ? 73  TYR A CD2 1 
ATOM   590  C  CE1 . TYR A 1 74  ? -0.007  -9.012  -6.373  1.00 37.29 ? 73  TYR A CE1 1 
ATOM   591  C  CE2 . TYR A 1 74  ? 1.601   -10.776 -6.503  1.00 36.84 ? 73  TYR A CE2 1 
ATOM   592  C  CZ  . TYR A 1 74  ? 0.456   -10.146 -6.958  1.00 35.28 ? 73  TYR A CZ  1 
ATOM   593  O  OH  . TYR A 1 74  ? -0.275  -10.619 -7.998  1.00 39.66 ? 73  TYR A OH  1 
ATOM   594  N  N   . ARG A 1 75  ? -0.639  -9.130  -2.417  1.00 34.32 ? 74  ARG A N   1 
ATOM   595  C  CA  . ARG A 1 75  ? -2.028  -8.643  -2.342  1.00 33.40 ? 74  ARG A CA  1 
ATOM   596  C  C   . ARG A 1 75  ? -2.387  -8.096  -0.953  1.00 35.01 ? 74  ARG A C   1 
ATOM   597  O  O   . ARG A 1 75  ? -2.008  -8.655  0.068   1.00 34.55 ? 74  ARG A O   1 
ATOM   598  C  CB  . ARG A 1 75  ? -3.020  -9.724  -2.705  1.00 32.52 ? 74  ARG A CB  1 
ATOM   599  C  CG  . ARG A 1 75  ? -3.171  -9.973  -4.167  1.00 30.61 ? 74  ARG A CG  1 
ATOM   600  C  CD  . ARG A 1 75  ? -4.246  -10.976 -4.385  1.00 31.67 ? 74  ARG A CD  1 
ATOM   601  N  NE  . ARG A 1 75  ? -4.607  -11.049 -5.793  1.00 29.90 ? 74  ARG A NE  1 
ATOM   602  C  CZ  . ARG A 1 75  ? -5.630  -11.735 -6.254  1.00 26.76 ? 74  ARG A CZ  1 
ATOM   603  N  NH1 . ARG A 1 75  ? -6.326  -12.495 -5.448  1.00 26.95 ? 74  ARG A NH1 1 
ATOM   604  N  NH2 . ARG A 1 75  ? -5.899  -11.735 -7.548  1.00 28.90 ? 74  ARG A NH2 1 
ATOM   605  N  N   . TRP A 1 76  ? -3.170  -7.026  -0.918  1.00 35.55 ? 75  TRP A N   1 
ATOM   606  C  CA  . TRP A 1 76  ? -3.841  -6.640  0.323   1.00 36.55 ? 75  TRP A CA  1 
ATOM   607  C  C   . TRP A 1 76  ? -4.678  -7.776  0.876   1.00 37.78 ? 75  TRP A C   1 
ATOM   608  O  O   . TRP A 1 76  ? -5.237  -8.597  0.121   1.00 38.27 ? 75  TRP A O   1 
ATOM   609  C  CB  . TRP A 1 76  ? -4.717  -5.408  0.092   1.00 36.33 ? 75  TRP A CB  1 
ATOM   610  C  CG  . TRP A 1 76  ? -3.951  -4.147  -0.108  1.00 34.33 ? 75  TRP A CG  1 
ATOM   611  C  CD1 . TRP A 1 76  ? -2.649  -4.009  -0.555  1.00 37.36 ? 75  TRP A CD1 1 
ATOM   612  C  CD2 . TRP A 1 76  ? -4.447  -2.817  0.062   1.00 36.18 ? 75  TRP A CD2 1 
ATOM   613  N  NE1 . TRP A 1 76  ? -2.316  -2.672  -0.635  1.00 36.60 ? 75  TRP A NE1 1 
ATOM   614  C  CE2 . TRP A 1 76  ? -3.407  -1.924  -0.283  1.00 36.73 ? 75  TRP A CE2 1 
ATOM   615  C  CE3 . TRP A 1 76  ? -5.667  -2.294  0.488   1.00 37.36 ? 75  TRP A CE3 1 
ATOM   616  C  CZ2 . TRP A 1 76  ? -3.540  -0.551  -0.184  1.00 38.08 ? 75  TRP A CZ2 1 
ATOM   617  C  CZ3 . TRP A 1 76  ? -5.802  -0.920  0.585   1.00 36.40 ? 75  TRP A CZ3 1 
ATOM   618  C  CH2 . TRP A 1 76  ? -4.739  -0.067  0.248   1.00 36.55 ? 75  TRP A CH2 1 
ATOM   619  N  N   . LYS A 1 77  ? -4.752  -7.844  2.204   1.00 39.55 ? 76  LYS A N   1 
ATOM   620  C  CA  . LYS A 1 77  ? -5.545  -8.856  2.913   1.00 41.97 ? 76  LYS A CA  1 
ATOM   621  C  C   . LYS A 1 77  ? -7.000  -8.622  2.543   1.00 42.43 ? 76  LYS A C   1 
ATOM   622  O  O   . LYS A 1 77  ? -7.397  -7.514  2.285   1.00 41.92 ? 76  LYS A O   1 
ATOM   623  C  CB  . LYS A 1 77  ? -5.349  -8.716  4.436   1.00 42.09 ? 76  LYS A CB  1 
ATOM   624  C  CG  . LYS A 1 77  ? -5.406  -9.990  5.263   1.00 45.47 ? 76  LYS A CG  1 
ATOM   625  C  CD  . LYS A 1 77  ? -5.920  -9.716  6.731   1.00 45.38 ? 76  LYS A CD  1 
ATOM   626  C  CE  . LYS A 1 77  ? -6.025  -10.981 7.608   1.00 46.88 ? 76  LYS A CE  1 
ATOM   627  N  NZ  . LYS A 1 77  ? -4.714  -11.712 7.874   1.00 49.46 ? 76  LYS A NZ  1 
ATOM   628  N  N   . THR A 1 78  ? -7.805  -9.666  2.456   1.00 44.50 ? 77  THR A N   1 
ATOM   629  C  CA  . THR A 1 78  ? -9.224  -9.447  2.161   1.00 46.10 ? 77  THR A CA  1 
ATOM   630  C  C   . THR A 1 78  ? -9.830  -8.823  3.434   1.00 46.96 ? 77  THR A C   1 
ATOM   631  O  O   . THR A 1 78  ? -9.436  -9.180  4.544   1.00 47.03 ? 77  THR A O   1 
ATOM   632  C  CB  . THR A 1 78  ? -9.983  -10.752 1.718   1.00 46.70 ? 77  THR A CB  1 
ATOM   633  O  OG1 . THR A 1 78  ? -9.965  -11.710 2.771   1.00 46.60 ? 77  THR A OG1 1 
ATOM   634  C  CG2 . THR A 1 78  ? -9.355  -11.376 0.433   1.00 47.60 ? 77  THR A CG2 1 
ATOM   635  N  N   . PRO A 1 79  ? -10.770 -7.885  3.276   1.00 48.10 ? 78  PRO A N   1 
ATOM   636  C  CA  . PRO A 1 79  ? -11.353 -7.187  4.428   1.00 49.01 ? 78  PRO A CA  1 
ATOM   637  C  C   . PRO A 1 79  ? -12.343 -8.087  5.189   1.00 50.53 ? 78  PRO A C   1 
ATOM   638  O  O   . PRO A 1 79  ? -12.604 -9.189  4.743   1.00 50.10 ? 78  PRO A O   1 
ATOM   639  C  CB  . PRO A 1 79  ? -12.078 -6.008  3.779   1.00 48.75 ? 78  PRO A CB  1 
ATOM   640  C  CG  . PRO A 1 79  ? -12.475 -6.512  2.420   1.00 48.55 ? 78  PRO A CG  1 
ATOM   641  C  CD  . PRO A 1 79  ? -11.344 -7.422  1.996   1.00 48.38 ? 78  PRO A CD  1 
ATOM   642  N  N   . PRO A 1 80  ? -12.892 -7.615  6.331   1.00 52.84 ? 79  PRO A N   1 
ATOM   643  C  CA  . PRO A 1 80  ? -13.904 -8.413  7.077   1.00 54.07 ? 79  PRO A CA  1 
ATOM   644  C  C   . PRO A 1 80  ? -15.084 -8.854  6.191   1.00 55.48 ? 79  PRO A C   1 
ATOM   645  O  O   . PRO A 1 80  ? -15.599 -8.052  5.410   1.00 55.53 ? 79  PRO A O   1 
ATOM   646  C  CB  . PRO A 1 80  ? -14.369 -7.463  8.191   1.00 53.86 ? 79  PRO A CB  1 
ATOM   647  C  CG  . PRO A 1 80  ? -13.222 -6.530  8.376   1.00 54.08 ? 79  PRO A CG  1 
ATOM   648  C  CD  . PRO A 1 80  ? -12.603 -6.330  7.004   1.00 52.97 ? 79  PRO A CD  1 
ATOM   649  N  N   . GLU A 1 81  ? -15.469 -10.126 6.312   1.00 57.39 ? 80  GLU A N   1 
ATOM   650  C  CA  . GLU A 1 81  ? -16.329 -10.795 5.340   1.00 58.53 ? 80  GLU A CA  1 
ATOM   651  C  C   . GLU A 1 81  ? -17.741 -10.839 5.842   1.00 59.92 ? 80  GLU A C   1 
ATOM   652  O  O   . GLU A 1 81  ? -18.211 -11.895 6.276   1.00 60.25 ? 80  GLU A O   1 
ATOM   653  C  CB  . GLU A 1 81  ? -15.849 -12.229 5.094   1.00 58.53 ? 80  GLU A CB  1 
ATOM   654  N  N   . VAL A 1 82  ? -18.425 -9.693  5.769   1.00 61.69 ? 81  VAL A N   1 
ATOM   655  C  CA  . VAL A 1 82  ? -19.829 -9.582  6.230   1.00 62.73 ? 81  VAL A CA  1 
ATOM   656  C  C   . VAL A 1 82  ? -20.670 -8.626  5.369   1.00 63.89 ? 81  VAL A C   1 
ATOM   657  O  O   . VAL A 1 82  ? -20.156 -7.585  4.925   1.00 63.98 ? 81  VAL A O   1 
ATOM   658  N  N   . GLY A 1 83  ? -21.926 -8.979  5.067   1.00 65.21 ? 82  GLY A N   1 
ATOM   659  C  CA  . GLY A 1 83  ? -22.511 -10.317 5.304   1.00 66.36 ? 82  GLY A CA  1 
ATOM   660  C  C   . GLY A 1 83  ? -22.189 -11.277 4.163   1.00 67.41 ? 82  GLY A C   1 
ATOM   661  O  O   . GLY A 1 83  ? -22.890 -12.130 3.815   1.00 57.11 ? 82  GLY A O   1 
ATOM   662  N  N   . ASP A 1 84  ? -20.898 -11.067 3.644   1.00 58.56 ? 83  ASP A N   1 
ATOM   663  C  CA  . ASP A 1 84  ? -20.418 -11.548 2.326   1.00 59.34 ? 83  ASP A CA  1 
ATOM   664  C  C   . ASP A 1 84  ? -20.603 -10.471 1.230   1.00 60.32 ? 83  ASP A C   1 
ATOM   665  O  O   . ASP A 1 84  ? -20.134 -10.667 0.108   1.00 61.31 ? 83  ASP A O   1 
ATOM   666  C  CB  . ASP A 1 84  ? -21.028 -12.893 1.901   1.00 59.17 ? 83  ASP A CB  1 
ATOM   667  N  N   . GLU A 1 85  ? -21.302 -9.374  1.568   1.00 61.21 ? 84  GLU A N   1 
ATOM   668  C  CA  . GLU A 1 85  ? -21.346 -8.242  0.815   1.00 71.87 ? 84  GLU A CA  1 
ATOM   669  C  C   . GLU A 1 85  ? -22.600 -7.431  1.190   1.00 71.88 ? 84  GLU A C   1 
ATOM   670  O  O   . GLU A 1 85  ? -22.512 -6.265  1.589   1.00 72.01 ? 84  GLU A O   1 
ATOM   671  C  CB  . GLU A 1 85  ? -21.241 -8.367  -0.718  1.00 72.14 ? 84  GLU A CB  1 
ATOM   672  C  CG  . GLU A 1 85  ? -20.727 -7.111  -1.434  1.00 73.23 ? 84  GLU A CG  1 
ATOM   673  C  CD  . GLU A 1 85  ? -19.239 -6.831  -1.209  1.00 74.78 ? 84  GLU A CD  1 
ATOM   674  O  OE1 . GLU A 1 85  ? -18.443 -7.798  -1.131  1.00 75.47 ? 84  GLU A OE1 1 
ATOM   675  O  OE2 . GLU A 1 85  ? -18.870 -5.631  -1.132  1.00 75.81 ? 84  GLU A OE2 1 
ATOM   676  N  N   . HIS A 1 89  ? -22.638 -1.419  1.702   1.00 58.24 ? 88  HIS A N   1 
ATOM   677  C  CA  . HIS A 1 89  ? -21.465 -2.134  2.223   1.00 58.09 ? 88  HIS A CA  1 
ATOM   678  C  C   . HIS A 1 89  ? -20.577 -1.416  3.270   1.00 57.05 ? 88  HIS A C   1 
ATOM   679  O  O   . HIS A 1 89  ? -20.538 -0.200  3.406   1.00 56.34 ? 88  HIS A O   1 
ATOM   680  C  CB  . HIS A 1 89  ? -20.564 -2.650  1.090   1.00 58.79 ? 88  HIS A CB  1 
ATOM   681  C  CG  . HIS A 1 89  ? -19.624 -3.743  1.525   1.00 60.37 ? 88  HIS A CG  1 
ATOM   682  N  ND1 . HIS A 1 89  ? -20.063 -4.911  2.127   1.00 63.12 ? 88  HIS A ND1 1 
ATOM   683  C  CD2 . HIS A 1 89  ? -18.274 -3.836  1.470   1.00 61.74 ? 88  HIS A CD2 1 
ATOM   684  C  CE1 . HIS A 1 89  ? -19.025 -5.676  2.416   1.00 62.07 ? 88  HIS A CE1 1 
ATOM   685  N  NE2 . HIS A 1 89  ? -17.928 -5.051  2.020   1.00 62.93 ? 88  HIS A NE2 1 
ATOM   686  N  N   . TYR A 1 90  ? -19.887 -2.278  4.006   1.00 56.06 ? 89  TYR A N   1 
ATOM   687  C  CA  . TYR A 1 90  ? -18.994 -2.003  5.119   1.00 54.98 ? 89  TYR A CA  1 
ATOM   688  C  C   . TYR A 1 90  ? -17.882 -1.010  4.753   1.00 53.21 ? 89  TYR A C   1 
ATOM   689  O  O   . TYR A 1 90  ? -17.654 -0.029  5.470   1.00 52.45 ? 89  TYR A O   1 
ATOM   690  C  CB  . TYR A 1 90  ? -18.416 -3.385  5.528   1.00 56.21 ? 89  TYR A CB  1 
ATOM   691  C  CG  . TYR A 1 90  ? -17.276 -3.398  6.516   1.00 57.55 ? 89  TYR A CG  1 
ATOM   692  C  CD1 . TYR A 1 90  ? -17.518 -3.487  7.888   1.00 58.59 ? 89  TYR A CD1 1 
ATOM   693  C  CD2 . TYR A 1 90  ? -15.944 -3.377  6.076   1.00 57.59 ? 89  TYR A CD2 1 
ATOM   694  C  CE1 . TYR A 1 90  ? -16.453 -3.504  8.800   1.00 59.29 ? 89  TYR A CE1 1 
ATOM   695  C  CE2 . TYR A 1 90  ? -14.886 -3.391  6.973   1.00 58.34 ? 89  TYR A CE2 1 
ATOM   696  C  CZ  . TYR A 1 90  ? -15.149 -3.452  8.333   1.00 58.69 ? 89  TYR A CZ  1 
ATOM   697  O  OH  . TYR A 1 90  ? -14.098 -3.462  9.218   1.00 59.83 ? 89  TYR A OH  1 
ATOM   698  N  N   . LEU A 1 91  ? -17.211 -1.294  3.637   1.00 50.97 ? 90  LEU A N   1 
ATOM   699  C  CA  . LEU A 1 91  ? -16.099 -0.482  3.137   1.00 49.58 ? 90  LEU A CA  1 
ATOM   700  C  C   . LEU A 1 91  ? -16.529 0.832   2.511   1.00 47.79 ? 90  LEU A C   1 
ATOM   701  O  O   . LEU A 1 91  ? -15.677 1.677   2.257   1.00 47.20 ? 90  LEU A O   1 
ATOM   702  C  CB  . LEU A 1 91  ? -15.250 -1.266  2.143   1.00 49.78 ? 90  LEU A CB  1 
ATOM   703  C  CG  . LEU A 1 91  ? -14.236 -2.262  2.706   1.00 50.68 ? 90  LEU A CG  1 
ATOM   704  C  CD1 . LEU A 1 91  ? -13.366 -2.776  1.568   1.00 50.93 ? 90  LEU A CD1 1 
ATOM   705  C  CD2 . LEU A 1 91  ? -13.354 -1.612  3.756   1.00 50.60 ? 90  LEU A CD2 1 
HETATM 706  N  N   . MSE A 1 92  ? -17.829 1.020   2.284   1.00 46.14 ? 91  MSE A N   1 
HETATM 707  C  CA  . MSE A 1 92  ? -18.343 2.319   1.847   1.00 45.74 ? 91  MSE A CA  1 
HETATM 708  C  C   . MSE A 1 92  ? -18.313 3.431   2.923   1.00 44.30 ? 91  MSE A C   1 
HETATM 709  O  O   . MSE A 1 92  ? -18.461 4.603   2.595   1.00 44.74 ? 91  MSE A O   1 
HETATM 710  C  CB  . MSE A 1 92  ? -19.744 2.161   1.242   1.00 46.32 ? 91  MSE A CB  1 
HETATM 711  C  CG  . MSE A 1 92  ? -19.715 1.436   -0.134  1.00 48.24 ? 91  MSE A CG  1 
ATOM   712  N  N   . THR A 1 93  ? -18.109 3.095   4.196   1.00 42.28 ? 92  THR A N   1 
ATOM   713  C  CA  . THR A 1 93  ? -17.997 4.128   5.201   1.00 41.05 ? 92  THR A CA  1 
ATOM   714  C  C   . THR A 1 93  ? -16.545 4.548   5.345   1.00 39.69 ? 92  THR A C   1 
ATOM   715  O  O   . THR A 1 93  ? -15.666 3.702   5.394   1.00 38.86 ? 92  THR A O   1 
ATOM   716  C  CB  . THR A 1 93  ? -18.497 3.680   6.588   1.00 41.15 ? 92  THR A CB  1 
ATOM   717  O  OG1 . THR A 1 93  ? -17.512 2.853   7.202   1.00 42.57 ? 92  THR A OG1 1 
ATOM   718  C  CG2 . THR A 1 93  ? -19.750 2.895   6.484   1.00 41.33 ? 92  THR A CG2 1 
ATOM   719  N  N   . PRO A 1 94  ? -16.278 5.862   5.445   1.00 39.20 ? 93  PRO A N   1 
ATOM   720  C  CA  . PRO A 1 94  ? -14.888 6.312   5.572   1.00 38.97 ? 93  PRO A CA  1 
ATOM   721  C  C   . PRO A 1 94  ? -14.075 5.683   6.684   1.00 38.25 ? 93  PRO A C   1 
ATOM   722  O  O   . PRO A 1 94  ? -12.922 5.350   6.467   1.00 37.96 ? 93  PRO A O   1 
ATOM   723  C  CB  . PRO A 1 94  ? -15.027 7.819   5.803   1.00 38.96 ? 93  PRO A CB  1 
ATOM   724  C  CG  . PRO A 1 94  ? -16.261 8.180   5.185   1.00 39.17 ? 93  PRO A CG  1 
ATOM   725  C  CD  . PRO A 1 94  ? -17.203 7.009   5.396   1.00 38.83 ? 93  PRO A CD  1 
ATOM   726  N  N   . TYR A 1 95  ? -14.661 5.489   7.858   1.00 38.97 ? 94  TYR A N   1 
ATOM   727  C  CA  . TYR A 1 95  ? -13.930 4.894   8.963   1.00 39.33 ? 94  TYR A CA  1 
ATOM   728  C  C   . TYR A 1 95  ? -13.365 3.503   8.573   1.00 39.07 ? 94  TYR A C   1 
ATOM   729  O  O   . TYR A 1 95  ? -12.189 3.190   8.849   1.00 37.87 ? 94  TYR A O   1 
ATOM   730  C  CB  . TYR A 1 95  ? -14.812 4.784   10.206  1.00 40.61 ? 94  TYR A CB  1 
ATOM   731  C  CG  . TYR A 1 95  ? -14.115 4.148   11.387  1.00 42.72 ? 94  TYR A CG  1 
ATOM   732  C  CD1 . TYR A 1 95  ? -13.045 4.790   12.017  1.00 45.12 ? 94  TYR A CD1 1 
ATOM   733  C  CD2 . TYR A 1 95  ? -14.522 2.912   11.886  1.00 44.78 ? 94  TYR A CD2 1 
ATOM   734  C  CE1 . TYR A 1 95  ? -12.387 4.211   13.101  1.00 45.88 ? 94  TYR A CE1 1 
ATOM   735  C  CE2 . TYR A 1 95  ? -13.879 2.326   12.970  1.00 44.93 ? 94  TYR A CE2 1 
ATOM   736  C  CZ  . TYR A 1 95  ? -12.813 2.984   13.571  1.00 45.51 ? 94  TYR A CZ  1 
ATOM   737  O  OH  . TYR A 1 95  ? -12.169 2.412   14.636  1.00 46.09 ? 94  TYR A OH  1 
ATOM   738  N  N   . HIS A 1 96  ? -14.194 2.685   7.920   1.00 37.64 ? 95  HIS A N   1 
ATOM   739  C  CA  . HIS A 1 96  ? -13.786 1.327   7.568   1.00 37.43 ? 95  HIS A CA  1 
ATOM   740  C  C   . HIS A 1 96  ? -12.803 1.256   6.396   1.00 36.83 ? 95  HIS A C   1 
ATOM   741  O  O   . HIS A 1 96  ? -11.908 0.411   6.386   1.00 37.58 ? 95  HIS A O   1 
ATOM   742  C  CB  . HIS A 1 96  ? -15.017 0.465   7.300   1.00 38.11 ? 95  HIS A CB  1 
ATOM   743  C  CG  . HIS A 1 96  ? -15.799 0.135   8.537   1.00 41.07 ? 95  HIS A CG  1 
ATOM   744  N  ND1 . HIS A 1 96  ? -17.178 0.123   8.566   1.00 44.39 ? 95  HIS A ND1 1 
ATOM   745  C  CD2 . HIS A 1 96  ? -15.393 -0.207  9.783   1.00 42.92 ? 95  HIS A CD2 1 
ATOM   746  C  CE1 . HIS A 1 96  ? -17.584 -0.215  9.777   1.00 46.07 ? 95  HIS A CE1 1 
ATOM   747  N  NE2 . HIS A 1 96  ? -16.522 -0.417  10.534  1.00 46.24 ? 95  HIS A NE2 1 
ATOM   748  N  N   . ALA A 1 97  ? -12.930 2.152   5.423   1.00 35.10 ? 96  ALA A N   1 
ATOM   749  C  CA  . ALA A 1 97  ? -12.006 2.182   4.300   1.00 34.74 ? 96  ALA A CA  1 
ATOM   750  C  C   . ALA A 1 97  ? -10.613 2.628   4.748   1.00 34.11 ? 96  ALA A C   1 
ATOM   751  O  O   . ALA A 1 97  ? -9.584  2.023   4.358   1.00 34.02 ? 96  ALA A O   1 
ATOM   752  C  CB  . ALA A 1 97  ? -12.570 3.067   3.189   1.00 34.43 ? 96  ALA A CB  1 
ATOM   753  N  N   . LEU A 1 98  ? -10.572 3.654   5.595   1.00 32.71 ? 97  LEU A N   1 
ATOM   754  C  CA  . LEU A 1 98  ? -9.321  4.172   6.081   1.00 32.51 ? 97  LEU A CA  1 
ATOM   755  C  C   . LEU A 1 98  ? -8.568  3.139   6.911   1.00 32.72 ? 97  LEU A C   1 
ATOM   756  O  O   . LEU A 1 98  ? -7.351  3.050   6.833   1.00 31.78 ? 97  LEU A O   1 
ATOM   757  C  CB  . LEU A 1 98  ? -9.541  5.409   6.939   1.00 32.45 ? 97  LEU A CB  1 
ATOM   758  C  CG  . LEU A 1 98  ? -9.892  6.762   6.368   1.00 32.23 ? 97  LEU A CG  1 
ATOM   759  C  CD1 . LEU A 1 98  ? -10.414 7.693   7.501   1.00 33.18 ? 97  LEU A CD1 1 
ATOM   760  C  CD2 . LEU A 1 98  ? -8.694  7.394   5.668   1.00 33.99 ? 97  LEU A CD2 1 
ATOM   761  N  N   . ARG A 1 99  ? -9.285  2.432   7.785   1.00 33.50 ? 98  ARG A N   1 
ATOM   762  C  CA  . ARG A 1 99  ? -8.675  1.394   8.601   1.00 34.36 ? 98  ARG A CA  1 
ATOM   763  C  C   . ARG A 1 99  ? -8.168  0.229   7.762   1.00 34.02 ? 98  ARG A C   1 
ATOM   764  O  O   . ARG A 1 99  ? -7.162  -0.346  8.086   1.00 32.60 ? 98  ARG A O   1 
ATOM   765  C  CB  . ARG A 1 99  ? -9.657  0.888   9.639   1.00 35.08 ? 98  ARG A CB  1 
ATOM   766  C  CG  . ARG A 1 99  ? -9.769  1.886   10.822  1.00 40.01 ? 98  ARG A CG  1 
ATOM   767  C  CD  . ARG A 1 99  ? -10.341 1.311   12.117  1.00 47.80 ? 98  ARG A CD  1 
ATOM   768  N  NE  . ARG A 1 99  ? -9.500  0.326   12.799  1.00 51.95 ? 98  ARG A NE  1 
ATOM   769  C  CZ  . ARG A 1 99  ? -8.313  0.559   13.376  1.00 56.22 ? 98  ARG A CZ  1 
ATOM   770  N  NH1 . ARG A 1 99  ? -7.713  1.759   13.341  1.00 60.10 ? 98  ARG A NH1 1 
ATOM   771  N  NH2 . ARG A 1 99  ? -7.688  -0.444  13.978  1.00 55.32 ? 98  ARG A NH2 1 
ATOM   772  N  N   . TYR A 1 100 ? -8.917  -0.136  6.729   1.00 33.96 ? 99  TYR A N   1 
ATOM   773  C  CA  . TYR A 1 100 ? -8.521  -1.193  5.794   1.00 35.43 ? 99  TYR A CA  1 
ATOM   774  C  C   . TYR A 1 100 ? -7.236  -0.761  5.083   1.00 34.30 ? 99  TYR A C   1 
ATOM   775  O  O   . TYR A 1 100 ? -6.238  -1.525  4.935   1.00 33.08 ? 99  TYR A O   1 
ATOM   776  C  CB  . TYR A 1 100 ? -9.666  -1.407  4.760   1.00 37.20 ? 99  TYR A CB  1 
ATOM   777  C  CG  . TYR A 1 100 ? -9.329  -2.381  3.637   1.00 38.64 ? 99  TYR A CG  1 
ATOM   778  C  CD1 . TYR A 1 100 ? -8.918  -3.671  3.928   1.00 39.67 ? 99  TYR A CD1 1 
ATOM   779  C  CD2 . TYR A 1 100 ? -9.423  -2.005  2.305   1.00 40.29 ? 99  TYR A CD2 1 
ATOM   780  C  CE1 . TYR A 1 100 ? -8.587  -4.566  2.931   1.00 39.93 ? 99  TYR A CE1 1 
ATOM   781  C  CE2 . TYR A 1 100 ? -9.105  -2.904  1.293   1.00 40.33 ? 99  TYR A CE2 1 
ATOM   782  C  CZ  . TYR A 1 100 ? -8.696  -4.180  1.630   1.00 40.56 ? 99  TYR A CZ  1 
ATOM   783  O  OH  . TYR A 1 100 ? -8.391  -5.097  0.658   1.00 44.03 ? 99  TYR A OH  1 
ATOM   784  N  N   . ALA A 1 101 ? -7.241  0.470   4.634   1.00 34.80 ? 100 ALA A N   1 
ATOM   785  C  CA  . ALA A 1 101 ? -6.059  0.993   3.919   1.00 34.02 ? 100 ALA A CA  1 
ATOM   786  C  C   . ALA A 1 101 ? -4.862  1.016   4.848   1.00 34.27 ? 100 ALA A C   1 
ATOM   787  O  O   . ALA A 1 101 ? -3.780  0.552   4.520   1.00 34.96 ? 100 ALA A O   1 
ATOM   788  C  CB  . ALA A 1 101 ? -6.326  2.416   3.380   1.00 35.02 ? 100 ALA A CB  1 
ATOM   789  N  N   . ARG A 1 102 ? -5.072  1.520   6.054   1.00 34.02 ? 101 ARG A N   1 
ATOM   790  C  CA  . ARG A 1 102 ? -4.022  1.520   7.054   1.00 34.28 ? 101 ARG A CA  1 
ATOM   791  C  C   . ARG A 1 102 ? -3.410  0.139   7.365   1.00 34.83 ? 101 ARG A C   1 
ATOM   792  O  O   . ARG A 1 102 ? -2.199  0.038   7.500   1.00 32.98 ? 101 ARG A O   1 
ATOM   793  C  CB  . ARG A 1 102 ? -4.545  2.131   8.333   1.00 33.66 ? 101 ARG A CB  1 
ATOM   794  C  CG  . ARG A 1 102 ? -3.479  2.293   9.383   1.00 36.64 ? 101 ARG A CG  1 
ATOM   795  C  CD  . ARG A 1 102 ? -4.141  2.735   10.664  1.00 40.90 ? 101 ARG A CD  1 
ATOM   796  N  NE  . ARG A 1 102 ? -3.192  2.675   11.755  1.00 44.26 ? 101 ARG A NE  1 
ATOM   797  C  CZ  . ARG A 1 102 ? -3.204  1.760   12.725  1.00 45.95 ? 101 ARG A CZ  1 
ATOM   798  N  NH1 . ARG A 1 102 ? -4.129  0.803   12.747  1.00 46.69 ? 101 ARG A NH1 1 
ATOM   799  N  NH2 . ARG A 1 102 ? -2.261  1.808   13.666  1.00 46.79 ? 101 ARG A NH2 1 
ATOM   800  N  N   . ASP A 1 103 ? -4.257  -0.866  7.602   1.00 35.59 ? 102 ASP A N   1 
ATOM   801  C  CA  . ASP A 1 103 ? -3.803  -2.253  7.770   1.00 36.68 ? 102 ASP A CA  1 
ATOM   802  C  C   . ASP A 1 103 ? -2.810  -2.727  6.721   1.00 36.37 ? 102 ASP A C   1 
ATOM   803  O  O   . ASP A 1 103 ? -1.770  -3.306  7.024   1.00 36.86 ? 102 ASP A O   1 
ATOM   804  C  CB  . ASP A 1 103 ? -4.994  -3.201  7.726   1.00 37.68 ? 102 ASP A CB  1 
ATOM   805  C  CG  . ASP A 1 103 ? -5.720  -3.270  9.028   1.00 43.00 ? 102 ASP A CG  1 
ATOM   806  O  OD1 . ASP A 1 103 ? -5.240  -2.648  10.021  1.00 49.61 ? 102 ASP A OD1 1 
ATOM   807  O  OD2 . ASP A 1 103 ? -6.818  -3.885  9.031   1.00 49.70 ? 102 ASP A OD2 1 
ATOM   808  N  N   . ASN A 1 104 ? -3.127  -2.439  5.479   1.00 37.02 ? 103 ASN A N   1 
ATOM   809  C  CA  . ASN A 1 104 ? -2.279  -2.837  4.385   1.00 36.51 ? 103 ASN A CA  1 
ATOM   810  C  C   . ASN A 1 104 ? -1.050  -1.973  4.154   1.00 37.10 ? 103 ASN A C   1 
ATOM   811  O  O   . ASN A 1 104 ? -0.039  -2.470  3.705   1.00 37.67 ? 103 ASN A O   1 
ATOM   812  C  CB  . ASN A 1 104 ? -3.161  -3.014  3.171   1.00 36.20 ? 103 ASN A CB  1 
ATOM   813  C  CG  . ASN A 1 104 ? -4.082  -4.161  3.349   1.00 37.26 ? 103 ASN A CG  1 
ATOM   814  O  OD1 . ASN A 1 104 ? -3.631  -5.293  3.312   1.00 36.21 ? 103 ASN A OD1 1 
ATOM   815  N  ND2 . ASN A 1 104 ? -5.380  -3.893  3.622   1.00 36.16 ? 103 ASN A ND2 1 
ATOM   816  N  N   . GLU A 1 105 ? -1.119  -0.685  4.488   1.00 36.17 ? 104 GLU A N   1 
ATOM   817  C  CA  . GLU A 1 105 ? 0.058   0.167   4.536   1.00 35.49 ? 104 GLU A CA  1 
ATOM   818  C  C   . GLU A 1 105 ? 1.059   -0.402  5.510   1.00 35.86 ? 104 GLU A C   1 
ATOM   819  O  O   . GLU A 1 105 ? 2.235   -0.429  5.220   1.00 35.31 ? 104 GLU A O   1 
ATOM   820  C  CB  . GLU A 1 105 ? -0.309  1.581   5.024   1.00 35.99 ? 104 GLU A CB  1 
ATOM   821  C  CG  . GLU A 1 105 ? -1.027  2.450   4.025   1.00 36.13 ? 104 GLU A CG  1 
ATOM   822  C  CD  . GLU A 1 105 ? -0.117  2.962   2.955   1.00 39.42 ? 104 GLU A CD  1 
ATOM   823  O  OE1 . GLU A 1 105 ? 1.095   3.006   3.197   1.00 38.97 ? 104 GLU A OE1 1 
ATOM   824  O  OE2 . GLU A 1 105 ? -0.601  3.332   1.871   1.00 44.73 ? 104 GLU A OE2 1 
ATOM   825  N  N   . ILE A 1 106 ? 0.566   -0.797  6.691   1.00 35.24 ? 105 ILE A N   1 
ATOM   826  C  CA  . ILE A 1 106 ? 1.386   -1.407  7.733   1.00 36.55 ? 105 ILE A CA  1 
ATOM   827  C  C   . ILE A 1 106 ? 2.036   -2.730  7.295   1.00 36.67 ? 105 ILE A C   1 
ATOM   828  O  O   . ILE A 1 106 ? 3.220   -2.965  7.571   1.00 37.16 ? 105 ILE A O   1 
ATOM   829  C  CB  . ILE A 1 106 ? 0.585   -1.669  9.021   1.00 35.70 ? 105 ILE A CB  1 
ATOM   830  C  CG1 . ILE A 1 106 ? 0.203   -0.352  9.702   1.00 38.04 ? 105 ILE A CG1 1 
ATOM   831  C  CG2 . ILE A 1 106 ? 1.434   -2.473  10.012  1.00 38.46 ? 105 ILE A CG2 1 
ATOM   832  C  CD1 . ILE A 1 106 ? -0.711  -0.510  10.952  1.00 36.09 ? 105 ILE A CD1 1 
ATOM   833  N  N   . ARG A 1 107 ? 1.278   -3.582  6.627   1.00 36.88 ? 106 ARG A N   1 
ATOM   834  C  CA  . ARG A 1 107 ? 1.849   -4.810  6.076   1.00 38.63 ? 106 ARG A CA  1 
ATOM   835  C  C   . ARG A 1 107 ? 2.975   -4.500  5.079   1.00 38.42 ? 106 ARG A C   1 
ATOM   836  O  O   . ARG A 1 107 ? 4.008   -5.138  5.100   1.00 39.94 ? 106 ARG A O   1 
ATOM   837  C  CB  . ARG A 1 107 ? 0.767   -5.684  5.435   1.00 38.39 ? 106 ARG A CB  1 
ATOM   838  C  CG  . ARG A 1 107 ? -0.167  -6.289  6.468   1.00 41.10 ? 106 ARG A CG  1 
ATOM   839  C  CD  . ARG A 1 107 ? -1.268  -7.192  5.889   1.00 41.45 ? 106 ARG A CD  1 
ATOM   840  N  NE  . ARG A 1 107 ? -2.341  -7.348  6.874   1.00 44.74 ? 106 ARG A NE  1 
ATOM   841  N  N   . GLY A 1 108 ? 2.796   -3.512  4.222   1.00 38.05 ? 107 GLY A N   1 
ATOM   842  C  CA  . GLY A 1 108 ? 3.859   -3.160  3.298   1.00 37.59 ? 107 GLY A CA  1 
ATOM   843  C  C   . GLY A 1 108 ? 5.089   -2.638  4.026   1.00 37.99 ? 107 GLY A C   1 
ATOM   844  O  O   . GLY A 1 108 ? 6.192   -3.050  3.730   1.00 39.37 ? 107 GLY A O   1 
HETATM 845  N  N   . MSE A 1 109 ? 4.888   -1.753  5.007   1.00 37.98 ? 108 MSE A N   1 
HETATM 846  C  CA  . MSE A 1 109 ? 5.961   -1.225  5.839   1.00 36.82 ? 108 MSE A CA  1 
HETATM 847  C  C   . MSE A 1 109 ? 6.745   -2.332  6.451   1.00 37.67 ? 108 MSE A C   1 
HETATM 848  O  O   . MSE A 1 109 ? 7.982   -2.303  6.446   1.00 36.67 ? 108 MSE A O   1 
HETATM 849  C  CB  . MSE A 1 109 ? 5.403   -0.376  6.980   1.00 36.48 ? 108 MSE A CB  1 
HETATM 850  C  CG  . MSE A 1 109 ? 6.427   0.389   7.762   1.00 36.13 ? 108 MSE A CG  1 
HETATM 851  SE SE  . MSE A 1 109 ? 5.633   1.116   9.362   0.75 34.21 ? 108 MSE A SE  1 
HETATM 852  C  CE  . MSE A 1 109 ? 5.183   -0.464  10.249  1.00 37.10 ? 108 MSE A CE  1 
ATOM   853  N  N   . GLU A 1 110 ? 6.026   -3.289  7.039   1.00 37.07 ? 109 GLU A N   1 
ATOM   854  C  CA  . GLU A 1 110 ? 6.670   -4.412  7.677   1.00 37.18 ? 109 GLU A CA  1 
ATOM   855  C  C   . GLU A 1 110 ? 7.495   -5.263  6.723   1.00 37.35 ? 109 GLU A C   1 
ATOM   856  O  O   . GLU A 1 110 ? 8.565   -5.720  7.101   1.00 36.96 ? 109 GLU A O   1 
ATOM   857  C  CB  . GLU A 1 110 ? 5.642   -5.257  8.416   1.00 37.60 ? 109 GLU A CB  1 
ATOM   858  C  CG  . GLU A 1 110 ? 5.214   -4.583  9.737   1.00 38.57 ? 109 GLU A CG  1 
ATOM   859  C  CD  . GLU A 1 110 ? 4.229   -5.410  10.520  1.00 42.66 ? 109 GLU A CD  1 
ATOM   860  O  OE1 . GLU A 1 110 ? 3.672   -6.376  9.936   1.00 42.94 ? 109 GLU A OE1 1 
ATOM   861  O  OE2 . GLU A 1 110 ? 4.020   -5.081  11.711  1.00 42.39 ? 109 GLU A OE2 1 
ATOM   862  N  N   . TYR A 1 111 ? 7.014   -5.483  5.504   1.00 36.43 ? 110 TYR A N   1 
ATOM   863  C  CA  . TYR A 1 111 ? 7.853   -6.166  4.494   1.00 36.59 ? 110 TYR A CA  1 
ATOM   864  C  C   . TYR A 1 111 ? 9.173   -5.445  4.227   1.00 36.59 ? 110 TYR A C   1 
ATOM   865  O  O   . TYR A 1 111 ? 10.259  -6.044  4.158   1.00 36.29 ? 110 TYR A O   1 
ATOM   866  C  CB  . TYR A 1 111 ? 7.144   -6.349  3.148   1.00 36.73 ? 110 TYR A CB  1 
ATOM   867  C  CG  . TYR A 1 111 ? 8.161   -6.835  2.112   1.00 38.21 ? 110 TYR A CG  1 
ATOM   868  C  CD1 . TYR A 1 111 ? 8.600   -8.146  2.116   1.00 38.91 ? 110 TYR A CD1 1 
ATOM   869  C  CD2 . TYR A 1 111 ? 8.758   -5.958  1.236   1.00 36.66 ? 110 TYR A CD2 1 
ATOM   870  C  CE1 . TYR A 1 111 ? 9.580   -8.588  1.234   1.00 39.63 ? 110 TYR A CE1 1 
ATOM   871  C  CE2 . TYR A 1 111 ? 9.745   -6.403  0.311   1.00 37.93 ? 110 TYR A CE2 1 
ATOM   872  C  CZ  . TYR A 1 111 ? 10.128  -7.697  0.316   1.00 39.71 ? 110 TYR A CZ  1 
ATOM   873  O  OH  . TYR A 1 111 ? 11.093  -8.161  -0.547  1.00 39.68 ? 110 TYR A OH  1 
ATOM   874  N  N   . TYR A 1 112 ? 9.086   -4.151  4.020   1.00 36.88 ? 111 TYR A N   1 
ATOM   875  C  CA  . TYR A 1 112 ? 10.286  -3.367  3.812   1.00 36.55 ? 111 TYR A CA  1 
ATOM   876  C  C   . TYR A 1 112 ? 11.235  -3.417  5.009   1.00 36.62 ? 111 TYR A C   1 
ATOM   877  O  O   . TYR A 1 112 ? 12.419  -3.597  4.837   1.00 36.10 ? 111 TYR A O   1 
ATOM   878  C  CB  . TYR A 1 112 ? 9.916   -1.938  3.470   1.00 36.90 ? 111 TYR A CB  1 
ATOM   879  C  CG  . TYR A 1 112 ? 9.248   -1.788  2.097   1.00 36.32 ? 111 TYR A CG  1 
ATOM   880  C  CD1 . TYR A 1 112 ? 9.750   -2.410  0.970   1.00 38.79 ? 111 TYR A CD1 1 
ATOM   881  C  CD2 . TYR A 1 112 ? 8.096   -1.026  1.961   1.00 37.34 ? 111 TYR A CD2 1 
ATOM   882  C  CE1 . TYR A 1 112 ? 9.111   -2.253  -0.305  1.00 37.30 ? 111 TYR A CE1 1 
ATOM   883  C  CE2 . TYR A 1 112 ? 7.454   -0.871  0.749   1.00 37.68 ? 111 TYR A CE2 1 
ATOM   884  C  CZ  . TYR A 1 112 ? 7.968   -1.468  -0.388  1.00 40.15 ? 111 TYR A CZ  1 
ATOM   885  O  OH  . TYR A 1 112 ? 7.299   -1.292  -1.591  1.00 38.06 ? 111 TYR A OH  1 
ATOM   886  N  N   . LYS A 1 113 ? 10.723  -3.266  6.221   1.00 36.29 ? 112 LYS A N   1 
ATOM   887  C  CA  . LYS A 1 113 ? 11.581  -3.335  7.406   1.00 37.98 ? 112 LYS A CA  1 
ATOM   888  C  C   . LYS A 1 113 ? 12.270  -4.685  7.570   1.00 38.49 ? 112 LYS A C   1 
ATOM   889  O  O   . LYS A 1 113 ? 13.425  -4.772  7.993   1.00 37.70 ? 112 LYS A O   1 
ATOM   890  C  CB  . LYS A 1 113 ? 10.747  -3.085  8.650   1.00 38.57 ? 112 LYS A CB  1 
ATOM   891  C  CG  . LYS A 1 113 ? 10.313  -1.652  8.834   1.00 41.16 ? 112 LYS A CG  1 
ATOM   892  C  CD  . LYS A 1 113 ? 9.325   -1.529  9.991   1.00 45.05 ? 112 LYS A CD  1 
ATOM   893  C  CE  . LYS A 1 113 ? 9.952   -1.763  11.334  1.00 46.86 ? 112 LYS A CE  1 
ATOM   894  N  NZ  . LYS A 1 113 ? 11.021  -0.749  11.587  1.00 49.36 ? 112 LYS A NZ  1 
ATOM   895  N  N   . GLU A 1 114 ? 11.524  -5.743  7.287   1.00 38.74 ? 113 GLU A N   1 
ATOM   896  C  CA  . GLU A 1 114 ? 12.018  -7.111  7.411   1.00 40.03 ? 113 GLU A CA  1 
ATOM   897  C  C   . GLU A 1 114 ? 13.116  -7.395  6.366   1.00 39.24 ? 113 GLU A C   1 
ATOM   898  O  O   . GLU A 1 114 ? 14.116  -8.041  6.657   1.00 38.57 ? 113 GLU A O   1 
ATOM   899  C  CB  . GLU A 1 114 ? 10.826  -8.073  7.215   1.00 40.78 ? 113 GLU A CB  1 
ATOM   900  C  CG  . GLU A 1 114 ? 11.015  -9.473  7.706   1.00 45.12 ? 113 GLU A CG  1 
ATOM   901  C  CD  . GLU A 1 114 ? 11.061  -9.548  9.216   1.00 51.24 ? 113 GLU A CD  1 
ATOM   902  O  OE1 . GLU A 1 114 ? 10.498  -8.644  9.891   1.00 53.40 ? 113 GLU A OE1 1 
ATOM   903  O  OE2 . GLU A 1 114 ? 11.674  -10.516 9.723   1.00 53.70 ? 113 GLU A OE2 1 
ATOM   904  N  N   . ALA A 1 115 ? 12.917  -6.900  5.147   1.00 39.11 ? 114 ALA A N   1 
ATOM   905  C  CA  . ALA A 1 115 ? 13.896  -7.042  4.095   1.00 39.42 ? 114 ALA A CA  1 
ATOM   906  C  C   . ALA A 1 115 ? 15.171  -6.278  4.446   1.00 40.03 ? 114 ALA A C   1 
ATOM   907  O  O   . ALA A 1 115 ? 16.270  -6.825  4.358   1.00 40.41 ? 114 ALA A O   1 
ATOM   908  C  CB  . ALA A 1 115 ? 13.328  -6.563  2.785   1.00 39.73 ? 114 ALA A CB  1 
ATOM   909  N  N   . ALA A 1 116 ? 15.039  -5.031  4.873   1.00 40.04 ? 115 ALA A N   1 
ATOM   910  C  CA  . ALA A 1 116 ? 16.206  -4.245  5.255   1.00 40.91 ? 115 ALA A CA  1 
ATOM   911  C  C   . ALA A 1 116 ? 17.035  -4.877  6.410   1.00 41.69 ? 115 ALA A C   1 
ATOM   912  O  O   . ALA A 1 116 ? 18.253  -4.769  6.440   1.00 42.36 ? 115 ALA A O   1 
ATOM   913  C  CB  . ALA A 1 116 ? 15.772  -2.837  5.628   1.00 41.01 ? 115 ALA A CB  1 
ATOM   914  N  N   . ALA A 1 117 ? 16.361  -5.560  7.324   1.00 41.80 ? 116 ALA A N   1 
ATOM   915  C  CA  . ALA A 1 117 ? 16.999  -6.196  8.468   1.00 41.96 ? 116 ALA A CA  1 
ATOM   916  C  C   . ALA A 1 117 ? 17.671  -7.510  8.109   1.00 42.12 ? 116 ALA A C   1 
ATOM   917  O  O   . ALA A 1 117 ? 18.725  -7.836  8.653   1.00 42.90 ? 116 ALA A O   1 
ATOM   918  C  CB  . ALA A 1 117 ? 15.966  -6.441  9.532   1.00 42.20 ? 116 ALA A CB  1 
ATOM   919  N  N   . ASN A 1 118 ? 17.063  -8.281  7.216   1.00 41.73 ? 117 ASN A N   1 
ATOM   920  C  CA  . ASN A 1 118 ? 17.509  -9.652  6.973   1.00 41.92 ? 117 ASN A CA  1 
ATOM   921  C  C   . ASN A 1 118 ? 18.303  -9.898  5.700   1.00 40.44 ? 117 ASN A C   1 
ATOM   922  O  O   . ASN A 1 118 ? 18.848  -10.980 5.527   1.00 40.18 ? 117 ASN A O   1 
ATOM   923  C  CB  . ASN A 1 118 ? 16.312  -10.615 7.004   1.00 42.38 ? 117 ASN A CB  1 
ATOM   924  C  CG  . ASN A 1 118 ? 15.672  -10.677 8.356   1.00 44.28 ? 117 ASN A CG  1 
ATOM   925  O  OD1 . ASN A 1 118 ? 14.456  -10.713 8.477   1.00 49.47 ? 117 ASN A OD1 1 
ATOM   926  N  ND2 . ASN A 1 118 ? 16.482  -10.658 9.386   1.00 46.33 ? 117 ASN A ND2 1 
ATOM   927  N  N   . SER A 1 119 ? 18.358  -8.921  4.809   1.00 39.55 ? 118 SER A N   1 
ATOM   928  C  CA  A SER A 1 119 ? 19.092  -9.066  3.560   0.50 38.85 ? 118 SER A CA  1 
ATOM   929  C  CA  B SER A 1 119 ? 19.095  -9.097  3.569   0.50 39.16 ? 118 SER A CA  1 
ATOM   930  C  C   . SER A 1 119 ? 20.544  -8.674  3.774   1.00 38.58 ? 118 SER A C   1 
ATOM   931  O  O   . SER A 1 119 ? 20.835  -7.754  4.539   1.00 38.86 ? 118 SER A O   1 
ATOM   932  C  CB  A SER A 1 119 ? 18.482  -8.194  2.470   0.50 38.77 ? 118 SER A CB  1 
ATOM   933  C  CB  B SER A 1 119 ? 18.436  -8.322  2.431   0.50 39.11 ? 118 SER A CB  1 
ATOM   934  O  OG  A SER A 1 119 ? 19.239  -8.274  1.283   0.50 37.84 ? 118 SER A OG  1 
ATOM   935  O  OG  B SER A 1 119 ? 17.079  -8.726  2.281   0.50 40.08 ? 118 SER A OG  1 
ATOM   936  N  N   . ALA A 1 120 ? 21.449  -9.378  3.108   1.00 37.77 ? 119 ALA A N   1 
ATOM   937  C  CA  . ALA A 1 120 ? 22.872  -9.066  3.148   1.00 37.40 ? 119 ALA A CA  1 
ATOM   938  C  C   . ALA A 1 120 ? 23.263  -8.007  2.089   1.00 37.15 ? 119 ALA A C   1 
ATOM   939  O  O   . ALA A 1 120 ? 24.292  -7.349  2.230   1.00 36.92 ? 119 ALA A O   1 
ATOM   940  C  CB  . ALA A 1 120 ? 23.681  -10.342 2.956   1.00 37.38 ? 119 ALA A CB  1 
ATOM   941  N  N   . ASP A 1 121 ? 22.431  -7.831  1.054   1.00 36.37 ? 120 ASP A N   1 
ATOM   942  C  CA  . ASP A 1 121 ? 22.717  -6.888  -0.017  1.00 36.18 ? 120 ASP A CA  1 
ATOM   943  C  C   . ASP A 1 121 ? 22.497  -5.468  0.534   1.00 35.19 ? 120 ASP A C   1 
ATOM   944  O  O   . ASP A 1 121 ? 21.391  -5.143  0.981   1.00 33.60 ? 120 ASP A O   1 
ATOM   945  C  CB  . ASP A 1 121 ? 21.811  -7.164  -1.233  1.00 36.47 ? 120 ASP A CB  1 
ATOM   946  C  CG  . ASP A 1 121 ? 22.202  -6.352  -2.471  1.00 39.50 ? 120 ASP A CG  1 
ATOM   947  O  OD1 . ASP A 1 121 ? 22.821  -5.257  -2.333  1.00 43.92 ? 120 ASP A OD1 1 
ATOM   948  O  OD2 . ASP A 1 121 ? 21.921  -6.830  -3.599  1.00 41.69 ? 120 ASP A OD2 1 
ATOM   949  N  N   . PRO A 1 122 ? 23.542  -4.627  0.521   1.00 34.39 ? 121 PRO A N   1 
ATOM   950  C  CA  . PRO A 1 122 ? 23.425  -3.255  1.053   1.00 34.14 ? 121 PRO A CA  1 
ATOM   951  C  C   . PRO A 1 122 ? 22.368  -2.394  0.357   1.00 34.16 ? 121 PRO A C   1 
ATOM   952  O  O   . PRO A 1 122 ? 21.750  -1.567  1.021   1.00 33.75 ? 121 PRO A O   1 
ATOM   953  C  CB  . PRO A 1 122 ? 24.809  -2.661  0.837   1.00 34.31 ? 121 PRO A CB  1 
ATOM   954  C  CG  . PRO A 1 122 ? 25.693  -3.798  0.613   1.00 34.86 ? 121 PRO A CG  1 
ATOM   955  C  CD  . PRO A 1 122 ? 24.905  -4.907  0.036   1.00 35.04 ? 121 PRO A CD  1 
ATOM   956  N  N   . GLU A 1 123 ? 22.142  -2.597  -0.942  1.00 33.76 ? 122 GLU A N   1 
ATOM   957  C  CA  . GLU A 1 123 ? 21.060  -1.876  -1.635  1.00 34.75 ? 122 GLU A CA  1 
ATOM   958  C  C   . GLU A 1 123 ? 19.665  -2.230  -1.118  1.00 34.69 ? 122 GLU A C   1 
ATOM   959  O  O   . GLU A 1 123 ? 18.761  -1.389  -1.070  1.00 34.98 ? 122 GLU A O   1 
ATOM   960  C  CB  . GLU A 1 123 ? 21.146  -2.136  -3.125  1.00 35.32 ? 122 GLU A CB  1 
ATOM   961  C  CG  . GLU A 1 123 ? 20.207  -1.280  -3.995  1.00 36.07 ? 122 GLU A CG  1 
ATOM   962  C  CD  . GLU A 1 123 ? 20.546  0.213   -4.027  1.00 37.64 ? 122 GLU A CD  1 
ATOM   963  O  OE1 . GLU A 1 123 ? 21.292  0.726   -3.152  1.00 33.49 ? 122 GLU A OE1 1 
ATOM   964  O  OE2 . GLU A 1 123 ? 20.019  0.889   -4.939  1.00 38.33 ? 122 GLU A OE2 1 
ATOM   965  N  N   . VAL A 1 124 ? 19.479  -3.479  -0.727  1.00 34.80 ? 123 VAL A N   1 
ATOM   966  C  CA  . VAL A 1 124 ? 18.201  -3.908  -0.198  1.00 35.05 ? 123 VAL A CA  1 
ATOM   967  C  C   . VAL A 1 124 ? 18.036  -3.260  1.170   1.00 35.56 ? 123 VAL A C   1 
ATOM   968  O  O   . VAL A 1 124 ? 16.969  -2.700  1.476   1.00 37.19 ? 123 VAL A O   1 
ATOM   969  C  CB  . VAL A 1 124 ? 18.089  -5.426  -0.153  1.00 35.12 ? 123 VAL A CB  1 
ATOM   970  C  CG1 . VAL A 1 124 ? 16.827  -5.856  0.577   1.00 34.54 ? 123 VAL A CG1 1 
ATOM   971  C  CG2 . VAL A 1 124 ? 18.081  -5.997  -1.603  1.00 34.48 ? 123 VAL A CG2 1 
ATOM   972  N  N   . LYS A 1 125 ? 19.107  -3.289  1.950   1.00 34.76 ? 124 LYS A N   1 
ATOM   973  C  CA  . LYS A 1 125 ? 19.176  -2.579  3.224   1.00 36.35 ? 124 LYS A CA  1 
ATOM   974  C  C   . LYS A 1 125 ? 18.816  -1.092  3.088   1.00 36.20 ? 124 LYS A C   1 
ATOM   975  O  O   . LYS A 1 125 ? 18.038  -0.570  3.862   1.00 35.86 ? 124 LYS A O   1 
ATOM   976  C  CB  . LYS A 1 125 ? 20.563  -2.724  3.846   1.00 36.14 ? 124 LYS A CB  1 
ATOM   977  C  CG  . LYS A 1 125 ? 20.878  -4.152  4.357   1.00 37.69 ? 124 LYS A CG  1 
ATOM   978  C  CD  . LYS A 1 125 ? 22.200  -4.191  5.171   1.00 38.67 ? 124 LYS A CD  1 
ATOM   979  C  CE  . LYS A 1 125 ? 22.365  -5.517  5.864   1.00 43.23 ? 124 LYS A CE  1 
ATOM   980  N  NZ  . LYS A 1 125 ? 21.054  -6.018  6.472   1.00 45.80 ? 124 LYS A NZ  1 
ATOM   981  N  N   . ARG A 1 126 ? 19.358  -0.439  2.062   1.00 36.54 ? 125 ARG A N   1 
ATOM   982  C  CA  . ARG A 1 126 ? 19.168  0.978   1.864   1.00 36.55 ? 125 ARG A CA  1 
ATOM   983  C  C   . ARG A 1 126 ? 17.744  1.261   1.401   1.00 35.80 ? 125 ARG A C   1 
ATOM   984  O  O   . ARG A 1 126 ? 17.065  2.081   1.984   1.00 37.07 ? 125 ARG A O   1 
ATOM   985  C  CB  . ARG A 1 126 ? 20.176  1.504   0.821   1.00 36.67 ? 125 ARG A CB  1 
ATOM   986  C  CG  . ARG A 1 126 ? 20.254  3.037   0.715   1.00 36.65 ? 125 ARG A CG  1 
ATOM   987  C  CD  . ARG A 1 126 ? 21.196  3.472   -0.428  1.00 38.23 ? 125 ARG A CD  1 
ATOM   988  N  NE  . ARG A 1 126 ? 20.629  3.178   -1.745  1.00 37.45 ? 125 ARG A NE  1 
ATOM   989  C  CZ  . ARG A 1 126 ? 19.839  3.994   -2.450  1.00 41.42 ? 125 ARG A CZ  1 
ATOM   990  N  NH1 . ARG A 1 126 ? 19.468  5.173   -1.992  1.00 41.56 ? 125 ARG A NH1 1 
ATOM   991  N  NH2 . ARG A 1 126 ? 19.383  3.624   -3.645  1.00 42.73 ? 125 ARG A NH2 1 
ATOM   992  N  N   . LEU A 1 127 ? 17.284  0.596   0.345   1.00 36.56 ? 126 LEU A N   1 
ATOM   993  C  CA  . LEU A 1 127 ? 15.941  0.885   -0.157  1.00 35.96 ? 126 LEU A CA  1 
ATOM   994  C  C   . LEU A 1 127 ? 14.887  0.417   0.822   1.00 36.28 ? 126 LEU A C   1 
ATOM   995  O  O   . LEU A 1 127 ? 13.864  1.055   0.983   1.00 36.09 ? 126 LEU A O   1 
ATOM   996  C  CB  . LEU A 1 127 ? 15.725  0.239   -1.501  1.00 36.77 ? 126 LEU A CB  1 
ATOM   997  C  CG  . LEU A 1 127 ? 16.628  0.706   -2.641  1.00 33.79 ? 126 LEU A CG  1 
ATOM   998  C  CD1 . LEU A 1 127 ? 16.348  -0.111  -3.890  1.00 34.78 ? 126 LEU A CD1 1 
ATOM   999  C  CD2 . LEU A 1 127 ? 16.478  2.174   -2.885  1.00 34.74 ? 126 LEU A CD2 1 
ATOM   1000 N  N   . GLY A 1 128 ? 15.126  -0.728  1.450   1.00 36.26 ? 127 GLY A N   1 
ATOM   1001 C  CA  . GLY A 1 128 ? 14.202  -1.239  2.426   1.00 36.32 ? 127 GLY A CA  1 
ATOM   1002 C  C   . GLY A 1 128 ? 13.971  -0.254  3.550   1.00 36.14 ? 127 GLY A C   1 
ATOM   1003 O  O   . GLY A 1 128 ? 12.841  -0.008  3.949   1.00 36.77 ? 127 GLY A O   1 
ATOM   1004 N  N   . ALA A 1 129 ? 15.035  0.341   4.045   1.00 36.45 ? 128 ALA A N   1 
ATOM   1005 C  CA  . ALA A 1 129 ? 14.904  1.360   5.099   1.00 36.55 ? 128 ALA A CA  1 
ATOM   1006 C  C   . ALA A 1 129 ? 14.243  2.645   4.629   1.00 36.27 ? 128 ALA A C   1 
ATOM   1007 O  O   . ALA A 1 129 ? 13.425  3.206   5.324   1.00 36.73 ? 128 ALA A O   1 
ATOM   1008 C  CB  . ALA A 1 129 ? 16.243  1.667   5.672   1.00 36.61 ? 128 ALA A CB  1 
ATOM   1009 N  N   . ASP A 1 130 ? 14.629  3.109   3.447   1.00 37.36 ? 129 ASP A N   1 
ATOM   1010 C  CA  . ASP A 1 130 ? 14.053  4.282   2.855   1.00 36.88 ? 129 ASP A CA  1 
ATOM   1011 C  C   . ASP A 1 130 ? 12.584  4.050   2.625   1.00 36.46 ? 129 ASP A C   1 
ATOM   1012 O  O   . ASP A 1 130 ? 11.766  4.880   3.026   1.00 36.26 ? 129 ASP A O   1 
ATOM   1013 C  CB  . ASP A 1 130 ? 14.763  4.640   1.539   1.00 37.70 ? 129 ASP A CB  1 
ATOM   1014 C  CG  . ASP A 1 130 ? 16.158  5.231   1.755   1.00 39.76 ? 129 ASP A CG  1 
ATOM   1015 O  OD1 . ASP A 1 130 ? 16.531  5.573   2.894   1.00 39.47 ? 129 ASP A OD1 1 
ATOM   1016 O  OD2 . ASP A 1 130 ? 16.893  5.360   0.764   1.00 42.98 ? 129 ASP A OD2 1 
ATOM   1017 N  N   . PHE A 1 131 ? 12.237  2.915   2.013   1.00 35.92 ? 130 PHE A N   1 
ATOM   1018 C  CA  . PHE A 1 131 ? 10.838  2.636   1.662   1.00 36.12 ? 130 PHE A CA  1 
ATOM   1019 C  C   . PHE A 1 131 ? 9.981   2.447   2.920   1.00 36.81 ? 130 PHE A C   1 
ATOM   1020 O  O   . PHE A 1 131 ? 8.861   2.937   2.971   1.00 36.77 ? 130 PHE A O   1 
ATOM   1021 C  CB  . PHE A 1 131 ? 10.691  1.406   0.771   1.00 36.72 ? 130 PHE A CB  1 
ATOM   1022 C  CG  . PHE A 1 131 ? 11.201  1.585   -0.648  1.00 35.56 ? 130 PHE A CG  1 
ATOM   1023 C  CD1 . PHE A 1 131 ? 11.842  2.751   -1.072  1.00 38.20 ? 130 PHE A CD1 1 
ATOM   1024 C  CD2 . PHE A 1 131 ? 11.104  0.543   -1.524  1.00 37.47 ? 130 PHE A CD2 1 
ATOM   1025 C  CE1 . PHE A 1 131 ? 12.355  2.857   -2.370  1.00 37.23 ? 130 PHE A CE1 1 
ATOM   1026 C  CE2 . PHE A 1 131 ? 11.602  0.636   -2.820  1.00 40.29 ? 130 PHE A CE2 1 
ATOM   1027 C  CZ  . PHE A 1 131 ? 12.250  1.794   -3.227  1.00 37.80 ? 130 PHE A CZ  1 
ATOM   1028 N  N   . ALA A 1 132 ? 10.513  1.754   3.926   1.00 36.31 ? 131 ALA A N   1 
ATOM   1029 C  CA  . ALA A 1 132 ? 9.824   1.577   5.224   1.00 35.91 ? 131 ALA A CA  1 
ATOM   1030 C  C   . ALA A 1 132 ? 9.530   2.901   5.938   1.00 36.63 ? 131 ALA A C   1 
ATOM   1031 O  O   . ALA A 1 132 ? 8.435   3.071   6.491   1.00 36.99 ? 131 ALA A O   1 
ATOM   1032 C  CB  . ALA A 1 132 ? 10.628  0.734   6.100   1.00 35.87 ? 131 ALA A CB  1 
ATOM   1033 N  N   . ALA A 1 133 ? 10.494  3.825   5.945   1.00 36.75 ? 132 ALA A N   1 
ATOM   1034 C  CA  . ALA A 1 133 ? 10.310  5.137   6.561   1.00 37.15 ? 132 ALA A CA  1 
ATOM   1035 C  C   . ALA A 1 133 ? 9.175   5.908   5.896   1.00 38.04 ? 132 ALA A C   1 
ATOM   1036 O  O   . ALA A 1 133 ? 8.373   6.549   6.582   1.00 36.72 ? 132 ALA A O   1 
ATOM   1037 C  CB  . ALA A 1 133 ? 11.618  5.957   6.529   1.00 36.93 ? 132 ALA A CB  1 
ATOM   1038 N  N   . GLU A 1 134 ? 9.115   5.868   4.570   1.00 38.54 ? 133 GLU A N   1 
ATOM   1039 C  CA  A GLU A 1 134 ? 8.016   6.536   3.878   0.50 39.51 ? 133 GLU A CA  1 
ATOM   1040 C  CA  B GLU A 1 134 ? 8.014   6.436   3.779   0.50 39.87 ? 133 GLU A CA  1 
ATOM   1041 C  C   . GLU A 1 134 ? 6.658   5.853   4.120   1.00 39.38 ? 133 GLU A C   1 
ATOM   1042 O  O   . GLU A 1 134 ? 5.660   6.544   4.301   1.00 38.35 ? 133 GLU A O   1 
ATOM   1043 C  CB  A GLU A 1 134 ? 8.298   6.664   2.374   0.50 39.94 ? 133 GLU A CB  1 
ATOM   1044 C  CB  B GLU A 1 134 ? 8.235   6.129   2.287   0.50 39.92 ? 133 GLU A CB  1 
ATOM   1045 C  CG  A GLU A 1 134 ? 7.191   7.359   1.562   0.50 41.81 ? 133 GLU A CG  1 
ATOM   1046 C  CG  B GLU A 1 134 ? 8.612   7.332   1.447   0.50 41.00 ? 133 GLU A CG  1 
ATOM   1047 C  CD  A GLU A 1 134 ? 7.195   8.881   1.622   0.50 42.43 ? 133 GLU A CD  1 
ATOM   1048 C  CD  B GLU A 1 134 ? 9.243   6.965   0.112   0.50 42.56 ? 133 GLU A CD  1 
ATOM   1049 O  OE1 A GLU A 1 134 ? 8.233   9.498   1.949   0.50 45.76 ? 133 GLU A OE1 1 
ATOM   1050 O  OE1 B GLU A 1 134 ? 9.127   5.795   -0.364  0.50 42.76 ? 133 GLU A OE1 1 
ATOM   1051 O  OE2 A GLU A 1 134 ? 6.140   9.465   1.307   0.50 43.39 ? 133 GLU A OE2 1 
ATOM   1052 O  OE2 B GLU A 1 134 ? 9.854   7.886   -0.474  0.50 46.76 ? 133 GLU A OE2 1 
ATOM   1053 N  N   . GLU A 1 135 ? 6.603   4.533   4.129   1.00 39.28 ? 134 GLU A N   1 
ATOM   1054 C  CA  . GLU A 1 135 ? 5.343   3.880   4.380   1.00 39.32 ? 134 GLU A CA  1 
ATOM   1055 C  C   . GLU A 1 135 ? 4.870   4.222   5.761   1.00 38.79 ? 134 GLU A C   1 
ATOM   1056 O  O   . GLU A 1 135 ? 3.680   4.383   5.962   1.00 39.09 ? 134 GLU A O   1 
ATOM   1057 C  CB  . GLU A 1 135 ? 5.451   2.362   4.154   1.00 39.68 ? 134 GLU A CB  1 
ATOM   1058 C  CG  . GLU A 1 135 ? 5.770   2.066   2.682   1.00 40.56 ? 134 GLU A CG  1 
ATOM   1059 C  CD  . GLU A 1 135 ? 4.788   2.761   1.751   1.00 41.67 ? 134 GLU A CD  1 
ATOM   1060 O  OE1 . GLU A 1 135 ? 3.601   2.665   2.031   1.00 41.31 ? 134 GLU A OE1 1 
ATOM   1061 O  OE2 . GLU A 1 135 ? 5.183   3.449   0.795   1.00 43.40 ? 134 GLU A OE2 1 
ATOM   1062 N  N   . ALA A 1 136 ? 5.813   4.383   6.693   1.00 38.76 ? 135 ALA A N   1 
ATOM   1063 C  CA  . ALA A 1 136 ? 5.535   4.758   8.089   1.00 38.66 ? 135 ALA A CA  1 
ATOM   1064 C  C   . ALA A 1 136 ? 4.897   6.127   8.180   1.00 38.65 ? 135 ALA A C   1 
ATOM   1065 O  O   . ALA A 1 136 ? 3.997   6.361   8.989   1.00 38.40 ? 135 ALA A O   1 
ATOM   1066 C  CB  . ALA A 1 136 ? 6.824   4.726   8.929   1.00 37.89 ? 135 ALA A CB  1 
ATOM   1067 N  N   . GLU A 1 137 ? 5.322   7.033   7.312   1.00 39.61 ? 136 GLU A N   1 
ATOM   1068 C  CA  . GLU A 1 137 ? 4.691   8.351   7.265   1.00 40.05 ? 136 GLU A CA  1 
ATOM   1069 C  C   . GLU A 1 137 ? 3.260   8.212   6.778   1.00 38.54 ? 136 GLU A C   1 
ATOM   1070 O  O   . GLU A 1 137 ? 2.419   9.004   7.144   1.00 37.96 ? 136 GLU A O   1 
ATOM   1071 C  CB  . GLU A 1 137 ? 5.435   9.278   6.331   1.00 40.16 ? 136 GLU A CB  1 
ATOM   1072 C  CG  . GLU A 1 137 ? 6.748   9.695   6.855   1.00 45.03 ? 136 GLU A CG  1 
ATOM   1073 C  CD  . GLU A 1 137 ? 7.473   10.570  5.852   1.00 52.87 ? 136 GLU A CD  1 
ATOM   1074 O  OE1 . GLU A 1 137 ? 7.121   11.764  5.746   1.00 57.88 ? 136 GLU A OE1 1 
ATOM   1075 O  OE2 . GLU A 1 137 ? 8.384   10.063  5.155   1.00 58.99 ? 136 GLU A OE2 1 
ATOM   1076 N  N   . HIS A 1 138 ? 2.986   7.228   5.933   1.00 37.65 ? 137 HIS A N   1 
ATOM   1077 C  CA  . HIS A 1 138 ? 1.598   7.024   5.452   1.00 37.63 ? 137 HIS A CA  1 
ATOM   1078 C  C   . HIS A 1 138 ? 0.686   6.521   6.542   1.00 37.50 ? 137 HIS A C   1 
ATOM   1079 O  O   . HIS A 1 138 ? -0.466  6.946   6.646   1.00 36.85 ? 137 HIS A O   1 
ATOM   1080 C  CB  . HIS A 1 138 ? 1.560   6.053   4.306   1.00 38.17 ? 137 HIS A CB  1 
ATOM   1081 C  CG  . HIS A 1 138 ? 2.312   6.527   3.111   1.00 38.02 ? 137 HIS A CG  1 
ATOM   1082 N  ND1 . HIS A 1 138 ? 2.530   5.738   2.003   1.00 38.79 ? 137 HIS A ND1 1 
ATOM   1083 C  CD2 . HIS A 1 138 ? 2.903   7.717   2.849   1.00 40.78 ? 137 HIS A CD2 1 
ATOM   1084 C  CE1 . HIS A 1 138 ? 3.234   6.416   1.114   1.00 37.11 ? 137 HIS A CE1 1 
ATOM   1085 N  NE2 . HIS A 1 138 ? 3.459   7.624   1.591   1.00 37.49 ? 137 HIS A NE2 1 
ATOM   1086 N  N   . VAL A 1 139 ? 1.218   5.633   7.371   1.00 36.75 ? 138 VAL A N   1 
ATOM   1087 C  CA  . VAL A 1 139 ? 0.461   5.087   8.478   1.00 37.53 ? 138 VAL A CA  1 
ATOM   1088 C  C   . VAL A 1 139 ? 0.115   6.221   9.418   1.00 37.47 ? 138 VAL A C   1 
ATOM   1089 O  O   . VAL A 1 139 ? -1.038  6.370   9.792   1.00 39.15 ? 138 VAL A O   1 
ATOM   1090 C  CB  . VAL A 1 139 ? 1.249   3.976   9.203   1.00 37.03 ? 138 VAL A CB  1 
ATOM   1091 C  CG1 . VAL A 1 139 ? 0.512   3.492   10.424  1.00 38.84 ? 138 VAL A CG1 1 
ATOM   1092 C  CG2 . VAL A 1 139 ? 1.486   2.814   8.239   1.00 36.99 ? 138 VAL A CG2 1 
ATOM   1093 N  N   . VAL A 1 140 ? 1.100   7.038   9.770   1.00 37.76 ? 139 VAL A N   1 
ATOM   1094 C  CA  . VAL A 1 140 ? 0.870   8.166   10.664  1.00 38.13 ? 139 VAL A CA  1 
ATOM   1095 C  C   . VAL A 1 140 ? -0.193  9.120   10.104  1.00 37.76 ? 139 VAL A C   1 
ATOM   1096 O  O   . VAL A 1 140 ? -1.059  9.561   10.832  1.00 36.18 ? 139 VAL A O   1 
ATOM   1097 C  CB  . VAL A 1 140 ? 2.183   8.930   10.932  1.00 38.89 ? 139 VAL A CB  1 
ATOM   1098 C  CG1 . VAL A 1 140 ? 1.914   10.261  11.641  1.00 40.11 ? 139 VAL A CG1 1 
ATOM   1099 C  CG2 . VAL A 1 140 ? 3.145   8.050   11.762  1.00 39.31 ? 139 VAL A CG2 1 
ATOM   1100 N  N   . ALA A 1 141 ? -0.118  9.434   8.805   1.00 38.31 ? 140 ALA A N   1 
ATOM   1101 C  CA  . ALA A 1 141 ? -1.119  10.280  8.152   1.00 38.05 ? 140 ALA A CA  1 
ATOM   1102 C  C   . ALA A 1 141 ? -2.544  9.692   8.213   1.00 38.42 ? 140 ALA A C   1 
ATOM   1103 O  O   . ALA A 1 141 ? -3.514  10.396  8.512   1.00 37.86 ? 140 ALA A O   1 
ATOM   1104 C  CB  . ALA A 1 141 ? -0.715  10.533  6.719   1.00 38.53 ? 140 ALA A CB  1 
ATOM   1105 N  N   . LEU A 1 142 ? -2.677  8.400   7.928   1.00 38.73 ? 141 LEU A N   1 
ATOM   1106 C  CA  . LEU A 1 142 ? -3.971  7.705   8.041   1.00 38.46 ? 141 LEU A CA  1 
ATOM   1107 C  C   . LEU A 1 142 ? -4.490  7.672   9.487   1.00 38.70 ? 141 LEU A C   1 
ATOM   1108 O  O   . LEU A 1 142 ? -5.688  7.802   9.699   1.00 39.05 ? 141 LEU A O   1 
ATOM   1109 C  CB  . LEU A 1 142 ? -3.901  6.292   7.453   1.00 38.22 ? 141 LEU A CB  1 
ATOM   1110 C  CG  . LEU A 1 142 ? -3.707  6.203   5.927   1.00 38.80 ? 141 LEU A CG  1 
ATOM   1111 C  CD1 . LEU A 1 142 ? -3.350  4.847   5.518   1.00 41.35 ? 141 LEU A CD1 1 
ATOM   1112 C  CD2 . LEU A 1 142 ? -4.939  6.654   5.158   1.00 39.75 ? 141 LEU A CD2 1 
ATOM   1113 N  N   . ASP A 1 143 ? -3.597  7.521   10.465  1.00 39.49 ? 142 ASP A N   1 
ATOM   1114 C  CA  . ASP A 1 143 ? -3.960  7.636   11.902  1.00 40.09 ? 142 ASP A CA  1 
ATOM   1115 C  C   . ASP A 1 143 ? -4.594  8.978   12.249  1.00 41.40 ? 142 ASP A C   1 
ATOM   1116 O  O   . ASP A 1 143 ? -5.536  9.031   13.025  1.00 40.42 ? 142 ASP A O   1 
ATOM   1117 C  CB  . ASP A 1 143 ? -2.740  7.466   12.808  1.00 40.08 ? 142 ASP A CB  1 
ATOM   1118 C  CG  . ASP A 1 143 ? -2.267  6.021   12.938  1.00 40.31 ? 142 ASP A CG  1 
ATOM   1119 O  OD1 . ASP A 1 143 ? -3.041  5.100   12.651  1.00 39.92 ? 142 ASP A OD1 1 
ATOM   1120 O  OD2 . ASP A 1 143 ? -1.107  5.812   13.374  1.00 40.16 ? 142 ASP A OD2 1 
ATOM   1121 N  N   . LYS A 1 144 ? -4.040  10.056  11.703  1.00 43.32 ? 143 LYS A N   1 
ATOM   1122 C  CA  . LYS A 1 144 ? -4.563  11.412  11.916  1.00 45.36 ? 143 LYS A CA  1 
ATOM   1123 C  C   . LYS A 1 144 ? -5.952  11.558  11.303  1.00 45.79 ? 143 LYS A C   1 
ATOM   1124 O  O   . LYS A 1 144 ? -6.823  12.224  11.857  1.00 46.08 ? 143 LYS A O   1 
ATOM   1125 C  CB  . LYS A 1 144 ? -3.600  12.464  11.326  1.00 45.41 ? 143 LYS A CB  1 
ATOM   1126 C  CG  . LYS A 1 144 ? -2.347  12.664  12.171  1.00 47.74 ? 143 LYS A CG  1 
ATOM   1127 C  CD  . LYS A 1 144 ? -1.236  13.389  11.416  1.00 48.23 ? 143 LYS A CD  1 
ATOM   1128 C  CE  . LYS A 1 144 ? -0.118  13.854  12.367  1.00 51.57 ? 143 LYS A CE  1 
ATOM   1129 N  NZ  . LYS A 1 144 ? 1.021   14.517  11.626  1.00 53.39 ? 143 LYS A NZ  1 
ATOM   1130 N  N   . TRP A 1 145 ? -6.163  10.910  10.163  1.00 46.94 ? 144 TRP A N   1 
ATOM   1131 C  CA  . TRP A 1 145 ? -7.474  10.912  9.519   1.00 48.05 ? 144 TRP A CA  1 
ATOM   1132 C  C   . TRP A 1 145 ? -8.496  10.126  10.308  1.00 47.32 ? 144 TRP A C   1 
ATOM   1133 O  O   . TRP A 1 145 ? -9.612  10.597  10.529  1.00 46.93 ? 144 TRP A O   1 
ATOM   1134 C  CB  . TRP A 1 145 ? -7.374  10.404  8.080   1.00 50.54 ? 144 TRP A CB  1 
ATOM   1135 C  CG  . TRP A 1 145 ? -7.119  11.540  7.203   1.00 52.54 ? 144 TRP A CG  1 
ATOM   1136 C  CD1 . TRP A 1 145 ? -5.900  12.009  6.779   1.00 55.61 ? 144 TRP A CD1 1 
ATOM   1137 C  CD2 . TRP A 1 145 ? -8.104  12.447  6.700   1.00 55.98 ? 144 TRP A CD2 1 
ATOM   1138 N  NE1 . TRP A 1 145 ? -6.073  13.152  6.023   1.00 56.93 ? 144 TRP A NE1 1 
ATOM   1139 C  CE2 . TRP A 1 145 ? -7.418  13.445  5.964   1.00 58.67 ? 144 TRP A CE2 1 
ATOM   1140 C  CE3 . TRP A 1 145 ? -9.507  12.500  6.770   1.00 57.02 ? 144 TRP A CE3 1 
ATOM   1141 C  CZ2 . TRP A 1 145 ? -8.099  14.495  5.301   1.00 56.92 ? 144 TRP A CZ2 1 
ATOM   1142 C  CZ3 . TRP A 1 145 ? -10.177 13.547  6.121   1.00 55.94 ? 144 TRP A CZ3 1 
ATOM   1143 C  CH2 . TRP A 1 145 ? -9.474  14.518  5.396   1.00 55.56 ? 144 TRP A CH2 1 
ATOM   1144 N  N   . ILE A 1 146 ? -8.101  8.939   10.737  1.00 46.10 ? 145 ILE A N   1 
ATOM   1145 C  CA  . ILE A 1 146 ? -8.978  8.060   11.480  1.00 45.80 ? 145 ILE A CA  1 
ATOM   1146 C  C   . ILE A 1 146 ? -9.438  8.803   12.747  1.00 46.24 ? 145 ILE A C   1 
ATOM   1147 O  O   . ILE A 1 146 ? -10.620 8.800   13.062  1.00 46.41 ? 145 ILE A O   1 
ATOM   1148 C  CB  . ILE A 1 146 ? -8.270  6.693   11.745  1.00 45.35 ? 145 ILE A CB  1 
ATOM   1149 C  CG1 . ILE A 1 146 ? -8.224  5.881   10.459  1.00 43.61 ? 145 ILE A CG1 1 
ATOM   1150 C  CG2 . ILE A 1 146 ? -8.981  5.866   12.798  1.00 45.69 ? 145 ILE A CG2 1 
ATOM   1151 C  CD1 . ILE A 1 146 ? -7.162  4.847   10.434  1.00 42.51 ? 145 ILE A CD1 1 
ATOM   1152 N  N   . GLU A 1 147 ? -8.516  9.474   13.440  1.00 46.88 ? 146 GLU A N   1 
ATOM   1153 C  CA  . GLU A 1 147 ? -8.858  10.344  14.587  1.00 47.25 ? 146 GLU A CA  1 
ATOM   1154 C  C   . GLU A 1 147 ? -10.011 11.324  14.339  1.00 47.04 ? 146 GLU A C   1 
ATOM   1155 O  O   . GLU A 1 147 ? -10.881 11.483  15.170  1.00 47.25 ? 146 GLU A O   1 
ATOM   1156 C  CB  . GLU A 1 147 ? -7.651  11.204  14.951  1.00 47.66 ? 146 GLU A CB  1 
ATOM   1157 C  CG  . GLU A 1 147 ? -6.634  10.573  15.835  1.00 48.90 ? 146 GLU A CG  1 
ATOM   1158 C  CD  . GLU A 1 147 ? -5.851  11.635  16.590  1.00 52.10 ? 146 GLU A CD  1 
ATOM   1159 O  OE1 . GLU A 1 147 ? -4.875  12.171  16.019  1.00 53.36 ? 146 GLU A OE1 1 
ATOM   1160 O  OE2 . GLU A 1 147 ? -6.230  11.950  17.748  1.00 53.88 ? 146 GLU A OE2 1 
ATOM   1161 N  N   . LYS A 1 148 ? -9.989  12.004  13.200  1.00 47.66 ? 147 LYS A N   1 
ATOM   1162 C  CA  . LYS A 1 148 ? -10.952 13.062  12.898  1.00 48.23 ? 147 LYS A CA  1 
ATOM   1163 C  C   . LYS A 1 148 ? -12.234 12.519  12.227  1.00 48.06 ? 147 LYS A C   1 
ATOM   1164 O  O   . LYS A 1 148 ? -13.210 13.248  12.008  1.00 47.10 ? 147 LYS A O   1 
ATOM   1165 C  CB  . LYS A 1 148 ? -10.279 14.138  12.025  1.00 48.83 ? 147 LYS A CB  1 
ATOM   1166 C  CG  . LYS A 1 148 ? -9.035  14.776  12.682  1.00 50.38 ? 147 LYS A CG  1 
ATOM   1167 C  CD  . LYS A 1 148 ? -9.417  15.790  13.788  1.00 53.02 ? 147 LYS A CD  1 
ATOM   1168 C  CE  . LYS A 1 148 ? -8.242  16.177  14.733  1.00 53.41 ? 147 LYS A CE  1 
ATOM   1169 N  NZ  . LYS A 1 148 ? -8.412  15.693  16.159  1.00 54.33 ? 147 LYS A NZ  1 
ATOM   1170 N  N   . THR A 1 149 ? -12.229 11.231  11.918  1.00 48.08 ? 148 THR A N   1 
ATOM   1171 C  CA  . THR A 1 149 ? -13.298 10.614  11.160  1.00 48.08 ? 148 THR A CA  1 
ATOM   1172 C  C   . THR A 1 149 ? -14.374 10.055  12.103  1.00 48.92 ? 148 THR A C   1 
ATOM   1173 O  O   . THR A 1 149 ? -14.081 9.206   12.920  1.00 48.79 ? 148 THR A O   1 
ATOM   1174 C  CB  . THR A 1 149 ? -12.745 9.477   10.286  1.00 47.63 ? 148 THR A CB  1 
ATOM   1175 O  OG1 . THR A 1 149 ? -11.886 10.025  9.269   1.00 45.63 ? 148 THR A OG1 1 
ATOM   1176 C  CG2 . THR A 1 149 ? -13.867 8.735   9.623   1.00 46.88 ? 148 THR A CG2 1 
ATOM   1177 N  N   . PRO A 1 150 ? -15.634 10.504  11.965  1.00 50.40 ? 149 PRO A N   1 
ATOM   1178 C  CA  . PRO A 1 150 ? -16.654 9.997   12.897  1.00 51.34 ? 149 PRO A CA  1 
ATOM   1179 C  C   . PRO A 1 150 ? -16.950 8.508   12.686  1.00 52.43 ? 149 PRO A C   1 
ATOM   1180 O  O   . PRO A 1 150 ? -16.825 8.008   11.571  1.00 52.48 ? 149 PRO A O   1 
ATOM   1181 C  CB  . PRO A 1 150 ? -17.891 10.851  12.584  1.00 51.62 ? 149 PRO A CB  1 
ATOM   1182 C  CG  . PRO A 1 150 ? -17.721 11.283  11.164  1.00 51.18 ? 149 PRO A CG  1 
ATOM   1183 C  CD  . PRO A 1 150 ? -16.204 11.426  10.963  1.00 50.52 ? 149 PRO A CD  1 
ATOM   1184 N  N   . ARG A 1 151 ? -17.332 7.820   13.759  1.00 53.31 ? 150 ARG A N   1 
ATOM   1185 C  CA  . ARG A 1 151 ? -17.594 6.385   13.713  1.00 54.38 ? 150 ARG A CA  1 
ATOM   1186 C  C   . ARG A 1 151 ? -19.040 6.147   13.288  1.00 54.75 ? 150 ARG A C   1 
ATOM   1187 O  O   . ARG A 1 151 ? -19.950 6.698   13.898  1.00 55.10 ? 150 ARG A O   1 
ATOM   1188 C  CB  . ARG A 1 151 ? -17.381 5.751   15.093  1.00 54.74 ? 150 ARG A CB  1 
ATOM   1189 C  CG  . ARG A 1 151 ? -16.164 6.252   15.862  1.00 56.08 ? 150 ARG A CG  1 
ATOM   1190 C  CD  . ARG A 1 151 ? -14.958 6.343   14.979  1.00 57.26 ? 150 ARG A CD  1 
ATOM   1191 N  NE  . ARG A 1 151 ? -13.704 6.262   15.729  1.00 58.35 ? 150 ARG A NE  1 
ATOM   1192 C  CZ  . ARG A 1 151 ? -12.596 6.931   15.411  1.00 58.51 ? 150 ARG A CZ  1 
ATOM   1193 N  NH1 . ARG A 1 151 ? -12.568 7.719   14.352  1.00 58.95 ? 150 ARG A NH1 1 
ATOM   1194 N  NH2 . ARG A 1 151 ? -11.496 6.798   16.141  1.00 58.88 ? 150 ARG A NH2 1 
ATOM   1195 N  N   . PRO A 1 152 ? -19.265 5.317   12.258  1.00 55.37 ? 151 PRO A N   1 
ATOM   1196 C  CA  . PRO A 1 152 ? -20.629 5.045   11.793  1.00 55.99 ? 151 PRO A CA  1 
ATOM   1197 C  C   . PRO A 1 152 ? -21.381 4.043   12.689  1.00 56.63 ? 151 PRO A C   1 
ATOM   1198 O  O   . PRO A 1 152 ? -20.758 3.318   13.462  1.00 56.74 ? 151 PRO A O   1 
ATOM   1199 C  CB  . PRO A 1 152 ? -20.396 4.447   10.412  1.00 55.65 ? 151 PRO A CB  1 
ATOM   1200 C  CG  . PRO A 1 152 ? -19.121 3.736   10.562  1.00 55.87 ? 151 PRO A CG  1 
ATOM   1201 C  CD  . PRO A 1 152 ? -18.270 4.560   11.484  1.00 55.29 ? 151 PRO A CD  1 
ATOM   1202 N  N   . SER A 1 153 ? -22.704 4.009   12.589  1.00 57.64 ? 152 SER A N   1 
ATOM   1203 C  CA  . SER A 1 153 ? -23.506 3.017   13.316  1.00 58.48 ? 152 SER A CA  1 
ATOM   1204 C  C   . SER A 1 153 ? -24.246 2.101   12.328  1.00 59.36 ? 152 SER A C   1 
ATOM   1205 O  O   . SER A 1 153 ? -24.816 2.574   11.345  1.00 59.37 ? 152 SER A O   1 
ATOM   1206 C  CB  . SER A 1 153 ? -24.483 3.714   14.269  1.00 58.44 ? 152 SER A CB  1 
ATOM   1207 N  N   . ILE A 1 154 ? -24.214 0.792   12.580  1.00 60.63 ? 153 ILE A N   1 
ATOM   1208 C  CA  . ILE A 1 154 ? -24.967 -0.184  11.775  1.00 61.63 ? 153 ILE A CA  1 
ATOM   1209 C  C   . ILE A 1 154 ? -26.491 -0.003  11.899  1.00 62.80 ? 153 ILE A C   1 
ATOM   1210 O  O   . ILE A 1 154 ? -26.980 0.895   12.602  1.00 63.11 ? 153 ILE A O   1 
ATOM   1211 C  CB  . ILE A 1 154 ? -24.612 -1.638  12.174  1.00 61.18 ? 153 ILE A CB  1 
ATOM   1212 N  N   . THR A 1 155 ? -27.242 -0.860  11.211  1.00 64.13 ? 154 THR A N   1 
ATOM   1213 C  CA  . THR A 1 155 ? -28.702 -0.819  11.258  1.00 64.76 ? 154 THR A CA  1 
ATOM   1214 C  C   . THR A 1 155 ? -29.301 -0.895  9.854   1.00 65.39 ? 154 THR A C   1 
ATOM   1215 O  O   . THR A 1 155 ? -29.912 0.072   9.384   1.00 66.08 ? 154 THR A O   1 
HETATM 1216 ZN ZN  . ZN  B 2 .   ? 2.119   3.745   1.662   1.00 27.11 ? 300 ZN  A ZN  1 
HETATM 1217 N  N1  . IMD C 3 .   ? 1.403   3.675   -0.222  1.00 30.99 ? 301 IMD A N1  1 
HETATM 1218 C  C2  . IMD C 3 .   ? 2.344   3.077   -0.956  1.00 30.37 ? 301 IMD A C2  1 
HETATM 1219 N  N3  . IMD C 3 .   ? 1.930   3.143   -2.276  1.00 31.56 ? 301 IMD A N3  1 
HETATM 1220 C  C4  . IMD C 3 .   ? 0.757   3.768   -2.334  1.00 29.30 ? 301 IMD A C4  1 
HETATM 1221 C  C5  . IMD C 3 .   ? 0.426   4.113   -1.052  1.00 28.69 ? 301 IMD A C5  1 
HETATM 1222 C  C1  . PGE D 4 .   ? 13.676  -0.024  8.895   1.00 56.71 ? 302 PGE A C1  1 
HETATM 1223 O  O1  . PGE D 4 .   ? 13.835  -1.218  9.688   1.00 57.19 ? 302 PGE A O1  1 
HETATM 1224 C  C2  . PGE D 4 .   ? 13.157  1.190   9.690   1.00 57.77 ? 302 PGE A C2  1 
HETATM 1225 O  O2  . PGE D 4 .   ? 11.775  1.543   9.432   1.00 58.24 ? 302 PGE A O2  1 
HETATM 1226 C  C3  . PGE D 4 .   ? 11.342  2.813   9.954   1.00 57.15 ? 302 PGE A C3  1 
HETATM 1227 C  C4  . PGE D 4 .   ? 9.860   2.823   10.358  1.00 57.97 ? 302 PGE A C4  1 
HETATM 1228 O  O4  . PGE D 4 .   ? 8.496   0.251   13.841  1.00 62.29 ? 302 PGE A O4  1 
HETATM 1229 C  C6  . PGE D 4 .   ? 7.751   1.095   12.937  1.00 61.33 ? 302 PGE A C6  1 
HETATM 1230 C  C5  . PGE D 4 .   ? 8.559   2.281   12.389  1.00 60.04 ? 302 PGE A C5  1 
HETATM 1231 O  O3  . PGE D 4 .   ? 9.514   1.866   11.385  1.00 59.90 ? 302 PGE A O3  1 
HETATM 1232 C  C1  . PGE E 4 .   ? 4.345   3.365   12.622  0.50 40.28 ? 303 PGE A C1  1 
HETATM 1233 O  O1  . PGE E 4 .   ? 4.059   4.724   12.216  0.50 37.99 ? 303 PGE A O1  1 
HETATM 1234 C  C2  . PGE E 4 .   ? 3.160   2.463   12.265  0.50 41.28 ? 303 PGE A C2  1 
HETATM 1235 O  O2  . PGE E 4 .   ? 3.070   1.286   13.081  0.50 42.34 ? 303 PGE A O2  1 
HETATM 1236 C  C3  . PGE E 4 .   ? 1.761   0.723   13.116  0.50 43.96 ? 303 PGE A C3  1 
HETATM 1237 C  C4  . PGE E 4 .   ? 1.520   0.031   14.440  0.50 44.49 ? 303 PGE A C4  1 
HETATM 1238 O  O4  . PGE E 4 .   ? 3.013   1.230   18.454  0.50 49.36 ? 303 PGE A O4  1 
HETATM 1239 C  C6  . PGE E 4 .   ? 1.831   1.579   17.700  0.50 48.80 ? 303 PGE A C6  1 
HETATM 1240 C  C5  . PGE E 4 .   ? 1.288   0.419   16.848  0.50 47.64 ? 303 PGE A C5  1 
HETATM 1241 O  O3  . PGE E 4 .   ? 0.961   0.846   15.500  0.50 46.14 ? 303 PGE A O3  1 
HETATM 1242 O  O   . HOH F 5 .   ? -10.926 14.956  -5.542  1.00 24.20 ? 304 HOH A O   1 
HETATM 1243 O  O   . HOH F 5 .   ? 3.002   -0.047  2.699   1.00 34.61 ? 305 HOH A O   1 
HETATM 1244 O  O   . HOH F 5 .   ? 9.084   7.849   8.722   1.00 35.46 ? 306 HOH A O   1 
HETATM 1245 O  O   . HOH F 5 .   ? 22.573  -5.925  -5.918  1.00 36.08 ? 307 HOH A O   1 
HETATM 1246 O  O   . HOH F 5 .   ? 0.640   -2.512  -1.085  1.00 32.35 ? 308 HOH A O   1 
HETATM 1247 O  O   . HOH F 5 .   ? 12.970  -6.388  -15.145 1.00 40.06 ? 309 HOH A O   1 
HETATM 1248 O  O   . HOH F 5 .   ? -6.298  -12.761 -2.683  1.00 34.42 ? 310 HOH A O   1 
HETATM 1249 O  O   . HOH F 5 .   ? -2.412  -6.698  -7.875  1.00 31.23 ? 311 HOH A O   1 
HETATM 1250 O  O   . HOH F 5 .   ? 21.515  2.680   -6.205  1.00 34.70 ? 312 HOH A O   1 
HETATM 1251 O  O   . HOH F 5 .   ? 19.370  -9.686  -7.408  1.00 30.07 ? 313 HOH A O   1 
HETATM 1252 O  O   . HOH F 5 .   ? -7.698  7.779   -9.822  1.00 36.96 ? 314 HOH A O   1 
HETATM 1253 O  O   . HOH F 5 .   ? -1.411  8.050   -11.579 1.00 35.34 ? 315 HOH A O   1 
HETATM 1254 O  O   . HOH F 5 .   ? 21.134  -9.209  -4.463  1.00 32.94 ? 316 HOH A O   1 
HETATM 1255 O  O   . HOH F 5 .   ? -16.996 6.837   8.804   1.00 38.50 ? 317 HOH A O   1 
HETATM 1256 O  O   . HOH F 5 .   ? 12.269  -8.929  -15.268 1.00 40.51 ? 318 HOH A O   1 
HETATM 1257 O  O   . HOH F 5 .   ? -9.476  -1.753  -2.285  1.00 41.36 ? 319 HOH A O   1 
HETATM 1258 O  O   . HOH F 5 .   ? -16.990 6.874   -8.286  1.00 40.53 ? 320 HOH A O   1 
HETATM 1259 O  O   . HOH F 5 .   ? -11.463 -2.021  7.792   1.00 40.79 ? 321 HOH A O   1 
HETATM 1260 O  O   . HOH F 5 .   ? -6.353  0.046   10.580  1.00 40.32 ? 322 HOH A O   1 
HETATM 1261 O  O   . HOH F 5 .   ? 0.985   14.277  -9.945  1.00 40.38 ? 323 HOH A O   1 
HETATM 1262 O  O   . HOH F 5 .   ? -1.923  -0.695  -10.435 1.00 42.11 ? 324 HOH A O   1 
HETATM 1263 O  O   . HOH F 5 .   ? -4.745  9.846   -8.256  1.00 43.49 ? 325 HOH A O   1 
HETATM 1264 O  O   . HOH F 5 .   ? -1.911  -11.683 0.666   1.00 49.08 ? 326 HOH A O   1 
HETATM 1265 O  O   . HOH F 5 .   ? 23.176  -0.092  2.756   1.00 43.99 ? 327 HOH A O   1 
HETATM 1266 O  O   . HOH F 5 .   ? 19.506  6.191   0.717   1.00 38.89 ? 328 HOH A O   1 
HETATM 1267 O  O   . HOH F 5 .   ? -4.473  -10.516 -9.707  1.00 43.35 ? 329 HOH A O   1 
HETATM 1268 O  O   . HOH F 5 .   ? 20.529  -10.793 0.444   1.00 52.00 ? 330 HOH A O   1 
HETATM 1269 O  O   . HOH F 5 .   ? 1.354   12.000  -4.051  1.00 51.31 ? 331 HOH A O   1 
HETATM 1270 O  O   . HOH F 5 .   ? -3.053  -9.539  -7.763  1.00 35.23 ? 332 HOH A O   1 
HETATM 1271 O  O   . HOH F 5 .   ? 17.495  -13.370 -6.696  1.00 45.72 ? 333 HOH A O   1 
HETATM 1272 O  O   . HOH F 5 .   ? -17.496 -12.366 -1.401  1.00 41.58 ? 334 HOH A O   1 
HETATM 1273 O  O   . HOH F 5 .   ? -1.351  7.397   -14.146 1.00 45.64 ? 335 HOH A O   1 
HETATM 1274 O  O   . HOH F 5 .   ? -15.502 8.693   -9.881  1.00 53.06 ? 336 HOH A O   1 
HETATM 1275 O  O   . HOH F 5 .   ? 7.007   -12.647 0.355   1.00 54.53 ? 337 HOH A O   1 
HETATM 1276 O  O   . HOH F 5 .   ? 16.141  6.301   -1.622  1.00 43.96 ? 338 HOH A O   1 
HETATM 1277 O  O   . HOH F 5 .   ? 6.676   -7.738  -9.418  1.00 40.62 ? 339 HOH A O   1 
HETATM 1278 O  O   . HOH F 5 .   ? -16.970 4.543   -10.526 1.00 53.85 ? 340 HOH A O   1 
HETATM 1279 O  O   . HOH F 5 .   ? -8.783  -0.246  -9.362  1.00 35.30 ? 341 HOH A O   1 
HETATM 1280 O  O   . HOH F 5 .   ? -15.833 -14.038 -3.189  1.00 57.28 ? 342 HOH A O   1 
HETATM 1281 O  O   . HOH F 5 .   ? 18.201  -10.827 -11.900 1.00 58.45 ? 343 HOH A O   1 
HETATM 1282 O  O   . HOH F 5 .   ? 0.653   -4.306  1.459   1.00 52.53 ? 344 HOH A O   1 
HETATM 1283 O  O   . HOH F 5 .   ? 5.260   -10.778 -9.711  1.00 47.31 ? 345 HOH A O   1 
HETATM 1284 O  O   . HOH F 5 .   ? 3.661   2.363   -11.654 1.00 53.63 ? 346 HOH A O   1 
HETATM 1285 O  O   . HOH F 5 .   ? 19.408  -11.380 -9.488  1.00 45.01 ? 347 HOH A O   1 
HETATM 1286 O  O   . HOH F 5 .   ? -6.854  1.011   -11.608 1.00 50.95 ? 348 HOH A O   1 
HETATM 1287 O  O   . HOH F 5 .   ? 1.647   -7.804  -10.019 1.00 44.42 ? 349 HOH A O   1 
HETATM 1288 O  O   . HOH F 5 .   ? -11.791 4.366   -11.547 1.00 56.02 ? 350 HOH A O   1 
HETATM 1289 O  O   . HOH F 5 .   ? -15.269 11.560  4.532   1.00 51.99 ? 351 HOH A O   1 
HETATM 1290 O  O   . HOH F 5 .   ? 6.827   8.358   10.485  1.00 45.83 ? 352 HOH A O   1 
HETATM 1291 O  O   . HOH F 5 .   ? -3.238  7.694   -9.941  1.00 47.61 ? 353 HOH A O   1 
HETATM 1292 O  O   . HOH F 5 .   ? 9.154   3.542   -15.486 1.00 54.41 ? 354 HOH A O   1 
HETATM 1293 O  O   . HOH F 5 .   ? -2.241  13.941  -4.901  1.00 47.25 ? 355 HOH A O   1 
HETATM 1294 O  O   . HOH F 5 .   ? 22.696  -8.564  7.558   1.00 61.20 ? 356 HOH A O   1 
HETATM 1295 O  O   . HOH F 5 .   ? 8.211   8.645   -10.830 1.00 40.72 ? 357 HOH A O   1 
HETATM 1296 O  O   . HOH F 5 .   ? -4.448  1.567   -10.470 1.00 56.07 ? 358 HOH A O   1 
HETATM 1297 O  O   . HOH F 5 .   ? -5.988  13.971  13.890  1.00 46.79 ? 359 HOH A O   1 
HETATM 1298 O  O   . HOH F 5 .   ? -17.714 13.083  -9.349  1.00 48.35 ? 360 HOH A O   1 
HETATM 1299 O  O   . HOH F 5 .   ? -13.219 7.761   -11.260 1.00 54.27 ? 361 HOH A O   1 
HETATM 1300 O  O   . HOH F 5 .   ? 2.233   1.392   -9.466  1.00 50.57 ? 362 HOH A O   1 
HETATM 1301 O  O   . HOH F 5 .   ? 9.943   -16.542 -11.732 1.00 50.50 ? 363 HOH A O   1 
HETATM 1302 O  O   . HOH F 5 .   ? 3.094   11.505  8.396   1.00 38.77 ? 364 HOH A O   1 
HETATM 1303 O  O   . HOH F 5 .   ? 7.575   3.537   -0.082  1.00 43.78 ? 365 HOH A O   1 
HETATM 1304 O  O   . HOH F 5 .   ? -25.094 4.102   9.029   1.00 61.50 ? 366 HOH A O   1 
HETATM 1305 O  O   . HOH F 5 .   ? 23.634  0.308   -1.772  1.00 39.83 ? 367 HOH A O   1 
HETATM 1306 O  O   . HOH F 5 .   ? 24.389  2.177   -0.097  1.00 49.28 ? 368 HOH A O   1 
HETATM 1307 O  O   . HOH F 5 .   ? -21.418 11.505  -6.349  1.00 50.61 ? 369 HOH A O   1 
HETATM 1308 O  O   . HOH F 5 .   ? 14.948  -13.788 8.320   1.00 64.47 ? 370 HOH A O   1 
HETATM 1309 O  O   . HOH F 5 .   ? 23.970  4.024   1.493   1.00 45.91 ? 371 HOH A O   1 
HETATM 1310 O  O   . HOH F 5 .   ? 2.024   10.704  4.222   1.00 50.16 ? 372 HOH A O   1 
HETATM 1311 O  O   . HOH F 5 .   ? 0.211   0.859   -10.994 1.00 44.08 ? 373 HOH A O   1 
HETATM 1312 O  O   . HOH F 5 .   ? 18.975  -0.766  6.610   1.00 62.09 ? 374 HOH A O   1 
HETATM 1313 O  O   . HOH F 5 .   ? 0.231   11.842  3.341   1.00 58.09 ? 375 HOH A O   1 
HETATM 1314 O  O   . HOH F 5 .   ? 12.331  7.727   3.285   1.00 51.01 ? 376 HOH A O   1 
HETATM 1315 O  O   . HOH F 5 .   ? -0.336  14.377  1.023   1.00 50.68 ? 377 HOH A O   1 
HETATM 1316 O  O   . HOH F 5 .   ? 12.630  -15.880 -12.554 1.00 60.21 ? 378 HOH A O   1 
HETATM 1317 O  O   . HOH F 5 .   ? 4.328   -8.011  5.565   1.00 50.10 ? 379 HOH A O   1 
HETATM 1318 O  O   . HOH F 5 .   ? 10.490  -14.047 -3.319  1.00 47.51 ? 380 HOH A O   1 
HETATM 1319 O  O   . HOH F 5 .   ? 9.009   8.215   -3.224  1.00 72.97 ? 381 HOH A O   1 
HETATM 1320 O  O   . HOH F 5 .   ? -1.448  -5.163  9.688   1.00 50.61 ? 382 HOH A O   1 
HETATM 1321 O  O   . HOH F 5 .   ? -3.834  12.803  4.463   1.00 62.05 ? 383 HOH A O   1 
HETATM 1322 O  O   . HOH F 5 .   ? 7.049   9.036   -4.787  1.00 58.86 ? 384 HOH A O   1 
HETATM 1323 O  O   . HOH F 5 .   ? 2.725   -10.207 -10.113 1.00 59.07 ? 385 HOH A O   1 
HETATM 1324 O  O   . HOH F 5 .   ? 8.549   -16.017 -5.474  1.00 57.84 ? 386 HOH A O   1 
HETATM 1325 O  O   . HOH F 5 .   ? 10.553  9.244   4.458   1.00 56.74 ? 387 HOH A O   1 
HETATM 1326 O  O   . HOH F 5 .   ? 3.793   -6.755  -10.820 1.00 58.20 ? 388 HOH A O   1 
HETATM 1327 O  O   . HOH F 5 .   ? -13.916 1.757   15.964  1.00 57.39 ? 389 HOH A O   1 
HETATM 1328 O  O   . HOH F 5 .   ? 10.663  6.089   10.227  1.00 53.31 ? 390 HOH A O   1 
HETATM 1329 O  O   . HOH F 5 .   ? -21.121 6.585   3.192   1.00 57.22 ? 391 HOH A O   1 
HETATM 1330 O  O   . HOH F 5 .   ? 10.180  9.759   7.531   1.00 54.67 ? 392 HOH A O   1 
HETATM 1331 O  O   . HOH F 5 .   ? 13.684  6.429   9.327   1.00 48.74 ? 393 HOH A O   1 
HETATM 1332 O  O   . HOH F 5 .   ? -20.890 7.079   5.619   1.00 48.65 ? 394 HOH A O   1 
HETATM 1333 O  O   . HOH F 5 .   ? 15.831  5.996   5.866   1.00 51.00 ? 395 HOH A O   1 
HETATM 1334 O  O   . HOH F 5 .   ? 3.169   9.794   -14.517 1.00 52.20 ? 396 HOH A O   1 
HETATM 1335 O  O   . HOH F 5 .   ? -10.330 15.251  17.417  1.00 64.69 ? 397 HOH A O   1 
HETATM 1336 O  O   . HOH F 5 .   ? 6.387   8.447   -12.741 1.00 57.99 ? 398 HOH A O   1 
HETATM 1337 O  O   . HOH F 5 .   ? 14.420  7.938   5.060   1.00 50.01 ? 399 HOH A O   1 
HETATM 1338 O  O   . HOH F 5 .   ? 9.123   10.795  -8.819  1.00 57.54 ? 400 HOH A O   1 
HETATM 1339 O  O   . HOH F 5 .   ? 4.718   -0.062  -1.272  1.00 47.86 ? 401 HOH A O   1 
HETATM 1340 O  O   . HOH F 5 .   ? -19.022 8.563   -8.708  1.00 45.18 ? 402 HOH A O   1 
HETATM 1341 O  O   . HOH F 5 .   ? -23.548 3.932   7.200   1.00 57.49 ? 403 HOH A O   1 
HETATM 1342 O  O   . HOH F 5 .   ? 1.172   10.827  -0.348  1.00 55.22 ? 404 HOH A O   1 
HETATM 1343 O  O   . HOH F 5 .   ? -20.186 14.379  -6.456  1.00 47.58 ? 405 HOH A O   1 
HETATM 1344 O  O   . HOH F 5 .   ? 24.986  -7.652  6.021   1.00 67.99 ? 406 HOH A O   1 
HETATM 1345 O  O   . HOH F 5 .   ? 3.217   11.777  -0.767  1.00 66.67 ? 407 HOH A O   1 
HETATM 1346 O  O   . HOH F 5 .   ? 8.177   -4.685  -14.064 1.00 64.59 ? 408 HOH A O   1 
HETATM 1347 O  O   . HOH F 5 .   ? -23.477 6.074   1.481   1.00 68.41 ? 409 HOH A O   1 
HETATM 1348 O  O   . HOH F 5 .   ? 7.187   1.290   -2.177  1.00 51.87 ? 410 HOH A O   1 
HETATM 1349 O  O   . HOH F 5 .   ? -24.782 7.826   -0.260  1.00 60.97 ? 411 HOH A O   1 
HETATM 1350 O  O   . HOH F 5 .   ? 8.915   9.319   -6.547  1.00 73.54 ? 412 HOH A O   1 
HETATM 1351 O  O   . HOH F 5 .   ? -6.854  -5.811  5.507   1.00 50.47 ? 413 HOH A O   1 
HETATM 1352 O  O   . HOH F 5 .   ? 10.915  6.002   -2.260  1.00 66.75 ? 414 HOH A O   1 
# 
